data_3BBG
# 
_entry.id   3BBG 
# 
_audit_conform.dict_name       mmcif_pdbx.dic 
_audit_conform.dict_version    5.397 
_audit_conform.dict_location   http://mmcif.pdb.org/dictionaries/ascii/mmcif_pdbx.dic 
# 
loop_
_database_2.database_id 
_database_2.database_code 
_database_2.pdbx_database_accession 
_database_2.pdbx_DOI 
PDB   3BBG         pdb_00003bbg 10.2210/pdb3bbg/pdb 
WWPDB D_1000178882 ?            ?                   
# 
loop_
_pdbx_audit_revision_history.ordinal 
_pdbx_audit_revision_history.data_content_type 
_pdbx_audit_revision_history.major_revision 
_pdbx_audit_revision_history.minor_revision 
_pdbx_audit_revision_history.revision_date 
1 'Structure model' 1 0 1998-06-17 
2 'Structure model' 1 1 2008-03-25 
3 'Structure model' 1 2 2011-07-13 
4 'Structure model' 1 3 2022-03-16 
5 'Structure model' 1 4 2024-10-23 
# 
_pdbx_audit_revision_details.ordinal             1 
_pdbx_audit_revision_details.revision_ordinal    1 
_pdbx_audit_revision_details.data_content_type   'Structure model' 
_pdbx_audit_revision_details.provider            repository 
_pdbx_audit_revision_details.type                'Initial release' 
_pdbx_audit_revision_details.description         ? 
_pdbx_audit_revision_details.details             ? 
# 
loop_
_pdbx_audit_revision_group.ordinal 
_pdbx_audit_revision_group.revision_ordinal 
_pdbx_audit_revision_group.data_content_type 
_pdbx_audit_revision_group.group 
1 2 'Structure model' 'Version format compliance' 
2 3 'Structure model' 'Version format compliance' 
3 4 'Structure model' 'Data collection'           
4 4 'Structure model' 'Database references'       
5 4 'Structure model' 'Derived calculations'      
6 5 'Structure model' 'Data collection'           
7 5 'Structure model' 'Structure summary'         
# 
loop_
_pdbx_audit_revision_category.ordinal 
_pdbx_audit_revision_category.revision_ordinal 
_pdbx_audit_revision_category.data_content_type 
_pdbx_audit_revision_category.category 
1 4 'Structure model' database_2                
2 4 'Structure model' pdbx_nmr_software         
3 4 'Structure model' pdbx_struct_assembly      
4 4 'Structure model' pdbx_struct_oper_list     
5 5 'Structure model' chem_comp_atom            
6 5 'Structure model' chem_comp_bond            
7 5 'Structure model' pdbx_entry_details        
8 5 'Structure model' pdbx_modification_feature 
9 5 'Structure model' pdbx_nmr_spectrometer     
# 
loop_
_pdbx_audit_revision_item.ordinal 
_pdbx_audit_revision_item.revision_ordinal 
_pdbx_audit_revision_item.data_content_type 
_pdbx_audit_revision_item.item 
1 4 'Structure model' '_database_2.pdbx_DOI'                
2 4 'Structure model' '_database_2.pdbx_database_accession' 
3 4 'Structure model' '_pdbx_nmr_software.name'             
4 5 'Structure model' '_pdbx_nmr_spectrometer.model'        
# 
_pdbx_database_status.status_code                     REL 
_pdbx_database_status.entry_id                        3BBG 
_pdbx_database_status.recvd_initial_deposition_date   1998-04-24 
_pdbx_database_status.deposit_site                    ? 
_pdbx_database_status.process_site                    BNL 
_pdbx_database_status.status_code_sf                  ? 
_pdbx_database_status.status_code_mr                  REL 
_pdbx_database_status.SG_entry                        ? 
_pdbx_database_status.pdb_format_compatible           Y 
_pdbx_database_status.status_code_cs                  ? 
_pdbx_database_status.status_code_nmr_data            ? 
_pdbx_database_status.methods_development_category    ? 
# 
loop_
_audit_author.name 
_audit_author.pdbx_ordinal 
'Warren, G.L.'  1 
'Tuner, C.J.'   2 
'Petsko, G.A.'  3 
'Brunger, A.T.' 4 
# 
loop_
_citation.id 
_citation.title 
_citation.journal_abbrev 
_citation.journal_volume 
_citation.page_first 
_citation.page_last 
_citation.year 
_citation.journal_id_ASTM 
_citation.country 
_citation.journal_id_ISSN 
_citation.journal_id_CSD 
_citation.book_publisher 
_citation.pdbx_database_id_PubMed 
_citation.pdbx_database_id_DOI 
primary 'A Highly Precise Solution 1H NMR Structure of Ragweed Allergen Amb. T. V' 'To be Published' ?  ?    ? ?    ?      ?  ? 
0353 ? ? ? 
1       
'Determination of the Three-Dimensional Solution Structure of Ragweed Allergen Amb T V by Nuclear Magnetic Resonance Spectroscopy' 
Biochemistry      31 5117 ? 1992 BICHAW US 0006-2960 0033 ? ? ? 
2       'Ra5G, a Homologue of Ra5 in Giant Ragweed Pollen: Isolation, Hla-Dr-Associated Activity and Amino Acid Sequence' 
Mol.Immunol.      22 899  ? 1985 MOIMD5 UK 0161-5890 0921 ? ? ? 
3       '500-Mhz 1H NMR Studies of Ragweed Allergen Ra5' Biochemistry      24 2747 ? 1985 BICHAW US 0006-2960 0033 ? ? ? 
# 
loop_
_citation_author.citation_id 
_citation_author.name 
_citation_author.ordinal 
_citation_author.identifier_ORCID 
primary 'Warren, G.L.'     1  ? 
primary 'Turner, C.J.'     2  ? 
primary 'Petsko, G.A.'     3  ? 
primary 'Brunger, A.T.'    4  ? 
1       'Metzler, W.J.'    5  ? 
1       'Valentine, K.'    6  ? 
1       'Roebber, M.'      7  ? 
1       'Friedrichs, M.S.' 8  ? 
1       'Marsh, D.G.'      9  ? 
1       'Mueller, L.'      10 ? 
2       'Goodfriend, L.'   11 ? 
2       'Choudhury, A.M.'  12 ? 
2       'Klapper, D.G.'    13 ? 
2       'Coulter, K.M.'    14 ? 
2       'Dorval, G.'       15 ? 
2       'Del Carpio, J.'   16 ? 
2       'Osterland, C.K.'  17 ? 
3       'Vidusek, D.A.'    18 ? 
3       'Roberts, M.F.'    19 ? 
3       'Goodfriend, L.'   20 ? 
# 
_entity.id                         1 
_entity.type                       polymer 
_entity.src_method                 nat 
_entity.pdbx_description           'POLLEN ALLERGEN 5' 
_entity.formula_weight             4325.987 
_entity.pdbx_number_of_molecules   1 
_entity.pdbx_ec                    ? 
_entity.pdbx_mutation              ? 
_entity.pdbx_fragment              ? 
_entity.details                    ? 
# 
_entity_poly.entity_id                      1 
_entity_poly.type                           'polypeptide(L)' 
_entity_poly.nstd_linkage                   no 
_entity_poly.nstd_monomer                   no 
_entity_poly.pdbx_seq_one_letter_code       DDGLCYEGTNCGKVGKYCCSPIGKYCVCYDSKAICNKNCT 
_entity_poly.pdbx_seq_one_letter_code_can   DDGLCYEGTNCGKVGKYCCSPIGKYCVCYDSKAICNKNCT 
_entity_poly.pdbx_strand_id                 A 
_entity_poly.pdbx_target_identifier         ? 
# 
loop_
_entity_poly_seq.entity_id 
_entity_poly_seq.num 
_entity_poly_seq.mon_id 
_entity_poly_seq.hetero 
1 1  ASP n 
1 2  ASP n 
1 3  GLY n 
1 4  LEU n 
1 5  CYS n 
1 6  TYR n 
1 7  GLU n 
1 8  GLY n 
1 9  THR n 
1 10 ASN n 
1 11 CYS n 
1 12 GLY n 
1 13 LYS n 
1 14 VAL n 
1 15 GLY n 
1 16 LYS n 
1 17 TYR n 
1 18 CYS n 
1 19 CYS n 
1 20 SER n 
1 21 PRO n 
1 22 ILE n 
1 23 GLY n 
1 24 LYS n 
1 25 TYR n 
1 26 CYS n 
1 27 VAL n 
1 28 CYS n 
1 29 TYR n 
1 30 ASP n 
1 31 SER n 
1 32 LYS n 
1 33 ALA n 
1 34 ILE n 
1 35 CYS n 
1 36 ASN n 
1 37 LYS n 
1 38 ASN n 
1 39 CYS n 
1 40 THR n 
# 
_entity_src_nat.entity_id                  1 
_entity_src_nat.pdbx_src_id                1 
_entity_src_nat.pdbx_alt_source_flag       sample 
_entity_src_nat.pdbx_beg_seq_num           ? 
_entity_src_nat.pdbx_end_seq_num           ? 
_entity_src_nat.common_name                'giant ragweed' 
_entity_src_nat.pdbx_organism_scientific   'Ambrosia trifida' 
_entity_src_nat.pdbx_ncbi_taxonomy_id      4214 
_entity_src_nat.genus                      Ambrosia 
_entity_src_nat.species                    ? 
_entity_src_nat.strain                     ? 
_entity_src_nat.tissue                     ? 
_entity_src_nat.tissue_fraction            ? 
_entity_src_nat.pdbx_secretion             ? 
_entity_src_nat.pdbx_fragment              ? 
_entity_src_nat.pdbx_variant               ? 
_entity_src_nat.pdbx_cell_line             ? 
_entity_src_nat.pdbx_atcc                  ? 
_entity_src_nat.pdbx_cellular_location     ? 
_entity_src_nat.pdbx_organ                 ? 
_entity_src_nat.pdbx_organelle             ? 
_entity_src_nat.pdbx_cell                  ? 
_entity_src_nat.pdbx_plasmid_name          ? 
_entity_src_nat.pdbx_plasmid_details       ? 
_entity_src_nat.details                    POLLEN 
# 
loop_
_chem_comp.id 
_chem_comp.type 
_chem_comp.mon_nstd_flag 
_chem_comp.name 
_chem_comp.pdbx_synonyms 
_chem_comp.formula 
_chem_comp.formula_weight 
ALA 'L-peptide linking' y ALANINE         ? 'C3 H7 N O2'     89.093  
ASN 'L-peptide linking' y ASPARAGINE      ? 'C4 H8 N2 O3'    132.118 
ASP 'L-peptide linking' y 'ASPARTIC ACID' ? 'C4 H7 N O4'     133.103 
CYS 'L-peptide linking' y CYSTEINE        ? 'C3 H7 N O2 S'   121.158 
GLU 'L-peptide linking' y 'GLUTAMIC ACID' ? 'C5 H9 N O4'     147.129 
GLY 'peptide linking'   y GLYCINE         ? 'C2 H5 N O2'     75.067  
ILE 'L-peptide linking' y ISOLEUCINE      ? 'C6 H13 N O2'    131.173 
LEU 'L-peptide linking' y LEUCINE         ? 'C6 H13 N O2'    131.173 
LYS 'L-peptide linking' y LYSINE          ? 'C6 H15 N2 O2 1' 147.195 
PRO 'L-peptide linking' y PROLINE         ? 'C5 H9 N O2'     115.130 
SER 'L-peptide linking' y SERINE          ? 'C3 H7 N O3'     105.093 
THR 'L-peptide linking' y THREONINE       ? 'C4 H9 N O3'     119.119 
TYR 'L-peptide linking' y TYROSINE        ? 'C9 H11 N O3'    181.189 
VAL 'L-peptide linking' y VALINE          ? 'C5 H11 N O2'    117.146 
# 
loop_
_pdbx_poly_seq_scheme.asym_id 
_pdbx_poly_seq_scheme.entity_id 
_pdbx_poly_seq_scheme.seq_id 
_pdbx_poly_seq_scheme.mon_id 
_pdbx_poly_seq_scheme.ndb_seq_num 
_pdbx_poly_seq_scheme.pdb_seq_num 
_pdbx_poly_seq_scheme.auth_seq_num 
_pdbx_poly_seq_scheme.pdb_mon_id 
_pdbx_poly_seq_scheme.auth_mon_id 
_pdbx_poly_seq_scheme.pdb_strand_id 
_pdbx_poly_seq_scheme.pdb_ins_code 
_pdbx_poly_seq_scheme.hetero 
A 1 1  ASP 1  1  1  ASP ASP A . n 
A 1 2  ASP 2  2  2  ASP ASP A . n 
A 1 3  GLY 3  3  3  GLY GLY A . n 
A 1 4  LEU 4  4  4  LEU LEU A . n 
A 1 5  CYS 5  5  5  CYS CYS A . n 
A 1 6  TYR 6  6  6  TYR TYR A . n 
A 1 7  GLU 7  7  7  GLU GLU A . n 
A 1 8  GLY 8  8  8  GLY GLY A . n 
A 1 9  THR 9  9  9  THR THR A . n 
A 1 10 ASN 10 10 10 ASN ASN A . n 
A 1 11 CYS 11 11 11 CYS CYS A . n 
A 1 12 GLY 12 12 12 GLY GLY A . n 
A 1 13 LYS 13 13 13 LYS LYS A . n 
A 1 14 VAL 14 14 14 VAL VAL A . n 
A 1 15 GLY 15 15 15 GLY GLY A . n 
A 1 16 LYS 16 16 16 LYS LYS A . n 
A 1 17 TYR 17 17 17 TYR TYR A . n 
A 1 18 CYS 18 18 18 CYS CYS A . n 
A 1 19 CYS 19 19 19 CYS CYS A . n 
A 1 20 SER 20 20 20 SER SER A . n 
A 1 21 PRO 21 21 21 PRO PRO A . n 
A 1 22 ILE 22 22 22 ILE ILE A . n 
A 1 23 GLY 23 23 23 GLY GLY A . n 
A 1 24 LYS 24 24 24 LYS LYS A . n 
A 1 25 TYR 25 25 25 TYR TYR A . n 
A 1 26 CYS 26 26 26 CYS CYS A . n 
A 1 27 VAL 27 27 27 VAL VAL A . n 
A 1 28 CYS 28 28 28 CYS CYS A . n 
A 1 29 TYR 29 29 29 TYR TYR A . n 
A 1 30 ASP 30 30 30 ASP ASP A . n 
A 1 31 SER 31 31 31 SER SER A . n 
A 1 32 LYS 32 32 32 LYS LYS A . n 
A 1 33 ALA 33 33 33 ALA ALA A . n 
A 1 34 ILE 34 34 34 ILE ILE A . n 
A 1 35 CYS 35 35 35 CYS CYS A . n 
A 1 36 ASN 36 36 36 ASN ASN A . n 
A 1 37 LYS 37 37 37 LYS LYS A . n 
A 1 38 ASN 38 38 38 ASN ASN A . n 
A 1 39 CYS 39 39 39 CYS CYS A . n 
A 1 40 THR 40 40 40 THR THR A . n 
# 
loop_
_software.name 
_software.classification 
_software.version 
_software.citation_id 
_software.pdbx_ordinal 
CNS refinement 0.3 ? 1 
CNS phasing    0.3 ? 2 
# 
_cell.entry_id           3BBG 
_cell.length_a           1.000 
_cell.length_b           1.000 
_cell.length_c           1.000 
_cell.angle_alpha        90.00 
_cell.angle_beta         90.00 
_cell.angle_gamma        90.00 
_cell.Z_PDB              1 
_cell.pdbx_unique_axis   ? 
# 
_symmetry.entry_id                         3BBG 
_symmetry.space_group_name_H-M             'P 1' 
_symmetry.pdbx_full_space_group_name_H-M   ? 
_symmetry.cell_setting                     ? 
_symmetry.Int_Tables_number                1 
# 
_exptl.entry_id          3BBG 
_exptl.method            'SOLUTION NMR' 
_exptl.crystals_number   ? 
# 
_struct.entry_id                  3BBG 
_struct.title                     'MULTI-CONFORMER STRUCTURE OF RAGWEED POLLEN ALLERGEN FROM AMBROSIA TRIFIDA V, NMR, 2 STRUCTURES' 
_struct.pdbx_model_details        ? 
_struct.pdbx_CASP_flag            ? 
_struct.pdbx_model_type_details   ? 
# 
_struct_keywords.entry_id        3BBG 
_struct_keywords.pdbx_keywords   ALLERGEN 
_struct_keywords.text            'PROTEIN ALLERGEN, SMALL HIGHLY DISULFIDE BONDED, ALLERGEN' 
# 
_struct_asym.id                            A 
_struct_asym.pdbx_blank_PDB_chainid_flag   Y 
_struct_asym.pdbx_modified                 N 
_struct_asym.entity_id                     1 
_struct_asym.details                       ? 
# 
_struct_ref.id                         1 
_struct_ref.db_name                    UNP 
_struct_ref.db_code                    MPT5_AMBTR 
_struct_ref.entity_id                  1 
_struct_ref.pdbx_db_accession          P10414 
_struct_ref.pdbx_align_begin           1 
_struct_ref.pdbx_seq_one_letter_code   MKNIFMLTLFILIITSTIKAIGSTNEVDEIKQEDDGLCYEGTNCGKVGKYCCSPIGKYCVCYDSKAICNKNCT 
_struct_ref.pdbx_db_isoform            ? 
# 
_struct_ref_seq.align_id                      1 
_struct_ref_seq.ref_id                        1 
_struct_ref_seq.pdbx_PDB_id_code              3BBG 
_struct_ref_seq.pdbx_strand_id                A 
_struct_ref_seq.seq_align_beg                 1 
_struct_ref_seq.pdbx_seq_align_beg_ins_code   ? 
_struct_ref_seq.seq_align_end                 40 
_struct_ref_seq.pdbx_seq_align_end_ins_code   ? 
_struct_ref_seq.pdbx_db_accession             P10414 
_struct_ref_seq.db_align_beg                  34 
_struct_ref_seq.pdbx_db_align_beg_ins_code    ? 
_struct_ref_seq.db_align_end                  73 
_struct_ref_seq.pdbx_db_align_end_ins_code    ? 
_struct_ref_seq.pdbx_auth_seq_align_beg       1 
_struct_ref_seq.pdbx_auth_seq_align_end       40 
# 
_pdbx_struct_assembly.id                   1 
_pdbx_struct_assembly.details              author_defined_assembly 
_pdbx_struct_assembly.method_details       ? 
_pdbx_struct_assembly.oligomeric_details   monomeric 
_pdbx_struct_assembly.oligomeric_count     1 
# 
_pdbx_struct_assembly_gen.assembly_id       1 
_pdbx_struct_assembly_gen.oper_expression   1 
_pdbx_struct_assembly_gen.asym_id_list      A 
# 
_pdbx_struct_oper_list.id                   1 
_pdbx_struct_oper_list.type                 'identity operation' 
_pdbx_struct_oper_list.name                 1_555 
_pdbx_struct_oper_list.symmetry_operation   x,y,z 
_pdbx_struct_oper_list.matrix[1][1]         1.0000000000 
_pdbx_struct_oper_list.matrix[1][2]         0.0000000000 
_pdbx_struct_oper_list.matrix[1][3]         0.0000000000 
_pdbx_struct_oper_list.vector[1]            0.0000000000 
_pdbx_struct_oper_list.matrix[2][1]         0.0000000000 
_pdbx_struct_oper_list.matrix[2][2]         1.0000000000 
_pdbx_struct_oper_list.matrix[2][3]         0.0000000000 
_pdbx_struct_oper_list.vector[2]            0.0000000000 
_pdbx_struct_oper_list.matrix[3][1]         0.0000000000 
_pdbx_struct_oper_list.matrix[3][2]         0.0000000000 
_pdbx_struct_oper_list.matrix[3][3]         1.0000000000 
_pdbx_struct_oper_list.vector[3]            0.0000000000 
# 
_struct_biol.id   1 
# 
_struct_conf.conf_type_id            HELX_P 
_struct_conf.id                      HELX_P1 
_struct_conf.pdbx_PDB_helix_id       1 
_struct_conf.beg_label_comp_id       LYS 
_struct_conf.beg_label_asym_id       A 
_struct_conf.beg_label_seq_id        32 
_struct_conf.pdbx_beg_PDB_ins_code   ? 
_struct_conf.end_label_comp_id       ASN 
_struct_conf.end_label_asym_id       A 
_struct_conf.end_label_seq_id        36 
_struct_conf.pdbx_end_PDB_ins_code   ? 
_struct_conf.beg_auth_comp_id        LYS 
_struct_conf.beg_auth_asym_id        A 
_struct_conf.beg_auth_seq_id         32 
_struct_conf.end_auth_comp_id        ASN 
_struct_conf.end_auth_asym_id        A 
_struct_conf.end_auth_seq_id         36 
_struct_conf.pdbx_PDB_helix_class    1 
_struct_conf.details                 ? 
_struct_conf.pdbx_PDB_helix_length   5 
# 
_struct_conf_type.id          HELX_P 
_struct_conf_type.criteria    ? 
_struct_conf_type.reference   ? 
# 
loop_
_struct_conn.id 
_struct_conn.conn_type_id 
_struct_conn.pdbx_leaving_atom_flag 
_struct_conn.pdbx_PDB_id 
_struct_conn.ptnr1_label_asym_id 
_struct_conn.ptnr1_label_comp_id 
_struct_conn.ptnr1_label_seq_id 
_struct_conn.ptnr1_label_atom_id 
_struct_conn.pdbx_ptnr1_label_alt_id 
_struct_conn.pdbx_ptnr1_PDB_ins_code 
_struct_conn.pdbx_ptnr1_standard_comp_id 
_struct_conn.ptnr1_symmetry 
_struct_conn.ptnr2_label_asym_id 
_struct_conn.ptnr2_label_comp_id 
_struct_conn.ptnr2_label_seq_id 
_struct_conn.ptnr2_label_atom_id 
_struct_conn.pdbx_ptnr2_label_alt_id 
_struct_conn.pdbx_ptnr2_PDB_ins_code 
_struct_conn.ptnr1_auth_asym_id 
_struct_conn.ptnr1_auth_comp_id 
_struct_conn.ptnr1_auth_seq_id 
_struct_conn.ptnr2_auth_asym_id 
_struct_conn.ptnr2_auth_comp_id 
_struct_conn.ptnr2_auth_seq_id 
_struct_conn.ptnr2_symmetry 
_struct_conn.pdbx_ptnr3_label_atom_id 
_struct_conn.pdbx_ptnr3_label_seq_id 
_struct_conn.pdbx_ptnr3_label_comp_id 
_struct_conn.pdbx_ptnr3_label_asym_id 
_struct_conn.pdbx_ptnr3_label_alt_id 
_struct_conn.pdbx_ptnr3_PDB_ins_code 
_struct_conn.details 
_struct_conn.pdbx_dist_value 
_struct_conn.pdbx_value_order 
_struct_conn.pdbx_role 
disulf1  disulf ? ? A CYS 5  SG ? ? ? 1_555 A CYS 35 SG ? ? A CYS 5  A CYS 35 1_555 ? ? ? ? ? ? ? 2.019 ? ? 
disulf2  disulf ? ? A CYS 11 SG ? ? ? 1_555 A CYS 26 SG ? ? A CYS 11 A CYS 26 1_555 ? ? ? ? ? ? ? 2.029 ? ? 
disulf3  disulf ? ? A CYS 18 SG ? ? ? 1_555 A CYS 28 SG ? ? A CYS 18 A CYS 28 1_555 ? ? ? ? ? ? ? 2.010 ? ? 
disulf4  disulf ? ? A CYS 19 SG ? ? ? 1_555 A CYS 39 SG ? ? A CYS 19 A CYS 39 1_555 ? ? ? ? ? ? ? 2.001 ? ? 
hydrog1  hydrog ? ? A TYR 6  O  ? ? ? 1_555 A CYS 18 N  ? ? A TYR 6  A CYS 18 1_555 ? ? ? ? ? ? ? ?     ? ? 
hydrog2  hydrog ? ? A TYR 17 O  ? ? ? 1_555 A TYR 29 N  ? ? A TYR 17 A TYR 29 1_555 ? ? ? ? ? ? ? ?     ? ? 
hydrog3  hydrog ? ? A CYS 18 O  ? ? ? 1_555 A TYR 6  N  ? ? A CYS 18 A TYR 6  1_555 ? ? ? ? ? ? ? ?     ? ? 
hydrog4  hydrog ? ? A CYS 19 O  ? ? ? 1_555 A VAL 27 N  ? ? A CYS 19 A VAL 27 1_555 ? ? ? ? ? ? ? ?     ? ? 
hydrog5  hydrog ? ? A VAL 27 O  ? ? ? 1_555 A CYS 19 N  ? ? A VAL 27 A CYS 19 1_555 ? ? ? ? ? ? ? ?     ? ? 
hydrog6  hydrog ? ? A TYR 29 O  ? ? ? 1_555 A TYR 17 N  ? ? A TYR 29 A TYR 17 1_555 ? ? ? ? ? ? ? ?     ? ? 
hydrog7  hydrog ? ? A LYS 13 O  ? ? ? 1_555 A LYS 16 N  ? ? A LYS 13 A LYS 16 1_555 ? ? ? ? ? ? ? ?     ? ? 
hydrog8  hydrog ? ? A SER 31 O  ? ? ? 1_555 A CYS 35 N  ? ? A SER 31 A CYS 35 1_555 ? ? ? ? ? ? ? ?     ? ? 
hydrog9  hydrog ? ? A LYS 32 O  ? ? ? 1_555 A ASN 36 N  ? ? A LYS 32 A ASN 36 1_555 ? ? ? ? ? ? ? ?     ? ? 
hydrog10 hydrog ? ? A ALA 33 O  ? ? ? 1_555 A LYS 37 N  ? ? A ALA 33 A LYS 37 1_555 ? ? ? ? ? ? ? ?     ? ? 
hydrog11 hydrog ? ? A ILE 34 O  ? ? ? 1_555 A ASN 38 N  ? ? A ILE 34 A ASN 38 1_555 ? ? ? ? ? ? ? ?     ? ? 
# 
loop_
_struct_conn_type.id 
_struct_conn_type.criteria 
_struct_conn_type.reference 
disulf ? ? 
hydrog ? ? 
# 
loop_
_pdbx_modification_feature.ordinal 
_pdbx_modification_feature.label_comp_id 
_pdbx_modification_feature.label_asym_id 
_pdbx_modification_feature.label_seq_id 
_pdbx_modification_feature.label_alt_id 
_pdbx_modification_feature.modified_residue_label_comp_id 
_pdbx_modification_feature.modified_residue_label_asym_id 
_pdbx_modification_feature.modified_residue_label_seq_id 
_pdbx_modification_feature.modified_residue_label_alt_id 
_pdbx_modification_feature.auth_comp_id 
_pdbx_modification_feature.auth_asym_id 
_pdbx_modification_feature.auth_seq_id 
_pdbx_modification_feature.PDB_ins_code 
_pdbx_modification_feature.symmetry 
_pdbx_modification_feature.modified_residue_auth_comp_id 
_pdbx_modification_feature.modified_residue_auth_asym_id 
_pdbx_modification_feature.modified_residue_auth_seq_id 
_pdbx_modification_feature.modified_residue_PDB_ins_code 
_pdbx_modification_feature.modified_residue_symmetry 
_pdbx_modification_feature.comp_id_linking_atom 
_pdbx_modification_feature.modified_residue_id_linking_atom 
_pdbx_modification_feature.modified_residue_id 
_pdbx_modification_feature.ref_pcm_id 
_pdbx_modification_feature.ref_comp_id 
_pdbx_modification_feature.type 
_pdbx_modification_feature.category 
1 CYS A 5  ? CYS A 35 ? CYS A 5  ? 1_555 CYS A 35 ? 1_555 SG SG . . . None 'Disulfide bridge' 
2 CYS A 11 ? CYS A 26 ? CYS A 11 ? 1_555 CYS A 26 ? 1_555 SG SG . . . None 'Disulfide bridge' 
3 CYS A 18 ? CYS A 28 ? CYS A 18 ? 1_555 CYS A 28 ? 1_555 SG SG . . . None 'Disulfide bridge' 
4 CYS A 19 ? CYS A 39 ? CYS A 19 ? 1_555 CYS A 39 ? 1_555 SG SG . . . None 'Disulfide bridge' 
# 
_struct_sheet.id               A 
_struct_sheet.type             ? 
_struct_sheet.number_strands   2 
_struct_sheet.details          ? 
# 
_struct_sheet_order.sheet_id     A 
_struct_sheet_order.range_id_1   1 
_struct_sheet_order.range_id_2   2 
_struct_sheet_order.offset       ? 
_struct_sheet_order.sense        anti-parallel 
# 
loop_
_struct_sheet_range.sheet_id 
_struct_sheet_range.id 
_struct_sheet_range.beg_label_comp_id 
_struct_sheet_range.beg_label_asym_id 
_struct_sheet_range.beg_label_seq_id 
_struct_sheet_range.pdbx_beg_PDB_ins_code 
_struct_sheet_range.end_label_comp_id 
_struct_sheet_range.end_label_asym_id 
_struct_sheet_range.end_label_seq_id 
_struct_sheet_range.pdbx_end_PDB_ins_code 
_struct_sheet_range.beg_auth_comp_id 
_struct_sheet_range.beg_auth_asym_id 
_struct_sheet_range.beg_auth_seq_id 
_struct_sheet_range.end_auth_comp_id 
_struct_sheet_range.end_auth_asym_id 
_struct_sheet_range.end_auth_seq_id 
A 1 TYR A 17 ? CYS A 19 ? TYR A 17 CYS A 19 
A 2 VAL A 27 ? TYR A 29 ? VAL A 27 TYR A 29 
# 
_pdbx_struct_sheet_hbond.sheet_id                A 
_pdbx_struct_sheet_hbond.range_id_1              1 
_pdbx_struct_sheet_hbond.range_id_2              2 
_pdbx_struct_sheet_hbond.range_1_label_atom_id   O 
_pdbx_struct_sheet_hbond.range_1_label_comp_id   CYS 
_pdbx_struct_sheet_hbond.range_1_label_asym_id   A 
_pdbx_struct_sheet_hbond.range_1_label_seq_id    19 
_pdbx_struct_sheet_hbond.range_1_PDB_ins_code    ? 
_pdbx_struct_sheet_hbond.range_1_auth_atom_id    O 
_pdbx_struct_sheet_hbond.range_1_auth_comp_id    CYS 
_pdbx_struct_sheet_hbond.range_1_auth_asym_id    A 
_pdbx_struct_sheet_hbond.range_1_auth_seq_id     19 
_pdbx_struct_sheet_hbond.range_2_label_atom_id   N 
_pdbx_struct_sheet_hbond.range_2_label_comp_id   VAL 
_pdbx_struct_sheet_hbond.range_2_label_asym_id   A 
_pdbx_struct_sheet_hbond.range_2_label_seq_id    27 
_pdbx_struct_sheet_hbond.range_2_PDB_ins_code    ? 
_pdbx_struct_sheet_hbond.range_2_auth_atom_id    N 
_pdbx_struct_sheet_hbond.range_2_auth_comp_id    VAL 
_pdbx_struct_sheet_hbond.range_2_auth_asym_id    A 
_pdbx_struct_sheet_hbond.range_2_auth_seq_id     27 
# 
_pdbx_entry_details.entry_id                   3BBG 
_pdbx_entry_details.compound_details           ? 
_pdbx_entry_details.source_details             ? 
_pdbx_entry_details.nonpolymer_details         ? 
_pdbx_entry_details.sequence_details           ? 
_pdbx_entry_details.has_ligand_of_interest     ? 
_pdbx_entry_details.has_protein_modification   Y 
# 
loop_
_pdbx_validate_close_contact.id 
_pdbx_validate_close_contact.PDB_model_num 
_pdbx_validate_close_contact.auth_atom_id_1 
_pdbx_validate_close_contact.auth_asym_id_1 
_pdbx_validate_close_contact.auth_comp_id_1 
_pdbx_validate_close_contact.auth_seq_id_1 
_pdbx_validate_close_contact.PDB_ins_code_1 
_pdbx_validate_close_contact.label_alt_id_1 
_pdbx_validate_close_contact.auth_atom_id_2 
_pdbx_validate_close_contact.auth_asym_id_2 
_pdbx_validate_close_contact.auth_comp_id_2 
_pdbx_validate_close_contact.auth_seq_id_2 
_pdbx_validate_close_contact.PDB_ins_code_2 
_pdbx_validate_close_contact.label_alt_id_2 
_pdbx_validate_close_contact.dist 
1 1 SG A CYS 19 ? ? O  A VAL 27 ? ? 2.13 
2 1 O  A CYS 35 ? ? SG A CYS 39 ? ? 2.14 
3 2 SG A CYS 19 ? ? O  A VAL 27 ? ? 2.11 
4 2 O  A CYS 35 ? ? SG A CYS 39 ? ? 2.14 
# 
loop_
_pdbx_validate_torsion.id 
_pdbx_validate_torsion.PDB_model_num 
_pdbx_validate_torsion.auth_comp_id 
_pdbx_validate_torsion.auth_asym_id 
_pdbx_validate_torsion.auth_seq_id 
_pdbx_validate_torsion.PDB_ins_code 
_pdbx_validate_torsion.label_alt_id 
_pdbx_validate_torsion.phi 
_pdbx_validate_torsion.psi 
1  1 THR A 9  ? ? -158.51 25.55   
2  1 LYS A 13 ? ? -88.05  46.39   
3  1 LYS A 16 ? ? -132.72 -144.79 
4  1 SER A 20 ? ? -165.67 107.28  
5  1 ILE A 22 ? ? -145.80 -52.13  
6  1 TYR A 25 ? ? -98.54  -70.98  
7  1 LYS A 37 ? ? -65.40  -81.37  
8  2 THR A 9  ? ? -158.51 25.55   
9  2 LYS A 13 ? ? -88.05  46.39   
10 2 LYS A 16 ? ? -132.72 -144.79 
11 2 SER A 20 ? ? 176.59  137.09  
12 2 ILE A 22 ? ? -138.35 -44.09  
13 2 TYR A 25 ? ? -146.20 -39.81  
14 2 LYS A 37 ? ? -65.40  -81.37  
# 
_pdbx_nmr_ensemble.entry_id                             3BBG 
_pdbx_nmr_ensemble.conformers_calculated_total_number   1 
_pdbx_nmr_ensemble.conformers_submitted_total_number    2 
_pdbx_nmr_ensemble.conformer_selection_criteria         ? 
# 
_pdbx_nmr_exptl_sample_conditions.conditions_id       1 
_pdbx_nmr_exptl_sample_conditions.temperature         293 
_pdbx_nmr_exptl_sample_conditions.pressure            ? 
_pdbx_nmr_exptl_sample_conditions.pH                  4.0 
_pdbx_nmr_exptl_sample_conditions.ionic_strength      ? 
_pdbx_nmr_exptl_sample_conditions.pressure_units      ? 
_pdbx_nmr_exptl_sample_conditions.temperature_units   K 
# 
loop_
_pdbx_nmr_exptl.experiment_id 
_pdbx_nmr_exptl.conditions_id 
_pdbx_nmr_exptl.type 
_pdbx_nmr_exptl.solution_id 
1 1 NOESY         1 
2 1 DQFCOSY       1 
3 1 PCOSY         1 
4 1 PECOSY        1 
5 1 TOCSY         1 
6 1 3DNOESY-TOCSY 1 
7 1 3DTOCSY-NOESY 1 
# 
_pdbx_nmr_refine.entry_id           3BBG 
_pdbx_nmr_refine.method             'MULTI-CONFORMER PROBABILITY MAP REFINEMENT' 
_pdbx_nmr_refine.details            'REFINEMENT DETAILS CAN BE FOUND IN THE MANUSCRIPT SUBMITTED TO JMB ABOVE.' 
_pdbx_nmr_refine.software_ordinal   1 
# 
loop_
_pdbx_nmr_software.classification 
_pdbx_nmr_software.name 
_pdbx_nmr_software.version 
_pdbx_nmr_software.authors 
_pdbx_nmr_software.ordinal 
refinement           CNS         0.3   
'BRUNGER,ADAMS,CLORE,DELANO,GROS, GROSSE-KUNSTLEVE,JIANG,KUSZEWSKI,NILGES, PANNU,READ,RICE,SIMONSON,WARREN' 1 
'structure solution' 'MSI FELIX' FELIX ? 2 
'structure solution' NMRCompass  ?     ? 3 
# 
loop_
_chem_comp_atom.comp_id 
_chem_comp_atom.atom_id 
_chem_comp_atom.type_symbol 
_chem_comp_atom.pdbx_aromatic_flag 
_chem_comp_atom.pdbx_stereo_config 
_chem_comp_atom.pdbx_ordinal 
ALA N    N N N 1   
ALA CA   C N S 2   
ALA C    C N N 3   
ALA O    O N N 4   
ALA CB   C N N 5   
ALA OXT  O N N 6   
ALA H    H N N 7   
ALA H2   H N N 8   
ALA HA   H N N 9   
ALA HB1  H N N 10  
ALA HB2  H N N 11  
ALA HB3  H N N 12  
ALA HXT  H N N 13  
ASN N    N N N 14  
ASN CA   C N S 15  
ASN C    C N N 16  
ASN O    O N N 17  
ASN CB   C N N 18  
ASN CG   C N N 19  
ASN OD1  O N N 20  
ASN ND2  N N N 21  
ASN OXT  O N N 22  
ASN H    H N N 23  
ASN H2   H N N 24  
ASN HA   H N N 25  
ASN HB2  H N N 26  
ASN HB3  H N N 27  
ASN HD21 H N N 28  
ASN HD22 H N N 29  
ASN HXT  H N N 30  
ASP N    N N N 31  
ASP CA   C N S 32  
ASP C    C N N 33  
ASP O    O N N 34  
ASP CB   C N N 35  
ASP CG   C N N 36  
ASP OD1  O N N 37  
ASP OD2  O N N 38  
ASP OXT  O N N 39  
ASP H    H N N 40  
ASP H2   H N N 41  
ASP HA   H N N 42  
ASP HB2  H N N 43  
ASP HB3  H N N 44  
ASP HD2  H N N 45  
ASP HXT  H N N 46  
CYS N    N N N 47  
CYS CA   C N R 48  
CYS C    C N N 49  
CYS O    O N N 50  
CYS CB   C N N 51  
CYS SG   S N N 52  
CYS OXT  O N N 53  
CYS H    H N N 54  
CYS H2   H N N 55  
CYS HA   H N N 56  
CYS HB2  H N N 57  
CYS HB3  H N N 58  
CYS HG   H N N 59  
CYS HXT  H N N 60  
GLU N    N N N 61  
GLU CA   C N S 62  
GLU C    C N N 63  
GLU O    O N N 64  
GLU CB   C N N 65  
GLU CG   C N N 66  
GLU CD   C N N 67  
GLU OE1  O N N 68  
GLU OE2  O N N 69  
GLU OXT  O N N 70  
GLU H    H N N 71  
GLU H2   H N N 72  
GLU HA   H N N 73  
GLU HB2  H N N 74  
GLU HB3  H N N 75  
GLU HG2  H N N 76  
GLU HG3  H N N 77  
GLU HE2  H N N 78  
GLU HXT  H N N 79  
GLY N    N N N 80  
GLY CA   C N N 81  
GLY C    C N N 82  
GLY O    O N N 83  
GLY OXT  O N N 84  
GLY H    H N N 85  
GLY H2   H N N 86  
GLY HA2  H N N 87  
GLY HA3  H N N 88  
GLY HXT  H N N 89  
ILE N    N N N 90  
ILE CA   C N S 91  
ILE C    C N N 92  
ILE O    O N N 93  
ILE CB   C N S 94  
ILE CG1  C N N 95  
ILE CG2  C N N 96  
ILE CD1  C N N 97  
ILE OXT  O N N 98  
ILE H    H N N 99  
ILE H2   H N N 100 
ILE HA   H N N 101 
ILE HB   H N N 102 
ILE HG12 H N N 103 
ILE HG13 H N N 104 
ILE HG21 H N N 105 
ILE HG22 H N N 106 
ILE HG23 H N N 107 
ILE HD11 H N N 108 
ILE HD12 H N N 109 
ILE HD13 H N N 110 
ILE HXT  H N N 111 
LEU N    N N N 112 
LEU CA   C N S 113 
LEU C    C N N 114 
LEU O    O N N 115 
LEU CB   C N N 116 
LEU CG   C N N 117 
LEU CD1  C N N 118 
LEU CD2  C N N 119 
LEU OXT  O N N 120 
LEU H    H N N 121 
LEU H2   H N N 122 
LEU HA   H N N 123 
LEU HB2  H N N 124 
LEU HB3  H N N 125 
LEU HG   H N N 126 
LEU HD11 H N N 127 
LEU HD12 H N N 128 
LEU HD13 H N N 129 
LEU HD21 H N N 130 
LEU HD22 H N N 131 
LEU HD23 H N N 132 
LEU HXT  H N N 133 
LYS N    N N N 134 
LYS CA   C N S 135 
LYS C    C N N 136 
LYS O    O N N 137 
LYS CB   C N N 138 
LYS CG   C N N 139 
LYS CD   C N N 140 
LYS CE   C N N 141 
LYS NZ   N N N 142 
LYS OXT  O N N 143 
LYS H    H N N 144 
LYS H2   H N N 145 
LYS HA   H N N 146 
LYS HB2  H N N 147 
LYS HB3  H N N 148 
LYS HG2  H N N 149 
LYS HG3  H N N 150 
LYS HD2  H N N 151 
LYS HD3  H N N 152 
LYS HE2  H N N 153 
LYS HE3  H N N 154 
LYS HZ1  H N N 155 
LYS HZ2  H N N 156 
LYS HZ3  H N N 157 
LYS HXT  H N N 158 
PRO N    N N N 159 
PRO CA   C N S 160 
PRO C    C N N 161 
PRO O    O N N 162 
PRO CB   C N N 163 
PRO CG   C N N 164 
PRO CD   C N N 165 
PRO OXT  O N N 166 
PRO H    H N N 167 
PRO HA   H N N 168 
PRO HB2  H N N 169 
PRO HB3  H N N 170 
PRO HG2  H N N 171 
PRO HG3  H N N 172 
PRO HD2  H N N 173 
PRO HD3  H N N 174 
PRO HXT  H N N 175 
SER N    N N N 176 
SER CA   C N S 177 
SER C    C N N 178 
SER O    O N N 179 
SER CB   C N N 180 
SER OG   O N N 181 
SER OXT  O N N 182 
SER H    H N N 183 
SER H2   H N N 184 
SER HA   H N N 185 
SER HB2  H N N 186 
SER HB3  H N N 187 
SER HG   H N N 188 
SER HXT  H N N 189 
THR N    N N N 190 
THR CA   C N S 191 
THR C    C N N 192 
THR O    O N N 193 
THR CB   C N R 194 
THR OG1  O N N 195 
THR CG2  C N N 196 
THR OXT  O N N 197 
THR H    H N N 198 
THR H2   H N N 199 
THR HA   H N N 200 
THR HB   H N N 201 
THR HG1  H N N 202 
THR HG21 H N N 203 
THR HG22 H N N 204 
THR HG23 H N N 205 
THR HXT  H N N 206 
TYR N    N N N 207 
TYR CA   C N S 208 
TYR C    C N N 209 
TYR O    O N N 210 
TYR CB   C N N 211 
TYR CG   C Y N 212 
TYR CD1  C Y N 213 
TYR CD2  C Y N 214 
TYR CE1  C Y N 215 
TYR CE2  C Y N 216 
TYR CZ   C Y N 217 
TYR OH   O N N 218 
TYR OXT  O N N 219 
TYR H    H N N 220 
TYR H2   H N N 221 
TYR HA   H N N 222 
TYR HB2  H N N 223 
TYR HB3  H N N 224 
TYR HD1  H N N 225 
TYR HD2  H N N 226 
TYR HE1  H N N 227 
TYR HE2  H N N 228 
TYR HH   H N N 229 
TYR HXT  H N N 230 
VAL N    N N N 231 
VAL CA   C N S 232 
VAL C    C N N 233 
VAL O    O N N 234 
VAL CB   C N N 235 
VAL CG1  C N N 236 
VAL CG2  C N N 237 
VAL OXT  O N N 238 
VAL H    H N N 239 
VAL H2   H N N 240 
VAL HA   H N N 241 
VAL HB   H N N 242 
VAL HG11 H N N 243 
VAL HG12 H N N 244 
VAL HG13 H N N 245 
VAL HG21 H N N 246 
VAL HG22 H N N 247 
VAL HG23 H N N 248 
VAL HXT  H N N 249 
# 
loop_
_chem_comp_bond.comp_id 
_chem_comp_bond.atom_id_1 
_chem_comp_bond.atom_id_2 
_chem_comp_bond.value_order 
_chem_comp_bond.pdbx_aromatic_flag 
_chem_comp_bond.pdbx_stereo_config 
_chem_comp_bond.pdbx_ordinal 
ALA N   CA   sing N N 1   
ALA N   H    sing N N 2   
ALA N   H2   sing N N 3   
ALA CA  C    sing N N 4   
ALA CA  CB   sing N N 5   
ALA CA  HA   sing N N 6   
ALA C   O    doub N N 7   
ALA C   OXT  sing N N 8   
ALA CB  HB1  sing N N 9   
ALA CB  HB2  sing N N 10  
ALA CB  HB3  sing N N 11  
ALA OXT HXT  sing N N 12  
ASN N   CA   sing N N 13  
ASN N   H    sing N N 14  
ASN N   H2   sing N N 15  
ASN CA  C    sing N N 16  
ASN CA  CB   sing N N 17  
ASN CA  HA   sing N N 18  
ASN C   O    doub N N 19  
ASN C   OXT  sing N N 20  
ASN CB  CG   sing N N 21  
ASN CB  HB2  sing N N 22  
ASN CB  HB3  sing N N 23  
ASN CG  OD1  doub N N 24  
ASN CG  ND2  sing N N 25  
ASN ND2 HD21 sing N N 26  
ASN ND2 HD22 sing N N 27  
ASN OXT HXT  sing N N 28  
ASP N   CA   sing N N 29  
ASP N   H    sing N N 30  
ASP N   H2   sing N N 31  
ASP CA  C    sing N N 32  
ASP CA  CB   sing N N 33  
ASP CA  HA   sing N N 34  
ASP C   O    doub N N 35  
ASP C   OXT  sing N N 36  
ASP CB  CG   sing N N 37  
ASP CB  HB2  sing N N 38  
ASP CB  HB3  sing N N 39  
ASP CG  OD1  doub N N 40  
ASP CG  OD2  sing N N 41  
ASP OD2 HD2  sing N N 42  
ASP OXT HXT  sing N N 43  
CYS N   CA   sing N N 44  
CYS N   H    sing N N 45  
CYS N   H2   sing N N 46  
CYS CA  C    sing N N 47  
CYS CA  CB   sing N N 48  
CYS CA  HA   sing N N 49  
CYS C   O    doub N N 50  
CYS C   OXT  sing N N 51  
CYS CB  SG   sing N N 52  
CYS CB  HB2  sing N N 53  
CYS CB  HB3  sing N N 54  
CYS SG  HG   sing N N 55  
CYS OXT HXT  sing N N 56  
GLU N   CA   sing N N 57  
GLU N   H    sing N N 58  
GLU N   H2   sing N N 59  
GLU CA  C    sing N N 60  
GLU CA  CB   sing N N 61  
GLU CA  HA   sing N N 62  
GLU C   O    doub N N 63  
GLU C   OXT  sing N N 64  
GLU CB  CG   sing N N 65  
GLU CB  HB2  sing N N 66  
GLU CB  HB3  sing N N 67  
GLU CG  CD   sing N N 68  
GLU CG  HG2  sing N N 69  
GLU CG  HG3  sing N N 70  
GLU CD  OE1  doub N N 71  
GLU CD  OE2  sing N N 72  
GLU OE2 HE2  sing N N 73  
GLU OXT HXT  sing N N 74  
GLY N   CA   sing N N 75  
GLY N   H    sing N N 76  
GLY N   H2   sing N N 77  
GLY CA  C    sing N N 78  
GLY CA  HA2  sing N N 79  
GLY CA  HA3  sing N N 80  
GLY C   O    doub N N 81  
GLY C   OXT  sing N N 82  
GLY OXT HXT  sing N N 83  
ILE N   CA   sing N N 84  
ILE N   H    sing N N 85  
ILE N   H2   sing N N 86  
ILE CA  C    sing N N 87  
ILE CA  CB   sing N N 88  
ILE CA  HA   sing N N 89  
ILE C   O    doub N N 90  
ILE C   OXT  sing N N 91  
ILE CB  CG1  sing N N 92  
ILE CB  CG2  sing N N 93  
ILE CB  HB   sing N N 94  
ILE CG1 CD1  sing N N 95  
ILE CG1 HG12 sing N N 96  
ILE CG1 HG13 sing N N 97  
ILE CG2 HG21 sing N N 98  
ILE CG2 HG22 sing N N 99  
ILE CG2 HG23 sing N N 100 
ILE CD1 HD11 sing N N 101 
ILE CD1 HD12 sing N N 102 
ILE CD1 HD13 sing N N 103 
ILE OXT HXT  sing N N 104 
LEU N   CA   sing N N 105 
LEU N   H    sing N N 106 
LEU N   H2   sing N N 107 
LEU CA  C    sing N N 108 
LEU CA  CB   sing N N 109 
LEU CA  HA   sing N N 110 
LEU C   O    doub N N 111 
LEU C   OXT  sing N N 112 
LEU CB  CG   sing N N 113 
LEU CB  HB2  sing N N 114 
LEU CB  HB3  sing N N 115 
LEU CG  CD1  sing N N 116 
LEU CG  CD2  sing N N 117 
LEU CG  HG   sing N N 118 
LEU CD1 HD11 sing N N 119 
LEU CD1 HD12 sing N N 120 
LEU CD1 HD13 sing N N 121 
LEU CD2 HD21 sing N N 122 
LEU CD2 HD22 sing N N 123 
LEU CD2 HD23 sing N N 124 
LEU OXT HXT  sing N N 125 
LYS N   CA   sing N N 126 
LYS N   H    sing N N 127 
LYS N   H2   sing N N 128 
LYS CA  C    sing N N 129 
LYS CA  CB   sing N N 130 
LYS CA  HA   sing N N 131 
LYS C   O    doub N N 132 
LYS C   OXT  sing N N 133 
LYS CB  CG   sing N N 134 
LYS CB  HB2  sing N N 135 
LYS CB  HB3  sing N N 136 
LYS CG  CD   sing N N 137 
LYS CG  HG2  sing N N 138 
LYS CG  HG3  sing N N 139 
LYS CD  CE   sing N N 140 
LYS CD  HD2  sing N N 141 
LYS CD  HD3  sing N N 142 
LYS CE  NZ   sing N N 143 
LYS CE  HE2  sing N N 144 
LYS CE  HE3  sing N N 145 
LYS NZ  HZ1  sing N N 146 
LYS NZ  HZ2  sing N N 147 
LYS NZ  HZ3  sing N N 148 
LYS OXT HXT  sing N N 149 
PRO N   CA   sing N N 150 
PRO N   CD   sing N N 151 
PRO N   H    sing N N 152 
PRO CA  C    sing N N 153 
PRO CA  CB   sing N N 154 
PRO CA  HA   sing N N 155 
PRO C   O    doub N N 156 
PRO C   OXT  sing N N 157 
PRO CB  CG   sing N N 158 
PRO CB  HB2  sing N N 159 
PRO CB  HB3  sing N N 160 
PRO CG  CD   sing N N 161 
PRO CG  HG2  sing N N 162 
PRO CG  HG3  sing N N 163 
PRO CD  HD2  sing N N 164 
PRO CD  HD3  sing N N 165 
PRO OXT HXT  sing N N 166 
SER N   CA   sing N N 167 
SER N   H    sing N N 168 
SER N   H2   sing N N 169 
SER CA  C    sing N N 170 
SER CA  CB   sing N N 171 
SER CA  HA   sing N N 172 
SER C   O    doub N N 173 
SER C   OXT  sing N N 174 
SER CB  OG   sing N N 175 
SER CB  HB2  sing N N 176 
SER CB  HB3  sing N N 177 
SER OG  HG   sing N N 178 
SER OXT HXT  sing N N 179 
THR N   CA   sing N N 180 
THR N   H    sing N N 181 
THR N   H2   sing N N 182 
THR CA  C    sing N N 183 
THR CA  CB   sing N N 184 
THR CA  HA   sing N N 185 
THR C   O    doub N N 186 
THR C   OXT  sing N N 187 
THR CB  OG1  sing N N 188 
THR CB  CG2  sing N N 189 
THR CB  HB   sing N N 190 
THR OG1 HG1  sing N N 191 
THR CG2 HG21 sing N N 192 
THR CG2 HG22 sing N N 193 
THR CG2 HG23 sing N N 194 
THR OXT HXT  sing N N 195 
TYR N   CA   sing N N 196 
TYR N   H    sing N N 197 
TYR N   H2   sing N N 198 
TYR CA  C    sing N N 199 
TYR CA  CB   sing N N 200 
TYR CA  HA   sing N N 201 
TYR C   O    doub N N 202 
TYR C   OXT  sing N N 203 
TYR CB  CG   sing N N 204 
TYR CB  HB2  sing N N 205 
TYR CB  HB3  sing N N 206 
TYR CG  CD1  doub Y N 207 
TYR CG  CD2  sing Y N 208 
TYR CD1 CE1  sing Y N 209 
TYR CD1 HD1  sing N N 210 
TYR CD2 CE2  doub Y N 211 
TYR CD2 HD2  sing N N 212 
TYR CE1 CZ   doub Y N 213 
TYR CE1 HE1  sing N N 214 
TYR CE2 CZ   sing Y N 215 
TYR CE2 HE2  sing N N 216 
TYR CZ  OH   sing N N 217 
TYR OH  HH   sing N N 218 
TYR OXT HXT  sing N N 219 
VAL N   CA   sing N N 220 
VAL N   H    sing N N 221 
VAL N   H2   sing N N 222 
VAL CA  C    sing N N 223 
VAL CA  CB   sing N N 224 
VAL CA  HA   sing N N 225 
VAL C   O    doub N N 226 
VAL C   OXT  sing N N 227 
VAL CB  CG1  sing N N 228 
VAL CB  CG2  sing N N 229 
VAL CB  HB   sing N N 230 
VAL CG1 HG11 sing N N 231 
VAL CG1 HG12 sing N N 232 
VAL CG1 HG13 sing N N 233 
VAL CG2 HG21 sing N N 234 
VAL CG2 HG22 sing N N 235 
VAL CG2 HG23 sing N N 236 
VAL OXT HXT  sing N N 237 
# 
loop_
_pdbx_nmr_spectrometer.spectrometer_id 
_pdbx_nmr_spectrometer.model 
_pdbx_nmr_spectrometer.manufacturer 
_pdbx_nmr_spectrometer.field_strength 
1 home-built Home-built 501.9 
2 home-built Home-built 591.1 
# 
_atom_sites.entry_id                    3BBG 
_atom_sites.fract_transf_matrix[1][1]   1.000000 
_atom_sites.fract_transf_matrix[1][2]   0.000000 
_atom_sites.fract_transf_matrix[1][3]   0.000000 
_atom_sites.fract_transf_matrix[2][1]   0.000000 
_atom_sites.fract_transf_matrix[2][2]   1.000000 
_atom_sites.fract_transf_matrix[2][3]   0.000000 
_atom_sites.fract_transf_matrix[3][1]   0.000000 
_atom_sites.fract_transf_matrix[3][2]   0.000000 
_atom_sites.fract_transf_matrix[3][3]   1.000000 
_atom_sites.fract_transf_vector[1]      0.00000 
_atom_sites.fract_transf_vector[2]      0.00000 
_atom_sites.fract_transf_vector[3]      0.00000 
# 
loop_
_atom_type.symbol 
C 
H 
N 
O 
S 
# 
loop_
_atom_site.group_PDB 
_atom_site.id 
_atom_site.type_symbol 
_atom_site.label_atom_id 
_atom_site.label_alt_id 
_atom_site.label_comp_id 
_atom_site.label_asym_id 
_atom_site.label_entity_id 
_atom_site.label_seq_id 
_atom_site.pdbx_PDB_ins_code 
_atom_site.Cartn_x 
_atom_site.Cartn_y 
_atom_site.Cartn_z 
_atom_site.occupancy 
_atom_site.B_iso_or_equiv 
_atom_site.pdbx_formal_charge 
_atom_site.auth_seq_id 
_atom_site.auth_comp_id 
_atom_site.auth_asym_id 
_atom_site.auth_atom_id 
_atom_site.pdbx_PDB_model_num 
ATOM 1    N N    . ASP A 1 1  ? 9.803   -2.388  3.377   1.00 40.00 ? 1  ASP A N    1 
ATOM 2    C CA   . ASP A 1 1  ? 10.502  -3.522  2.703   1.00 40.00 ? 1  ASP A CA   1 
ATOM 3    C C    . ASP A 1 1  ? 9.904   -4.860  3.148   1.00 40.00 ? 1  ASP A C    1 
ATOM 4    O O    . ASP A 1 1  ? 9.925   -5.829  2.414   1.00 40.00 ? 1  ASP A O    1 
ATOM 5    C CB   . ASP A 1 1  ? 11.966  -3.410  3.140   1.00 40.00 ? 1  ASP A CB   1 
ATOM 6    C CG   . ASP A 1 1  ? 12.722  -2.521  2.152   1.00 40.00 ? 1  ASP A CG   1 
ATOM 7    O OD1  . ASP A 1 1  ? 12.883  -2.933  1.017   1.00 40.00 ? 1  ASP A OD1  1 
ATOM 8    O OD2  . ASP A 1 1  ? 13.126  -1.440  2.548   1.00 40.00 ? 1  ASP A OD2  1 
ATOM 9    H H1   . ASP A 1 1  ? 8.777   -2.544  3.342   1.00 40.00 ? 1  ASP A H1   1 
ATOM 10   H H2   . ASP A 1 1  ? 10.112  -2.326  4.370   1.00 40.00 ? 1  ASP A H2   1 
ATOM 11   H H3   . ASP A 1 1  ? 10.032  -1.500  2.887   1.00 40.00 ? 1  ASP A H3   1 
ATOM 12   H HA   . ASP A 1 1  ? 10.432  -3.421  1.632   1.00 40.00 ? 1  ASP A HA   1 
ATOM 13   H HB2  . ASP A 1 1  ? 12.015  -2.976  4.127   1.00 40.00 ? 1  ASP A HB2  1 
ATOM 14   H HB3  . ASP A 1 1  ? 12.416  -4.391  3.153   1.00 40.00 ? 1  ASP A HB3  1 
ATOM 15   N N    . ASP A 1 2  ? 9.365   -4.915  4.340   1.00 19.31 ? 2  ASP A N    1 
ATOM 16   C CA   . ASP A 1 2  ? 8.755   -6.192  4.831   1.00 19.31 ? 2  ASP A CA   1 
ATOM 17   C C    . ASP A 1 2  ? 7.290   -6.269  4.385   1.00 19.31 ? 2  ASP A C    1 
ATOM 18   O O    . ASP A 1 2  ? 6.382   -6.226  5.195   1.00 19.31 ? 2  ASP A O    1 
ATOM 19   C CB   . ASP A 1 2  ? 8.861   -6.147  6.376   1.00 19.31 ? 2  ASP A CB   1 
ATOM 20   C CG   . ASP A 1 2  ? 10.324  -6.333  6.787   1.00 19.31 ? 2  ASP A CG   1 
ATOM 21   O OD1  . ASP A 1 2  ? 11.108  -5.435  6.536   1.00 19.31 ? 2  ASP A OD1  1 
ATOM 22   O OD2  . ASP A 1 2  ? 10.635  -7.373  7.343   1.00 19.31 ? 2  ASP A OD2  1 
ATOM 23   H H    . ASP A 1 2  ? 9.356   -4.117  4.905   1.00 19.31 ? 2  ASP A H    1 
ATOM 24   H HA   . ASP A 1 2  ? 9.311   -7.044  4.432   1.00 19.31 ? 2  ASP A HA   1 
ATOM 25   H HB2  . ASP A 1 2  ? 8.497   -5.191  6.753   1.00 19.31 ? 2  ASP A HB2  1 
ATOM 26   H HB3  . ASP A 1 2  ? 8.265   -6.943  6.810   1.00 19.31 ? 2  ASP A HB3  1 
ATOM 27   N N    . GLY A 1 3  ? 7.058   -6.402  3.104   1.00 5.41  ? 3  GLY A N    1 
ATOM 28   C CA   . GLY A 1 3  ? 5.656   -6.502  2.593   1.00 5.41  ? 3  GLY A CA   1 
ATOM 29   C C    . GLY A 1 3  ? 5.625   -6.369  1.066   1.00 5.41  ? 3  GLY A C    1 
ATOM 30   O O    . GLY A 1 3  ? 6.636   -6.503  0.401   1.00 5.41  ? 3  GLY A O    1 
ATOM 31   H H    . GLY A 1 3  ? 7.810   -6.456  2.479   1.00 5.41  ? 3  GLY A H    1 
ATOM 32   H HA2  . GLY A 1 3  ? 5.252   -7.463  2.875   1.00 5.41  ? 3  GLY A HA2  1 
ATOM 33   H HA3  . GLY A 1 3  ? 5.054   -5.725  3.039   1.00 5.41  ? 3  GLY A HA3  1 
ATOM 34   N N    . LEU A 1 4  ? 4.464   -6.120  0.509   1.00 1.33  ? 4  LEU A N    1 
ATOM 35   C CA   . LEU A 1 4  ? 4.344   -5.991  -0.979  1.00 1.33  ? 4  LEU A CA   1 
ATOM 36   C C    . LEU A 1 4  ? 3.521   -4.737  -1.328  1.00 1.33  ? 4  LEU A C    1 
ATOM 37   O O    . LEU A 1 4  ? 3.052   -4.039  -0.448  1.00 1.33  ? 4  LEU A O    1 
ATOM 38   C CB   . LEU A 1 4  ? 3.600   -7.248  -1.465  1.00 1.33  ? 4  LEU A CB   1 
ATOM 39   C CG   . LEU A 1 4  ? 4.212   -8.533  -0.883  1.00 1.33  ? 4  LEU A CG   1 
ATOM 40   C CD1  . LEU A 1 4  ? 3.209   -9.679  -1.033  1.00 1.33  ? 4  LEU A CD1  1 
ATOM 41   C CD2  . LEU A 1 4  ? 5.494   -8.887  -1.643  1.00 1.33  ? 4  LEU A CD2  1 
ATOM 42   H H    . LEU A 1 4  ? 3.666   -6.029  1.070   1.00 1.33  ? 4  LEU A H    1 
ATOM 43   H HA   . LEU A 1 4  ? 5.324   -5.944  -1.427  1.00 1.33  ? 4  LEU A HA   1 
ATOM 44   H HB2  . LEU A 1 4  ? 2.564   -7.184  -1.171  1.00 1.33  ? 4  LEU A HB2  1 
ATOM 45   H HB3  . LEU A 1 4  ? 3.660   -7.287  -2.542  1.00 1.33  ? 4  LEU A HB3  1 
ATOM 46   H HG   . LEU A 1 4  ? 4.436   -8.393  0.163   1.00 1.33  ? 4  LEU A HG   1 
ATOM 47   H HD11 . LEU A 1 4  ? 2.712   -9.599  -1.989  1.00 1.33  ? 4  LEU A HD11 1 
ATOM 48   H HD12 . LEU A 1 4  ? 3.728   -10.624 -0.974  1.00 1.33  ? 4  LEU A HD12 1 
ATOM 49   H HD13 . LEU A 1 4  ? 2.476   -9.621  -0.240  1.00 1.33  ? 4  LEU A HD13 1 
ATOM 50   H HD21 . LEU A 1 4  ? 5.436   -8.501  -2.649  1.00 1.33  ? 4  LEU A HD21 1 
ATOM 51   H HD22 . LEU A 1 4  ? 6.345   -8.455  -1.136  1.00 1.33  ? 4  LEU A HD22 1 
ATOM 52   H HD23 . LEU A 1 4  ? 5.605   -9.962  -1.677  1.00 1.33  ? 4  LEU A HD23 1 
ATOM 53   N N    . CYS A 1 5  ? 3.326   -4.455  -2.599  1.00 1.07  ? 5  CYS A N    1 
ATOM 54   C CA   . CYS A 1 5  ? 2.508   -3.249  -2.986  1.00 1.07  ? 5  CYS A CA   1 
ATOM 55   C C    . CYS A 1 5  ? 1.833   -3.490  -4.331  1.00 1.07  ? 5  CYS A C    1 
ATOM 56   O O    . CYS A 1 5  ? 2.469   -3.870  -5.297  1.00 1.07  ? 5  CYS A O    1 
ATOM 57   C CB   . CYS A 1 5  ? 3.483   -2.076  -3.093  1.00 1.07  ? 5  CYS A CB   1 
ATOM 58   S SG   . CYS A 1 5  ? 2.532   -0.549  -3.271  1.00 1.07  ? 5  CYS A SG   1 
ATOM 59   H H    . CYS A 1 5  ? 3.698   -5.047  -3.303  1.00 1.07  ? 5  CYS A H    1 
ATOM 60   H HA   . CYS A 1 5  ? 1.758   -3.031  -2.228  1.00 1.07  ? 5  CYS A HA   1 
ATOM 61   H HB2  . CYS A 1 5  ? 4.089   -2.023  -2.202  1.00 1.07  ? 5  CYS A HB2  1 
ATOM 62   H HB3  . CYS A 1 5  ? 4.118   -2.204  -3.958  1.00 1.07  ? 5  CYS A HB3  1 
ATOM 63   N N    . TYR A 1 6  ? 0.550   -3.259  -4.400  1.00 1.03  ? 6  TYR A N    1 
ATOM 64   C CA   . TYR A 1 6  ? -0.179  -3.462  -5.686  1.00 1.03  ? 6  TYR A CA   1 
ATOM 65   C C    . TYR A 1 6  ? -1.214  -2.347  -5.857  1.00 1.03  ? 6  TYR A C    1 
ATOM 66   O O    . TYR A 1 6  ? -1.298  -1.452  -5.032  1.00 1.03  ? 6  TYR A O    1 
ATOM 67   C CB   . TYR A 1 6  ? -0.790  -4.876  -5.587  1.00 1.03  ? 6  TYR A CB   1 
ATOM 68   C CG   . TYR A 1 6  ? -1.768  -4.992  -4.451  1.00 1.03  ? 6  TYR A CG   1 
ATOM 69   C CD1  . TYR A 1 6  ? -3.128  -4.655  -4.645  1.00 1.03  ? 6  TYR A CD1  1 
ATOM 70   C CD2  . TYR A 1 6  ? -1.327  -5.476  -3.198  1.00 1.03  ? 6  TYR A CD2  1 
ATOM 71   C CE1  . TYR A 1 6  ? -4.055  -4.800  -3.580  1.00 1.03  ? 6  TYR A CE1  1 
ATOM 72   C CE2  . TYR A 1 6  ? -2.250  -5.619  -2.126  1.00 1.03  ? 6  TYR A CE2  1 
ATOM 73   C CZ   . TYR A 1 6  ? -3.617  -5.281  -2.319  1.00 1.03  ? 6  TYR A CZ   1 
ATOM 74   O OH   . TYR A 1 6  ? -4.518  -5.421  -1.285  1.00 1.03  ? 6  TYR A OH   1 
ATOM 75   H H    . TYR A 1 6  ? 0.066   -2.928  -3.602  1.00 1.03  ? 6  TYR A H    1 
ATOM 76   H HA   . TYR A 1 6  ? 0.513   -3.434  -6.510  1.00 1.03  ? 6  TYR A HA   1 
ATOM 77   H HB2  . TYR A 1 6  ? -1.296  -5.124  -6.500  1.00 1.03  ? 6  TYR A HB2  1 
ATOM 78   H HB3  . TYR A 1 6  ? 0.011   -5.585  -5.427  1.00 1.03  ? 6  TYR A HB3  1 
ATOM 79   H HD1  . TYR A 1 6  ? -3.460  -4.292  -5.603  1.00 1.03  ? 6  TYR A HD1  1 
ATOM 80   H HD2  . TYR A 1 6  ? -0.291  -5.735  -3.060  1.00 1.03  ? 6  TYR A HD2  1 
ATOM 81   H HE1  . TYR A 1 6  ? -5.092  -4.547  -3.727  1.00 1.03  ? 6  TYR A HE1  1 
ATOM 82   H HE2  . TYR A 1 6  ? -1.912  -5.988  -1.171  1.00 1.03  ? 6  TYR A HE2  1 
ATOM 83   H HH   . TYR A 1 6  ? -4.230  -4.860  -0.562  1.00 1.03  ? 6  TYR A HH   1 
ATOM 84   N N    . GLU A 1 7  ? -1.979  -2.364  -6.922  1.00 0.61  ? 7  GLU A N    1 
ATOM 85   C CA   . GLU A 1 7  ? -2.968  -1.269  -7.130  1.00 0.61  ? 7  GLU A CA   1 
ATOM 86   C C    . GLU A 1 7  ? -4.388  -1.841  -7.197  1.00 0.61  ? 7  GLU A C    1 
ATOM 87   O O    . GLU A 1 7  ? -4.603  -2.970  -7.598  1.00 0.61  ? 7  GLU A O    1 
ATOM 88   C CB   . GLU A 1 7  ? -2.550  -0.611  -8.460  1.00 0.61  ? 7  GLU A CB   1 
ATOM 89   C CG   . GLU A 1 7  ? -3.007  -1.415  -9.679  1.00 0.61  ? 7  GLU A CG   1 
ATOM 90   C CD   . GLU A 1 7  ? -2.245  -0.946  -10.920 1.00 0.61  ? 7  GLU A CD   1 
ATOM 91   O OE1  . GLU A 1 7  ? -1.077  -1.280  -11.035 1.00 0.61  ? 7  GLU A OE1  1 
ATOM 92   O OE2  . GLU A 1 7  ? -2.844  -0.263  -11.734 1.00 0.61  ? 7  GLU A OE2  1 
ATOM 93   H H    . GLU A 1 7  ? -1.871  -3.062  -7.599  1.00 0.61  ? 7  GLU A H    1 
ATOM 94   H HA   . GLU A 1 7  ? -2.905  -0.543  -6.335  1.00 0.61  ? 7  GLU A HA   1 
ATOM 95   H HB2  . GLU A 1 7  ? -2.995  0.360   -8.526  1.00 0.61  ? 7  GLU A HB2  1 
ATOM 96   H HB3  . GLU A 1 7  ? -1.475  -0.518  -8.481  1.00 0.61  ? 7  GLU A HB3  1 
ATOM 97   H HG2  . GLU A 1 7  ? -2.832  -2.482  -9.525  1.00 0.61  ? 7  GLU A HG2  1 
ATOM 98   H HG3  . GLU A 1 7  ? -4.065  -1.218  -9.816  1.00 0.61  ? 7  GLU A HG3  1 
ATOM 99   N N    . GLY A 1 8  ? -5.349  -1.051  -6.806  1.00 0.49  ? 8  GLY A N    1 
ATOM 100  C CA   . GLY A 1 8  ? -6.765  -1.512  -6.834  1.00 0.49  ? 8  GLY A CA   1 
ATOM 101  C C    . GLY A 1 8  ? -7.639  -0.741  -5.829  1.00 0.49  ? 8  GLY A C    1 
ATOM 102  O O    . GLY A 1 8  ? -7.914  0.429   -6.017  1.00 0.49  ? 8  GLY A O    1 
ATOM 103  H H    . GLY A 1 8  ? -5.133  -0.143  -6.506  1.00 0.49  ? 8  GLY A H    1 
ATOM 104  H HA2  . GLY A 1 8  ? -7.140  -1.337  -7.826  1.00 0.49  ? 8  GLY A HA2  1 
ATOM 105  H HA3  . GLY A 1 8  ? -6.805  -2.572  -6.616  1.00 0.49  ? 8  GLY A HA3  1 
ATOM 106  N N    . THR A 1 9  ? -8.111  -1.394  -4.778  1.00 0.74  ? 9  THR A N    1 
ATOM 107  C CA   . THR A 1 9  ? -8.997  -0.698  -3.802  1.00 0.74  ? 9  THR A CA   1 
ATOM 108  C C    . THR A 1 9  ? -9.005  -1.414  -2.421  1.00 0.74  ? 9  THR A C    1 
ATOM 109  O O    . THR A 1 9  ? -9.988  -1.357  -1.707  1.00 0.74  ? 9  THR A O    1 
ATOM 110  C CB   . THR A 1 9  ? -10.362 -0.866  -4.450  1.00 0.74  ? 9  THR A CB   1 
ATOM 111  O OG1  . THR A 1 9  ? -10.338 -0.311  -5.757  1.00 0.74  ? 9  THR A OG1  1 
ATOM 112  C CG2  . THR A 1 9  ? -11.464 -0.186  -3.624  1.00 0.74  ? 9  THR A CG2  1 
ATOM 113  H H    . THR A 1 9  ? -7.907  -2.338  -4.650  1.00 0.74  ? 9  THR A H    1 
ATOM 114  H HA   . THR A 1 9  ? -8.750  0.346   -3.737  1.00 0.74  ? 9  THR A HA   1 
ATOM 115  H HB   . THR A 1 9  ? -10.562 -1.920  -4.512  1.00 0.74  ? 9  THR A HB   1 
ATOM 116  H HG1  . THR A 1 9  ? -10.554 -1.009  -6.380  1.00 0.74  ? 9  THR A HG1  1 
ATOM 117  H HG21 . THR A 1 9  ? -11.036 0.595   -3.013  1.00 0.74  ? 9  THR A HG21 1 
ATOM 118  H HG22 . THR A 1 9  ? -12.201 0.240   -4.288  1.00 0.74  ? 9  THR A HG22 1 
ATOM 119  H HG23 . THR A 1 9  ? -11.937 -0.920  -2.987  1.00 0.74  ? 9  THR A HG23 1 
ATOM 120  N N    . ASN A 1 10 ? -7.967  -2.143  -2.061  1.00 0.97  ? 10 ASN A N    1 
ATOM 121  C CA   . ASN A 1 10 ? -8.010  -2.910  -0.759  1.00 0.97  ? 10 ASN A CA   1 
ATOM 122  C C    . ASN A 1 10 ? -7.887  -2.033  0.490   1.00 0.97  ? 10 ASN A C    1 
ATOM 123  O O    . ASN A 1 10 ? -8.240  -2.453  1.578   1.00 0.97  ? 10 ASN A O    1 
ATOM 124  C CB   . ASN A 1 10 ? -6.878  -3.933  -0.871  1.00 0.97  ? 10 ASN A CB   1 
ATOM 125  C CG   . ASN A 1 10 ? -6.812  -4.800  0.402   1.00 0.97  ? 10 ASN A CG   1 
ATOM 126  O OD1  . ASN A 1 10 ? -7.646  -5.660  0.595   1.00 0.97  ? 10 ASN A OD1  1 
ATOM 127  N ND2  . ASN A 1 10 ? -5.860  -4.613  1.290   1.00 0.97  ? 10 ASN A ND2  1 
ATOM 128  H H    . ASN A 1 10 ? -7.194  -2.238  -2.662  1.00 0.97  ? 10 ASN A H    1 
ATOM 129  H HA   . ASN A 1 10 ? -8.943  -3.423  -0.701  1.00 0.97  ? 10 ASN A HA   1 
ATOM 130  H HB2  . ASN A 1 10 ? -7.086  -4.562  -1.723  1.00 0.97  ? 10 ASN A HB2  1 
ATOM 131  H HB3  . ASN A 1 10 ? -5.936  -3.429  -1.027  1.00 0.97  ? 10 ASN A HB3  1 
ATOM 132  H HD21 . ASN A 1 10 ? -5.166  -3.898  1.144   1.00 0.97  ? 10 ASN A HD21 1 
ATOM 133  H HD22 . ASN A 1 10 ? -5.834  -5.196  2.112   1.00 0.97  ? 10 ASN A HD22 1 
ATOM 134  N N    . CYS A 1 11 ? -7.450  -0.833  0.346   1.00 1.21  ? 11 CYS A N    1 
ATOM 135  C CA   . CYS A 1 11 ? -7.366  0.089   1.531   1.00 1.21  ? 11 CYS A CA   1 
ATOM 136  C C    . CYS A 1 11 ? -7.940  1.439   1.182   1.00 1.21  ? 11 CYS A C    1 
ATOM 137  O O    . CYS A 1 11 ? -7.567  2.449   1.749   1.00 1.21  ? 11 CYS A O    1 
ATOM 138  C CB   . CYS A 1 11 ? -5.887  0.193   1.911   1.00 1.21  ? 11 CYS A CB   1 
ATOM 139  S SG   . CYS A 1 11 ? -5.375  -1.266  2.863   1.00 1.21  ? 11 CYS A SG   1 
ATOM 140  H H    . CYS A 1 11 ? -7.212  -0.517  -0.551  1.00 1.21  ? 11 CYS A H    1 
ATOM 141  H HA   . CYS A 1 11 ? -7.937  -0.313  2.350   1.00 1.21  ? 11 CYS A HA   1 
ATOM 142  H HB2  . CYS A 1 11 ? -5.308  0.258   0.999   1.00 1.21  ? 11 CYS A HB2  1 
ATOM 143  H HB3  . CYS A 1 11 ? -5.722  1.078   2.513   1.00 1.21  ? 11 CYS A HB3  1 
ATOM 144  N N    . GLY A 1 12 ? -8.857  1.458   0.263   1.00 2.22  ? 12 GLY A N    1 
ATOM 145  C CA   . GLY A 1 12 ? -9.472  2.748   -0.114  1.00 2.22  ? 12 GLY A CA   1 
ATOM 146  C C    . GLY A 1 12 ? -8.481  3.586   -0.929  1.00 2.22  ? 12 GLY A C    1 
ATOM 147  O O    . GLY A 1 12 ? -8.523  4.801   -0.912  1.00 2.22  ? 12 GLY A O    1 
ATOM 148  H H    . GLY A 1 12 ? -9.137  0.617   -0.177  1.00 2.22  ? 12 GLY A H    1 
ATOM 149  H HA2  . GLY A 1 12 ? -10.379 2.576   -0.677  1.00 2.22  ? 12 GLY A HA2  1 
ATOM 150  H HA3  . GLY A 1 12 ? -9.705  3.271   0.800   1.00 2.22  ? 12 GLY A HA3  1 
ATOM 151  N N    . LYS A 1 13 ? -7.569  2.945   -1.613  1.00 1.48  ? 13 LYS A N    1 
ATOM 152  C CA   . LYS A 1 13 ? -6.539  3.693   -2.402  1.00 1.48  ? 13 LYS A CA   1 
ATOM 153  C C    . LYS A 1 13 ? -6.997  4.016   -3.818  1.00 1.48  ? 13 LYS A C    1 
ATOM 154  O O    . LYS A 1 13 ? -6.263  3.864   -4.774  1.00 1.48  ? 13 LYS A O    1 
ATOM 155  C CB   . LYS A 1 13 ? -5.354  2.758   -2.403  1.00 1.48  ? 13 LYS A CB   1 
ATOM 156  C CG   . LYS A 1 13 ? -5.589  1.583   -3.361  1.00 1.48  ? 13 LYS A CG   1 
ATOM 157  C CD   . LYS A 1 13 ? -4.663  0.454   -2.983  1.00 1.48  ? 13 LYS A CD   1 
ATOM 158  C CE   . LYS A 1 13 ? -4.724  -0.650  -4.030  1.00 1.48  ? 13 LYS A CE   1 
ATOM 159  N NZ   . LYS A 1 13 ? -4.715  -1.944  -3.287  1.00 1.48  ? 13 LYS A NZ   1 
ATOM 160  H H    . LYS A 1 13 ? -7.531  1.970   -1.567  1.00 1.48  ? 13 LYS A H    1 
ATOM 161  H HA   . LYS A 1 13 ? -6.281  4.585   -1.894  1.00 1.48  ? 13 LYS A HA   1 
ATOM 162  H HB2  . LYS A 1 13 ? -4.467  3.298   -2.703  1.00 1.48  ? 13 LYS A HB2  1 
ATOM 163  H HB3  . LYS A 1 13 ? -5.236  2.396   -1.416  1.00 1.48  ? 13 LYS A HB3  1 
ATOM 164  H HG2  . LYS A 1 13 ? -6.607  1.253   -3.302  1.00 1.48  ? 13 LYS A HG2  1 
ATOM 165  H HG3  . LYS A 1 13 ? -5.371  1.896   -4.368  1.00 1.48  ? 13 LYS A HG3  1 
ATOM 166  H HD2  . LYS A 1 13 ? -3.668  0.830   -2.919  1.00 1.48  ? 13 LYS A HD2  1 
ATOM 167  H HD3  . LYS A 1 13 ? -4.965  0.061   -2.027  1.00 1.48  ? 13 LYS A HD3  1 
ATOM 168  H HE2  . LYS A 1 13 ? -5.626  -0.558  -4.595  1.00 1.48  ? 13 LYS A HE2  1 
ATOM 169  H HE3  . LYS A 1 13 ? -3.869  -0.596  -4.678  1.00 1.48  ? 13 LYS A HE3  1 
ATOM 170  H HZ1  . LYS A 1 13 ? -5.141  -1.828  -2.345  1.00 1.48  ? 13 LYS A HZ1  1 
ATOM 171  H HZ2  . LYS A 1 13 ? -5.264  -2.640  -3.824  1.00 1.48  ? 13 LYS A HZ2  1 
ATOM 172  H HZ3  . LYS A 1 13 ? -3.735  -2.278  -3.185  1.00 1.48  ? 13 LYS A HZ3  1 
ATOM 173  N N    . VAL A 1 14 ? -8.181  4.501   -3.937  1.00 1.14  ? 14 VAL A N    1 
ATOM 174  C CA   . VAL A 1 14 ? -8.693  4.900   -5.281  1.00 1.14  ? 14 VAL A CA   1 
ATOM 175  C C    . VAL A 1 14 ? -7.854  6.101   -5.752  1.00 1.14  ? 14 VAL A C    1 
ATOM 176  O O    . VAL A 1 14 ? -7.932  7.167   -5.167  1.00 1.14  ? 14 VAL A O    1 
ATOM 177  C CB   . VAL A 1 14 ? -10.167 5.291   -5.047  1.00 1.14  ? 14 VAL A CB   1 
ATOM 178  C CG1  . VAL A 1 14 ? -10.751 5.996   -6.282  1.00 1.14  ? 14 VAL A CG1  1 
ATOM 179  C CG2  . VAL A 1 14 ? -11.005 4.040   -4.750  1.00 1.14  ? 14 VAL A CG2  1 
ATOM 180  H H    . VAL A 1 14 ? -8.717  4.637   -3.132  1.00 1.14  ? 14 VAL A H    1 
ATOM 181  H HA   . VAL A 1 14 ? -8.615  4.083   -5.981  1.00 1.14  ? 14 VAL A HA   1 
ATOM 182  H HB   . VAL A 1 14 ? -10.217 5.957   -4.199  1.00 1.14  ? 14 VAL A HB   1 
ATOM 183  H HG11 . VAL A 1 14 ? -10.430 5.486   -7.179  1.00 1.14  ? 14 VAL A HG11 1 
ATOM 184  H HG12 . VAL A 1 14 ? -11.830 5.981   -6.229  1.00 1.14  ? 14 VAL A HG12 1 
ATOM 185  H HG13 . VAL A 1 14 ? -10.407 7.021   -6.309  1.00 1.14  ? 14 VAL A HG13 1 
ATOM 186  H HG21 . VAL A 1 14 ? -10.400 3.305   -4.241  1.00 1.14  ? 14 VAL A HG21 1 
ATOM 187  H HG22 . VAL A 1 14 ? -11.843 4.310   -4.121  1.00 1.14  ? 14 VAL A HG22 1 
ATOM 188  H HG23 . VAL A 1 14 ? -11.376 3.623   -5.676  1.00 1.14  ? 14 VAL A HG23 1 
ATOM 189  N N    . GLY A 1 15 ? -7.063  5.954   -6.798  1.00 1.34  ? 15 GLY A N    1 
ATOM 190  C CA   . GLY A 1 15 ? -6.252  7.126   -7.265  1.00 1.34  ? 15 GLY A CA   1 
ATOM 191  C C    . GLY A 1 15 ? -4.760  6.928   -6.918  1.00 1.34  ? 15 GLY A C    1 
ATOM 192  O O    . GLY A 1 15 ? -3.903  7.487   -7.576  1.00 1.34  ? 15 GLY A O    1 
ATOM 193  H H    . GLY A 1 15 ? -7.023  5.092   -7.280  1.00 1.34  ? 15 GLY A H    1 
ATOM 194  H HA2  . GLY A 1 15 ? -6.350  7.231   -8.341  1.00 1.34  ? 15 GLY A HA2  1 
ATOM 195  H HA3  . GLY A 1 15 ? -6.614  8.026   -6.791  1.00 1.34  ? 15 GLY A HA3  1 
ATOM 196  N N    . LYS A 1 16 ? -4.432  6.139   -5.909  1.00 0.46  ? 16 LYS A N    1 
ATOM 197  C CA   . LYS A 1 16 ? -2.982  5.921   -5.566  1.00 0.46  ? 16 LYS A CA   1 
ATOM 198  C C    . LYS A 1 16 ? -2.736  4.406   -5.378  1.00 0.46  ? 16 LYS A C    1 
ATOM 199  O O    . LYS A 1 16 ? -3.345  3.621   -6.083  1.00 0.46  ? 16 LYS A O    1 
ATOM 200  C CB   . LYS A 1 16 ? -2.733  6.718   -4.290  1.00 0.46  ? 16 LYS A CB   1 
ATOM 201  C CG   . LYS A 1 16 ? -3.173  8.179   -4.479  1.00 0.46  ? 16 LYS A CG   1 
ATOM 202  C CD   . LYS A 1 16 ? -2.614  9.049   -3.341  1.00 0.46  ? 16 LYS A CD   1 
ATOM 203  C CE   . LYS A 1 16 ? -3.759  9.548   -2.453  1.00 0.46  ? 16 LYS A CE   1 
ATOM 204  N NZ   . LYS A 1 16 ? -4.061  8.419   -1.529  1.00 0.46  ? 16 LYS A NZ   1 
ATOM 205  H H    . LYS A 1 16 ? -5.131  5.679   -5.382  1.00 0.46  ? 16 LYS A H    1 
ATOM 206  H HA   . LYS A 1 16 ? -2.358  6.305   -6.351  1.00 0.46  ? 16 LYS A HA   1 
ATOM 207  H HB2  . LYS A 1 16 ? -3.282  6.276   -3.480  1.00 0.46  ? 16 LYS A HB2  1 
ATOM 208  H HB3  . LYS A 1 16 ? -1.681  6.699   -4.080  1.00 0.46  ? 16 LYS A HB3  1 
ATOM 209  H HG2  . LYS A 1 16 ? -2.796  8.546   -5.424  1.00 0.46  ? 16 LYS A HG2  1 
ATOM 210  H HG3  . LYS A 1 16 ? -4.251  8.233   -4.478  1.00 0.46  ? 16 LYS A HG3  1 
ATOM 211  H HD2  . LYS A 1 16 ? -1.920  8.473   -2.744  1.00 0.46  ? 16 LYS A HD2  1 
ATOM 212  H HD3  . LYS A 1 16 ? -2.099  9.899   -3.764  1.00 0.46  ? 16 LYS A HD3  1 
ATOM 213  H HE2  . LYS A 1 16 ? -3.448  10.421  -1.896  1.00 0.46  ? 16 LYS A HE2  1 
ATOM 214  H HE3  . LYS A 1 16 ? -4.627  9.775   -3.054  1.00 0.46  ? 16 LYS A HE3  1 
ATOM 215  H HZ1  . LYS A 1 16 ? -3.211  8.183   -0.980  1.00 0.46  ? 16 LYS A HZ1  1 
ATOM 216  H HZ2  . LYS A 1 16 ? -4.825  8.697   -0.881  1.00 0.46  ? 16 LYS A HZ2  1 
ATOM 217  H HZ3  . LYS A 1 16 ? -4.360  7.590   -2.083  1.00 0.46  ? 16 LYS A HZ3  1 
ATOM 218  N N    . TYR A 1 17 ? -1.870  3.951   -4.467  1.00 0.33  ? 17 TYR A N    1 
ATOM 219  C CA   . TYR A 1 17 ? -1.683  2.459   -4.350  1.00 0.33  ? 17 TYR A CA   1 
ATOM 220  C C    . TYR A 1 17 ? -1.549  2.038   -2.868  1.00 0.33  ? 17 TYR A C    1 
ATOM 221  O O    . TYR A 1 17 ? -1.550  2.888   -1.987  1.00 0.33  ? 17 TYR A O    1 
ATOM 222  C CB   . TYR A 1 17 ? -0.430  2.106   -5.170  1.00 0.33  ? 17 TYR A CB   1 
ATOM 223  C CG   . TYR A 1 17 ? -0.402  2.874   -6.482  1.00 0.33  ? 17 TYR A CG   1 
ATOM 224  C CD1  . TYR A 1 17 ? -1.191  2.417   -7.563  1.00 0.33  ? 17 TYR A CD1  1 
ATOM 225  C CD2  . TYR A 1 17 ? 0.422   4.021   -6.641  1.00 0.33  ? 17 TYR A CD2  1 
ATOM 226  C CE1  . TYR A 1 17 ? -1.174  3.097   -8.799  1.00 0.33  ? 17 TYR A CE1  1 
ATOM 227  C CE2  . TYR A 1 17 ? 0.449   4.706   -7.887  1.00 0.33  ? 17 TYR A CE2  1 
ATOM 228  C CZ   . TYR A 1 17 ? -0.352  4.245   -8.969  1.00 0.33  ? 17 TYR A CZ   1 
ATOM 229  O OH   . TYR A 1 17 ? -0.326  4.909   -10.181 1.00 0.33  ? 17 TYR A OH   1 
ATOM 230  H H    . TYR A 1 17 ? -1.354  4.561   -3.885  1.00 0.33  ? 17 TYR A H    1 
ATOM 231  H HA   . TYR A 1 17 ? -2.546  1.968   -4.785  1.00 0.33  ? 17 TYR A HA   1 
ATOM 232  H HB2  . TYR A 1 17 ? 0.473   2.319   -4.599  1.00 0.33  ? 17 TYR A HB2  1 
ATOM 233  H HB3  . TYR A 1 17 ? -0.478  1.052   -5.404  1.00 0.33  ? 17 TYR A HB3  1 
ATOM 234  H HD1  . TYR A 1 17 ? -1.810  1.556   -7.439  1.00 0.33  ? 17 TYR A HD1  1 
ATOM 235  H HD2  . TYR A 1 17 ? 1.015   4.378   -5.818  1.00 0.33  ? 17 TYR A HD2  1 
ATOM 236  H HE1  . TYR A 1 17 ? -1.789  2.737   -9.610  1.00 0.33  ? 17 TYR A HE1  1 
ATOM 237  H HE2  . TYR A 1 17 ? 1.081   5.571   -8.012  1.00 0.33  ? 17 TYR A HE2  1 
ATOM 238  H HH   . TYR A 1 17 ? -0.712  5.778   -10.052 1.00 0.33  ? 17 TYR A HH   1 
ATOM 239  N N    . CYS A 1 18 ? -1.489  0.731   -2.563  1.00 0.61  ? 18 CYS A N    1 
ATOM 240  C CA   . CYS A 1 18 ? -1.438  0.322   -1.129  1.00 0.61  ? 18 CYS A CA   1 
ATOM 241  C C    . CYS A 1 18 ? -0.494  -0.831  -0.875  1.00 0.61  ? 18 CYS A C    1 
ATOM 242  O O    . CYS A 1 18 ? 0.015   -1.477  -1.776  1.00 0.61  ? 18 CYS A O    1 
ATOM 243  C CB   . CYS A 1 18 ? -2.850  -0.169  -0.789  1.00 0.61  ? 18 CYS A CB   1 
ATOM 244  S SG   . CYS A 1 18 ? -4.001  1.210   -0.822  1.00 0.61  ? 18 CYS A SG   1 
ATOM 245  H H    . CYS A 1 18 ? -1.520  0.035   -3.264  1.00 0.61  ? 18 CYS A H    1 
ATOM 246  H HA   . CYS A 1 18 ? -1.188  1.166   -0.500  1.00 0.61  ? 18 CYS A HA   1 
ATOM 247  H HB2  . CYS A 1 18 ? -3.163  -0.909  -1.516  1.00 0.61  ? 18 CYS A HB2  1 
ATOM 248  H HB3  . CYS A 1 18 ? -2.860  -0.612  0.197   1.00 0.61  ? 18 CYS A HB3  1 
ATOM 249  N N    . CYS A 1 19 ? -0.258  -1.103  0.374   0.50 1.09  ? 19 CYS A N    1 
ATOM 250  C CA   . CYS A 1 19 ? 0.651   -2.211  0.763   0.50 1.09  ? 19 CYS A CA   1 
ATOM 251  C C    . CYS A 1 19 ? 0.030   -3.002  1.911   0.50 1.09  ? 19 CYS A C    1 
ATOM 252  O O    . CYS A 1 19 ? -0.237  -2.464  2.972   0.50 1.09  ? 19 CYS A O    1 
ATOM 253  C CB   . CYS A 1 19 ? 1.896   -1.471  1.205   0.50 1.09  ? 19 CYS A CB   1 
ATOM 254  S SG   . CYS A 1 19 ? 1.366   -0.039  2.161   0.50 1.09  ? 19 CYS A SG   1 
ATOM 255  H H    . CYS A 1 19 ? -0.685  -0.562  1.076   0.50 1.09  ? 19 CYS A H    1 
ATOM 256  H HA   . CYS A 1 19 ? 0.868   -2.847  -0.080  0.50 1.09  ? 19 CYS A HA   1 
ATOM 257  H HB2  . CYS A 1 19 ? 2.520   -2.111  1.815   0.50 1.09  ? 19 CYS A HB2  1 
ATOM 258  H HB3  . CYS A 1 19 ? 2.449   -1.140  0.338   0.50 1.09  ? 19 CYS A HB3  1 
ATOM 259  N N    . SER A 1 20 ? -0.221  -4.271  1.701   0.50 11.41 ? 20 SER A N    1 
ATOM 260  C CA   . SER A 1 20 ? -0.849  -5.085  2.777   0.50 11.41 ? 20 SER A CA   1 
ATOM 261  C C    . SER A 1 20 ? -0.736  -6.587  2.478   0.50 11.41 ? 20 SER A C    1 
ATOM 262  O O    . SER A 1 20 ? -1.446  -7.094  1.632   0.50 11.41 ? 20 SER A O    1 
ATOM 263  C CB   . SER A 1 20 ? -2.317  -4.664  2.764   0.50 11.41 ? 20 SER A CB   1 
ATOM 264  O OG   . SER A 1 20 ? -2.916  -5.096  1.548   0.50 11.41 ? 20 SER A OG   1 
ATOM 265  H H    . SER A 1 20 ? -0.011  -4.680  0.834   0.50 11.41 ? 20 SER A H    1 
ATOM 266  H HA   . SER A 1 20 ? -0.410  -4.850  3.733   0.50 11.41 ? 20 SER A HA   1 
ATOM 267  H HB2  . SER A 1 20 ? -2.835  -5.116  3.595   0.50 11.41 ? 20 SER A HB2  1 
ATOM 268  H HB3  . SER A 1 20 ? -2.382  -3.588  2.843   0.50 11.41 ? 20 SER A HB3  1 
ATOM 269  H HG   . SER A 1 20 ? -2.573  -4.550  0.837   0.50 11.41 ? 20 SER A HG   1 
ATOM 270  N N    . PRO A 1 21 ? 0.120   -7.269  3.206   0.50 40.00 ? 21 PRO A N    1 
ATOM 271  C CA   . PRO A 1 21 ? 0.253   -8.731  3.015   0.50 40.00 ? 21 PRO A CA   1 
ATOM 272  C C    . PRO A 1 21 ? -1.000  -9.417  3.583   0.50 40.00 ? 21 PRO A C    1 
ATOM 273  O O    . PRO A 1 21 ? -1.407  -10.472 3.136   0.50 40.00 ? 21 PRO A O    1 
ATOM 274  C CB   . PRO A 1 21 ? 1.504   -9.089  3.815   0.50 40.00 ? 21 PRO A CB   1 
ATOM 275  C CG   . PRO A 1 21 ? 1.622   -8.014  4.848   0.50 40.00 ? 21 PRO A CG   1 
ATOM 276  C CD   . PRO A 1 21 ? 1.026   -6.767  4.251   0.50 40.00 ? 21 PRO A CD   1 
ATOM 277  H HA   . PRO A 1 21 ? 0.386   -8.970  1.974   0.50 40.00 ? 21 PRO A HA   1 
ATOM 278  H HB2  . PRO A 1 21 ? 1.388   -10.058 4.282   0.50 40.00 ? 21 PRO A HB2  1 
ATOM 279  H HB3  . PRO A 1 21 ? 2.374   -9.081  3.174   0.50 40.00 ? 21 PRO A HB3  1 
ATOM 280  H HG2  . PRO A 1 21 ? 1.076   -8.294  5.740   0.50 40.00 ? 21 PRO A HG2  1 
ATOM 281  H HG3  . PRO A 1 21 ? 2.662   -7.842  5.087   0.50 40.00 ? 21 PRO A HG3  1 
ATOM 282  H HD2  . PRO A 1 21 ? 0.470   -6.218  4.998   0.50 40.00 ? 21 PRO A HD2  1 
ATOM 283  H HD3  . PRO A 1 21 ? 1.790   -6.147  3.813   0.50 40.00 ? 21 PRO A HD3  1 
ATOM 284  N N    . ILE A 1 22 ? -1.624  -8.794  4.557   0.50 40.00 ? 22 ILE A N    1 
ATOM 285  C CA   . ILE A 1 22 ? -2.867  -9.357  5.163   0.50 40.00 ? 22 ILE A CA   1 
ATOM 286  C C    . ILE A 1 22 ? -3.800  -8.198  5.566   0.50 40.00 ? 22 ILE A C    1 
ATOM 287  O O    . ILE A 1 22 ? -4.958  -8.161  5.198   0.50 40.00 ? 22 ILE A O    1 
ATOM 288  C CB   . ILE A 1 22 ? -2.408  -10.212 6.375   0.50 40.00 ? 22 ILE A CB   1 
ATOM 289  C CG1  . ILE A 1 22 ? -3.635  -10.674 7.175   0.50 40.00 ? 22 ILE A CG1  1 
ATOM 290  C CG2  . ILE A 1 22 ? -1.467  -9.424  7.302   0.50 40.00 ? 22 ILE A CG2  1 
ATOM 291  C CD1  . ILE A 1 22 ? -3.202  -11.651 8.272   0.50 40.00 ? 22 ILE A CD1  1 
ATOM 292  H H    . ILE A 1 22 ? -1.278  -7.938  4.881   0.50 40.00 ? 22 ILE A H    1 
ATOM 293  H HA   . ILE A 1 22 ? -3.365  -9.982  4.446   0.50 40.00 ? 22 ILE A HA   1 
ATOM 294  H HB   . ILE A 1 22 ? -1.882  -11.080 6.007   0.50 40.00 ? 22 ILE A HB   1 
ATOM 295  H HG12 . ILE A 1 22 ? -4.113  -9.818  7.626   0.50 40.00 ? 22 ILE A HG12 1 
ATOM 296  H HG13 . ILE A 1 22 ? -4.332  -11.168 6.514   0.50 40.00 ? 22 ILE A HG13 1 
ATOM 297  H HG21 . ILE A 1 22 ? -0.814  -8.796  6.715   0.50 40.00 ? 22 ILE A HG21 1 
ATOM 298  H HG22 . ILE A 1 22 ? -2.053  -8.810  7.970   0.50 40.00 ? 22 ILE A HG22 1 
ATOM 299  H HG23 . ILE A 1 22 ? -0.873  -10.116 7.880   0.50 40.00 ? 22 ILE A HG23 1 
ATOM 300  H HD11 . ILE A 1 22 ? -2.339  -11.254 8.787   0.50 40.00 ? 22 ILE A HD11 1 
ATOM 301  H HD12 . ILE A 1 22 ? -4.011  -11.784 8.975   0.50 40.00 ? 22 ILE A HD12 1 
ATOM 302  H HD13 . ILE A 1 22 ? -2.950  -12.603 7.829   0.50 40.00 ? 22 ILE A HD13 1 
ATOM 303  N N    . GLY A 1 23 ? -3.292  -7.257  6.307   0.50 25.51 ? 23 GLY A N    1 
ATOM 304  C CA   . GLY A 1 23 ? -4.096  -6.078  6.747   0.50 25.51 ? 23 GLY A CA   1 
ATOM 305  C C    . GLY A 1 23 ? -3.469  -5.327  7.908   0.50 25.51 ? 23 GLY A C    1 
ATOM 306  O O    . GLY A 1 23 ? -3.712  -4.147  8.081   0.50 25.51 ? 23 GLY A O    1 
ATOM 307  H H    . GLY A 1 23 ? -2.352  -7.316  6.590   0.50 25.51 ? 23 GLY A H    1 
ATOM 308  H HA2  . GLY A 1 23 ? -4.195  -5.460  5.886   0.50 25.51 ? 23 GLY A HA2  1 
ATOM 309  H HA3  . GLY A 1 23 ? -5.079  -6.423  7.038   0.50 25.51 ? 23 GLY A HA3  1 
ATOM 310  N N    . LYS A 1 24 ? -2.674  -5.992  8.721   0.50 40.00 ? 24 LYS A N    1 
ATOM 311  C CA   . LYS A 1 24 ? -2.043  -5.295  9.891   0.50 40.00 ? 24 LYS A CA   1 
ATOM 312  C C    . LYS A 1 24 ? -1.376  -3.983  9.434   0.50 40.00 ? 24 LYS A C    1 
ATOM 313  O O    . LYS A 1 24 ? -1.202  -3.061  10.208  0.50 40.00 ? 24 LYS A O    1 
ATOM 314  C CB   . LYS A 1 24 ? -1.036  -6.295  10.480  0.50 40.00 ? 24 LYS A CB   1 
ATOM 315  C CG   . LYS A 1 24 ? 0.123   -6.543  9.512   0.50 40.00 ? 24 LYS A CG   1 
ATOM 316  C CD   . LYS A 1 24 ? 0.866   -7.813  9.933   0.50 40.00 ? 24 LYS A CD   1 
ATOM 317  C CE   . LYS A 1 24 ? 1.932   -7.460  10.972  0.50 40.00 ? 24 LYS A CE   1 
ATOM 318  N NZ   . LYS A 1 24 ? 1.893   -8.573  11.961  0.50 40.00 ? 24 LYS A NZ   1 
ATOM 319  H H    . LYS A 1 24 ? -2.506  -6.945  8.567   0.50 40.00 ? 24 LYS A H    1 
ATOM 320  H HA   . LYS A 1 24 ? -2.798  -5.077  10.627  0.50 40.00 ? 24 LYS A HA   1 
ATOM 321  H HB2  . LYS A 1 24 ? -0.648  -5.901  11.406  0.50 40.00 ? 24 LYS A HB2  1 
ATOM 322  H HB3  . LYS A 1 24 ? -1.542  -7.229  10.677  0.50 40.00 ? 24 LYS A HB3  1 
ATOM 323  H HG2  . LYS A 1 24 ? -0.261  -6.662  8.509   0.50 40.00 ? 24 LYS A HG2  1 
ATOM 324  H HG3  . LYS A 1 24 ? 0.801   -5.705  9.546   0.50 40.00 ? 24 LYS A HG3  1 
ATOM 325  H HD2  . LYS A 1 24 ? 0.164   -8.514  10.362  0.50 40.00 ? 24 LYS A HD2  1 
ATOM 326  H HD3  . LYS A 1 24 ? 1.339   -8.257  9.071   0.50 40.00 ? 24 LYS A HD3  1 
ATOM 327  H HE2  . LYS A 1 24 ? 2.906   -7.403  10.504  0.50 40.00 ? 24 LYS A HE2  1 
ATOM 328  H HE3  . LYS A 1 24 ? 1.691   -6.527  11.457  0.50 40.00 ? 24 LYS A HE3  1 
ATOM 329  H HZ1  . LYS A 1 24 ? 2.004   -9.482  11.467  0.50 40.00 ? 24 LYS A HZ1  1 
ATOM 330  H HZ2  . LYS A 1 24 ? 2.668   -8.454  12.646  0.50 40.00 ? 24 LYS A HZ2  1 
ATOM 331  H HZ3  . LYS A 1 24 ? 0.983   -8.562  12.461  0.50 40.00 ? 24 LYS A HZ3  1 
ATOM 332  N N    . TYR A 1 25 ? -1.045  -3.892  8.167   0.50 6.82  ? 25 TYR A N    1 
ATOM 333  C CA   . TYR A 1 25 ? -0.441  -2.651  7.628   0.50 6.82  ? 25 TYR A CA   1 
ATOM 334  C C    . TYR A 1 25 ? -1.519  -1.794  6.936   0.50 6.82  ? 25 TYR A C    1 
ATOM 335  O O    . TYR A 1 25 ? -1.882  -0.740  7.419   0.50 6.82  ? 25 TYR A O    1 
ATOM 336  C CB   . TYR A 1 25 ? 0.584   -3.134  6.603   0.50 6.82  ? 25 TYR A CB   1 
ATOM 337  C CG   . TYR A 1 25 ? 1.713   -3.846  7.306   0.50 6.82  ? 25 TYR A CG   1 
ATOM 338  C CD1  . TYR A 1 25 ? 2.736   -3.098  7.949   0.50 6.82  ? 25 TYR A CD1  1 
ATOM 339  C CD2  . TYR A 1 25 ? 1.763   -5.266  7.311   0.50 6.82  ? 25 TYR A CD2  1 
ATOM 340  C CE1  . TYR A 1 25 ? 3.809   -3.769  8.595   0.50 6.82  ? 25 TYR A CE1  1 
ATOM 341  C CE2  . TYR A 1 25 ? 2.833   -5.939  7.960   0.50 6.82  ? 25 TYR A CE2  1 
ATOM 342  C CZ   . TYR A 1 25 ? 3.857   -5.190  8.601   0.50 6.82  ? 25 TYR A CZ   1 
ATOM 343  O OH   . TYR A 1 25 ? 4.901   -5.840  9.225   0.50 6.82  ? 25 TYR A OH   1 
ATOM 344  H H    . TYR A 1 25 ? -1.210  -4.639  7.560   0.50 6.82  ? 25 TYR A H    1 
ATOM 345  H HA   . TYR A 1 25 ? 0.048   -2.094  8.409   0.50 6.82  ? 25 TYR A HA   1 
ATOM 346  H HB2  . TYR A 1 25 ? 0.105   -3.813  5.915   0.50 6.82  ? 25 TYR A HB2  1 
ATOM 347  H HB3  . TYR A 1 25 ? 0.974   -2.287  6.061   0.50 6.82  ? 25 TYR A HB3  1 
ATOM 348  H HD1  . TYR A 1 25 ? 2.698   -2.019  7.945   0.50 6.82  ? 25 TYR A HD1  1 
ATOM 349  H HD2  . TYR A 1 25 ? 0.981   -5.837  6.830   0.50 6.82  ? 25 TYR A HD2  1 
ATOM 350  H HE1  . TYR A 1 25 ? 4.586   -3.201  9.085   0.50 6.82  ? 25 TYR A HE1  1 
ATOM 351  H HE2  . TYR A 1 25 ? 2.871   -7.019  7.964   0.50 6.82  ? 25 TYR A HE2  1 
ATOM 352  H HH   . TYR A 1 25 ? 4.533   -6.538  9.770   0.50 6.82  ? 25 TYR A HH   1 
ATOM 353  N N    . CYS A 1 26 ? -2.009  -2.236  5.780   0.50 1.33  ? 26 CYS A N    1 
ATOM 354  C CA   . CYS A 1 26 ? -3.039  -1.446  5.001   0.50 1.33  ? 26 CYS A CA   1 
ATOM 355  C C    . CYS A 1 26 ? -2.612  0.015   4.939   0.50 1.33  ? 26 CYS A C    1 
ATOM 356  O O    . CYS A 1 26 ? -3.288  0.903   5.426   0.50 1.33  ? 26 CYS A O    1 
ATOM 357  C CB   . CYS A 1 26 ? -4.378  -1.591  5.732   0.50 1.33  ? 26 CYS A CB   1 
ATOM 358  S SG   . CYS A 1 26 ? -5.663  -0.716  4.795   0.50 1.33  ? 26 CYS A SG   1 
ATOM 359  H H    . CYS A 1 26 ? -1.673  -3.080  5.410   0.50 1.33  ? 26 CYS A H    1 
ATOM 360  H HA   . CYS A 1 26 ? -3.126  -1.843  3.999   0.50 1.33  ? 26 CYS A HA   1 
ATOM 361  H HB2  . CYS A 1 26 ? -4.641  -2.633  5.802   0.50 1.33  ? 26 CYS A HB2  1 
ATOM 362  H HB3  . CYS A 1 26 ? -4.303  -1.166  6.722   0.50 1.33  ? 26 CYS A HB3  1 
ATOM 363  N N    . VAL A 1 27 ? -1.469  0.249   4.366   1.00 0.62  ? 27 VAL A N    1 
ATOM 364  C CA   . VAL A 1 27 ? -0.937  1.640   4.287   1.00 0.62  ? 27 VAL A CA   1 
ATOM 365  C C    . VAL A 1 27 ? -0.823  2.080   2.830   1.00 0.62  ? 27 VAL A C    1 
ATOM 366  O O    . VAL A 1 27 ? -0.129  1.473   2.044   1.00 0.62  ? 27 VAL A O    1 
ATOM 367  C CB   . VAL A 1 27 ? 0.435   1.600   4.967   1.00 0.62  ? 27 VAL A CB   1 
ATOM 368  C CG1  . VAL A 1 27 ? 0.840   3.025   5.321   1.00 0.62  ? 27 VAL A CG1  1 
ATOM 369  C CG2  . VAL A 1 27 ? 0.374   0.774   6.262   1.00 0.62  ? 27 VAL A CG2  1 
ATOM 370  H H    . VAL A 1 27 ? -0.941  -0.516  3.999   1.00 0.62  ? 27 VAL A H    1 
ATOM 371  H HA   . VAL A 1 27 ? -1.583  2.314   4.826   1.00 0.62  ? 27 VAL A HA   1 
ATOM 372  H HB   . VAL A 1 27 ? 1.158   1.166   4.291   1.00 0.62  ? 27 VAL A HB   1 
ATOM 373  H HG11 . VAL A 1 27 ? 0.432   3.704   4.588   1.00 0.62  ? 27 VAL A HG11 1 
ATOM 374  H HG12 . VAL A 1 27 ? 0.450   3.276   6.297   1.00 0.62  ? 27 VAL A HG12 1 
ATOM 375  H HG13 . VAL A 1 27 ? 1.914   3.101   5.329   1.00 0.62  ? 27 VAL A HG13 1 
ATOM 376  H HG21 . VAL A 1 27 ? -0.491  1.069   6.837   1.00 0.62  ? 27 VAL A HG21 1 
ATOM 377  H HG22 . VAL A 1 27 ? 0.297   -0.274  6.014   1.00 0.62  ? 27 VAL A HG22 1 
ATOM 378  H HG23 . VAL A 1 27 ? 1.268   0.942   6.844   1.00 0.62  ? 27 VAL A HG23 1 
ATOM 379  N N    . CYS A 1 28 ? -1.525  3.123   2.461   1.00 0.34  ? 28 CYS A N    1 
ATOM 380  C CA   . CYS A 1 28 ? -1.477  3.586   1.043   1.00 0.34  ? 28 CYS A CA   1 
ATOM 381  C C    . CYS A 1 28 ? -0.894  4.985   0.929   1.00 0.34  ? 28 CYS A C    1 
ATOM 382  O O    . CYS A 1 28 ? -0.947  5.775   1.853   1.00 0.34  ? 28 CYS A O    1 
ATOM 383  C CB   . CYS A 1 28 ? -2.931  3.617   0.588   1.00 0.34  ? 28 CYS A CB   1 
ATOM 384  S SG   . CYS A 1 28 ? -3.739  2.056   0.983   1.00 0.34  ? 28 CYS A SG   1 
ATOM 385  H H    . CYS A 1 28 ? -2.097  3.587   3.110   1.00 0.34  ? 28 CYS A H    1 
ATOM 386  H HA   . CYS A 1 28 ? -0.907  2.895   0.441   1.00 0.34  ? 28 CYS A HA   1 
ATOM 387  H HB2  . CYS A 1 28 ? -3.443  4.412   1.099   1.00 0.34  ? 28 CYS A HB2  1 
ATOM 388  H HB3  . CYS A 1 28 ? -2.970  3.787   -0.481  1.00 0.34  ? 28 CYS A HB3  1 
ATOM 389  N N    . TYR A 1 29 ? -0.347  5.289   -0.216  1.00 0.43  ? 29 TYR A N    1 
ATOM 390  C CA   . TYR A 1 29 ? 0.238   6.629   -0.437  1.00 0.43  ? 29 TYR A CA   1 
ATOM 391  C C    . TYR A 1 29 ? 0.185   6.972   -1.913  1.00 0.43  ? 29 TYR A C    1 
ATOM 392  O O    . TYR A 1 29 ? -0.137  6.135   -2.729  1.00 0.43  ? 29 TYR A O    1 
ATOM 393  C CB   . TYR A 1 29 ? 1.685   6.515   -0.076  1.00 0.43  ? 29 TYR A CB   1 
ATOM 394  C CG   . TYR A 1 29 ? 1.884   6.167   1.349   1.00 0.43  ? 29 TYR A CG   1 
ATOM 395  C CD1  . TYR A 1 29 ? 1.921   4.814   1.724   1.00 0.43  ? 29 TYR A CD1  1 
ATOM 396  C CD2  . TYR A 1 29 ? 2.137   7.188   2.292   1.00 0.43  ? 29 TYR A CD2  1 
ATOM 397  C CE1  . TYR A 1 29 ? 2.210   4.464   3.058   1.00 0.43  ? 29 TYR A CE1  1 
ATOM 398  C CE2  . TYR A 1 29 ? 2.413   6.853   3.637   1.00 0.43  ? 29 TYR A CE2  1 
ATOM 399  C CZ   . TYR A 1 29 ? 2.454   5.486   4.027   1.00 0.43  ? 29 TYR A CZ   1 
ATOM 400  O OH   . TYR A 1 29 ? 2.741   5.153   5.335   1.00 0.43  ? 29 TYR A OH   1 
ATOM 401  H H    . TYR A 1 29 ? -0.330  4.628   -0.943  1.00 0.43  ? 29 TYR A H    1 
ATOM 402  H HA   . TYR A 1 29 ? -0.242  7.365   0.171   1.00 0.43  ? 29 TYR A HA   1 
ATOM 403  H HB2  . TYR A 1 29 ? 2.138   5.751   -0.679  1.00 0.43  ? 29 TYR A HB2  1 
ATOM 404  H HB3  . TYR A 1 29 ? 2.154   7.454   -0.271  1.00 0.43  ? 29 TYR A HB3  1 
ATOM 405  H HD1  . TYR A 1 29 ? 1.704   4.046   0.987   1.00 0.43  ? 29 TYR A HD1  1 
ATOM 406  H HD2  . TYR A 1 29 ? 2.108   8.222   1.983   1.00 0.43  ? 29 TYR A HD2  1 
ATOM 407  H HE1  . TYR A 1 29 ? 2.247   3.431   3.333   1.00 0.43  ? 29 TYR A HE1  1 
ATOM 408  H HE2  . TYR A 1 29 ? 2.602   7.633   4.354   1.00 0.43  ? 29 TYR A HE2  1 
ATOM 409  H HH   . TYR A 1 29 ? 1.978   5.377   5.873   1.00 0.43  ? 29 TYR A HH   1 
ATOM 410  N N    . ASP A 1 30 ? 0.548   8.177   -2.266  1.00 0.82  ? 30 ASP A N    1 
ATOM 411  C CA   . ASP A 1 30 ? 0.556   8.554   -3.701  1.00 0.82  ? 30 ASP A CA   1 
ATOM 412  C C    . ASP A 1 30 ? 1.817   8.025   -4.396  1.00 0.82  ? 30 ASP A C    1 
ATOM 413  O O    . ASP A 1 30 ? 1.765   7.591   -5.532  1.00 0.82  ? 30 ASP A O    1 
ATOM 414  C CB   . ASP A 1 30 ? 0.483   10.080  -3.712  1.00 0.82  ? 30 ASP A CB   1 
ATOM 415  C CG   . ASP A 1 30 ? 1.800   10.696  -3.220  1.00 0.82  ? 30 ASP A CG   1 
ATOM 416  O OD1  . ASP A 1 30 ? 1.980   10.777  -2.016  1.00 0.82  ? 30 ASP A OD1  1 
ATOM 417  O OD2  . ASP A 1 30 ? 2.601   11.077  -4.057  1.00 0.82  ? 30 ASP A OD2  1 
ATOM 418  H H    . ASP A 1 30 ? 0.840   8.827   -1.589  1.00 0.82  ? 30 ASP A H    1 
ATOM 419  H HA   . ASP A 1 30 ? -0.308  8.156   -4.183  1.00 0.82  ? 30 ASP A HA   1 
ATOM 420  H HB2  . ASP A 1 30 ? 0.278   10.407  -4.717  1.00 0.82  ? 30 ASP A HB2  1 
ATOM 421  H HB3  . ASP A 1 30 ? -0.318  10.395  -3.060  1.00 0.82  ? 30 ASP A HB3  1 
ATOM 422  N N    . SER A 1 31 ? 2.937   8.031   -3.716  1.00 1.01  ? 31 SER A N    1 
ATOM 423  C CA   . SER A 1 31 ? 4.188   7.498   -4.337  1.00 1.01  ? 31 SER A CA   1 
ATOM 424  C C    . SER A 1 31 ? 4.162   5.976   -4.226  1.00 1.01  ? 31 SER A C    1 
ATOM 425  O O    . SER A 1 31 ? 4.349   5.460   -3.145  1.00 1.01  ? 31 SER A O    1 
ATOM 426  C CB   . SER A 1 31 ? 5.337   8.089   -3.529  1.00 1.01  ? 31 SER A CB   1 
ATOM 427  O OG   . SER A 1 31 ? 5.052   9.450   -3.225  1.00 1.01  ? 31 SER A OG   1 
ATOM 428  H H    . SER A 1 31 ? 2.945   8.347   -2.778  1.00 1.01  ? 31 SER A H    1 
ATOM 429  H HA   . SER A 1 31 ? 4.283   7.805   -5.355  1.00 1.01  ? 31 SER A HA   1 
ATOM 430  H HB2  . SER A 1 31 ? 5.457   7.534   -2.629  1.00 1.01  ? 31 SER A HB2  1 
ATOM 431  H HB3  . SER A 1 31 ? 6.254   8.034   -4.115  1.00 1.01  ? 31 SER A HB3  1 
ATOM 432  H HG   . SER A 1 31 ? 4.527   9.471   -2.423  1.00 1.01  ? 31 SER A HG   1 
ATOM 433  N N    . LYS A 1 32 ? 3.927   5.233   -5.307  1.00 1.00  ? 32 LYS A N    1 
ATOM 434  C CA   . LYS A 1 32 ? 3.909   3.722   -5.193  1.00 1.00  ? 32 LYS A CA   1 
ATOM 435  C C    . LYS A 1 32 ? 5.172   3.287   -4.406  1.00 1.00  ? 32 LYS A C    1 
ATOM 436  O O    . LYS A 1 32 ? 5.171   2.328   -3.666  1.00 1.00  ? 32 LYS A O    1 
ATOM 437  C CB   . LYS A 1 32 ? 3.880   3.190   -6.661  1.00 1.00  ? 32 LYS A CB   1 
ATOM 438  C CG   . LYS A 1 32 ? 5.264   3.262   -7.336  1.00 1.00  ? 32 LYS A CG   1 
ATOM 439  C CD   . LYS A 1 32 ? 5.239   2.432   -8.635  1.00 1.00  ? 32 LYS A CD   1 
ATOM 440  C CE   . LYS A 1 32 ? 4.678   3.297   -9.780  1.00 1.00  ? 32 LYS A CE   1 
ATOM 441  N NZ   . LYS A 1 32 ? 4.621   2.383   -10.954 1.00 1.00  ? 32 LYS A NZ   1 
ATOM 442  H H    . LYS A 1 32 ? 3.767   5.661   -6.176  1.00 1.00  ? 32 LYS A H    1 
ATOM 443  H HA   . LYS A 1 32 ? 3.005   3.396   -4.654  1.00 1.00  ? 32 LYS A HA   1 
ATOM 444  H HB2  . LYS A 1 32 ? 3.537   2.158   -6.673  1.00 1.00  ? 32 LYS A HB2  1 
ATOM 445  H HB3  . LYS A 1 32 ? 3.186   3.796   -7.234  1.00 1.00  ? 32 LYS A HB3  1 
ATOM 446  H HG2  . LYS A 1 32 ? 5.495   4.288   -7.576  1.00 1.00  ? 32 LYS A HG2  1 
ATOM 447  H HG3  . LYS A 1 32 ? 6.014   2.869   -6.665  1.00 1.00  ? 32 LYS A HG3  1 
ATOM 448  H HD2  . LYS A 1 32 ? 6.247   2.106   -8.885  1.00 1.00  ? 32 LYS A HD2  1 
ATOM 449  H HD3  . LYS A 1 32 ? 4.608   1.560   -8.501  1.00 1.00  ? 32 LYS A HD3  1 
ATOM 450  H HE2  . LYS A 1 32 ? 3.686   3.658   -9.533  1.00 1.00  ? 32 LYS A HE2  1 
ATOM 451  H HE3  . LYS A 1 32 ? 5.337   4.130   -9.992  1.00 1.00  ? 32 LYS A HE3  1 
ATOM 452  H HZ1  . LYS A 1 32 ? 5.525   1.878   -11.046 1.00 1.00  ? 32 LYS A HZ1  1 
ATOM 453  H HZ2  . LYS A 1 32 ? 3.855   1.694   -10.818 1.00 1.00  ? 32 LYS A HZ2  1 
ATOM 454  H HZ3  . LYS A 1 32 ? 4.443   2.937   -11.816 1.00 1.00  ? 32 LYS A HZ3  1 
ATOM 455  N N    . ALA A 1 33 ? 6.233   4.053   -4.534  1.00 1.88  ? 33 ALA A N    1 
ATOM 456  C CA   . ALA A 1 33 ? 7.466   3.786   -3.765  1.00 1.88  ? 33 ALA A CA   1 
ATOM 457  C C    . ALA A 1 33 ? 7.190   3.931   -2.265  1.00 1.88  ? 33 ALA A C    1 
ATOM 458  O O    . ALA A 1 33 ? 7.590   3.094   -1.498  1.00 1.88  ? 33 ALA A O    1 
ATOM 459  C CB   . ALA A 1 33 ? 8.466   4.854   -4.212  1.00 1.88  ? 33 ALA A CB   1 
ATOM 460  H H    . ALA A 1 33 ? 6.200   4.838   -5.103  1.00 1.88  ? 33 ALA A H    1 
ATOM 461  H HA   . ALA A 1 33 ? 7.836   2.794   -3.987  1.00 1.88  ? 33 ALA A HA   1 
ATOM 462  H HB1  . ALA A 1 33 ? 8.545   4.853   -5.290  1.00 1.88  ? 33 ALA A HB1  1 
ATOM 463  H HB2  . ALA A 1 33 ? 8.118   5.824   -3.879  1.00 1.88  ? 33 ALA A HB2  1 
ATOM 464  H HB3  . ALA A 1 33 ? 9.435   4.653   -3.778  1.00 1.88  ? 33 ALA A HB3  1 
ATOM 465  N N    . ILE A 1 34 ? 6.515   4.993   -1.827  1.00 1.01  ? 34 ILE A N    1 
ATOM 466  C CA   . ILE A 1 34 ? 6.244   5.146   -0.374  1.00 1.01  ? 34 ILE A CA   1 
ATOM 467  C C    . ILE A 1 34 ? 5.434   3.960   0.123   1.00 1.01  ? 34 ILE A C    1 
ATOM 468  O O    . ILE A 1 34 ? 5.539   3.543   1.257   1.00 1.01  ? 34 ILE A O    1 
ATOM 469  C CB   . ILE A 1 34 ? 5.499   6.460   -0.265  1.00 1.01  ? 34 ILE A CB   1 
ATOM 470  C CG1  . ILE A 1 34 ? 6.509   7.596   -0.422  1.00 1.01  ? 34 ILE A CG1  1 
ATOM 471  C CG2  . ILE A 1 34 ? 4.830   6.592   1.114   1.00 1.01  ? 34 ILE A CG2  1 
ATOM 472  C CD1  . ILE A 1 34 ? 5.795   8.924   -0.206  1.00 1.01  ? 34 ILE A CD1  1 
ATOM 473  H H    . ILE A 1 34 ? 6.169   5.679   -2.445  1.00 1.01  ? 34 ILE A H    1 
ATOM 474  H HA   . ILE A 1 34 ? 7.155   5.210   0.152   1.00 1.01  ? 34 ILE A HA   1 
ATOM 475  H HB   . ILE A 1 34 ? 4.767   6.513   -1.069  1.00 1.01  ? 34 ILE A HB   1 
ATOM 476  H HG12 . ILE A 1 34 ? 7.294   7.482   0.314   1.00 1.01  ? 34 ILE A HG12 1 
ATOM 477  H HG13 . ILE A 1 34 ? 6.939   7.570   -1.410  1.00 1.01  ? 34 ILE A HG13 1 
ATOM 478  H HG21 . ILE A 1 34 ? 4.247   5.715   1.327   1.00 1.01  ? 34 ILE A HG21 1 
ATOM 479  H HG22 . ILE A 1 34 ? 5.592   6.707   1.870   1.00 1.01  ? 34 ILE A HG22 1 
ATOM 480  H HG23 . ILE A 1 34 ? 4.198   7.462   1.109   1.00 1.01  ? 34 ILE A HG23 1 
ATOM 481  H HD11 . ILE A 1 34 ? 4.777   8.836   -0.558  1.00 1.01  ? 34 ILE A HD11 1 
ATOM 482  H HD12 . ILE A 1 34 ? 5.788   9.146   0.851   1.00 1.01  ? 34 ILE A HD12 1 
ATOM 483  H HD13 . ILE A 1 34 ? 6.304   9.702   -0.743  1.00 1.01  ? 34 ILE A HD13 1 
ATOM 484  N N    . CYS A 1 35 ? 4.634   3.419   -0.735  1.00 0.83  ? 35 CYS A N    1 
ATOM 485  C CA   . CYS A 1 35 ? 3.810   2.234   -0.341  1.00 0.83  ? 35 CYS A CA   1 
ATOM 486  C C    . CYS A 1 35 ? 4.770   1.102   0.015   1.00 0.83  ? 35 CYS A C    1 
ATOM 487  O O    . CYS A 1 35 ? 4.812   0.678   1.131   1.00 0.83  ? 35 CYS A O    1 
ATOM 488  C CB   . CYS A 1 35 ? 2.925   1.878   -1.541  1.00 0.83  ? 35 CYS A CB   1 
ATOM 489  S SG   . CYS A 1 35 ? 2.366   0.166   -1.390  1.00 0.83  ? 35 CYS A SG   1 
ATOM 490  H H    . CYS A 1 35 ? 4.592   3.797   -1.633  1.00 0.83  ? 35 CYS A H    1 
ATOM 491  H HA   . CYS A 1 35 ? 3.195   2.480   0.517   1.00 0.83  ? 35 CYS A HA   1 
ATOM 492  H HB2  . CYS A 1 35 ? 2.061   2.535   -1.560  1.00 0.83  ? 35 CYS A HB2  1 
ATOM 493  H HB3  . CYS A 1 35 ? 3.483   1.984   -2.457  1.00 0.83  ? 35 CYS A HB3  1 
ATOM 494  N N    . ASN A 1 36 ? 5.584   0.645   -0.898  1.00 2.51  ? 36 ASN A N    1 
ATOM 495  C CA   . ASN A 1 36 ? 6.573   -0.430  -0.524  1.00 2.51  ? 36 ASN A CA   1 
ATOM 496  C C    . ASN A 1 36 ? 7.449   0.036   0.673   1.00 2.51  ? 36 ASN A C    1 
ATOM 497  O O    . ASN A 1 36 ? 7.627   -0.670  1.645   1.00 2.51  ? 36 ASN A O    1 
ATOM 498  C CB   . ASN A 1 36 ? 7.442   -0.636  -1.784  1.00 2.51  ? 36 ASN A CB   1 
ATOM 499  C CG   . ASN A 1 36 ? 8.514   -1.689  -1.507  1.00 2.51  ? 36 ASN A CG   1 
ATOM 500  O OD1  . ASN A 1 36 ? 9.604   -1.369  -1.078  1.00 2.51  ? 36 ASN A OD1  1 
ATOM 501  N ND2  . ASN A 1 36 ? 8.247   -2.941  -1.739  1.00 2.51  ? 36 ASN A ND2  1 
ATOM 502  H H    . ASN A 1 36 ? 5.574   1.026   -1.815  1.00 2.51  ? 36 ASN A H    1 
ATOM 503  H HA   . ASN A 1 36 ? 6.063   -1.350  -0.265  1.00 2.51  ? 36 ASN A HA   1 
ATOM 504  H HB2  . ASN A 1 36 ? 6.822   -0.974  -2.604  1.00 2.51  ? 36 ASN A HB2  1 
ATOM 505  H HB3  . ASN A 1 36 ? 7.922   0.301   -2.057  1.00 2.51  ? 36 ASN A HB3  1 
ATOM 506  H HD21 . ASN A 1 36 ? 7.367   -3.196  -2.087  1.00 2.51  ? 36 ASN A HD21 1 
ATOM 507  H HD22 . ASN A 1 36 ? 8.924   -3.629  -1.565  1.00 2.51  ? 36 ASN A HD22 1 
ATOM 508  N N    . LYS A 1 37 ? 8.023   1.200   0.557   1.00 2.56  ? 37 LYS A N    1 
ATOM 509  C CA   . LYS A 1 37 ? 8.939   1.762   1.608   1.00 2.56  ? 37 LYS A CA   1 
ATOM 510  C C    . LYS A 1 37 ? 8.285   2.085   2.979   1.00 2.56  ? 37 LYS A C    1 
ATOM 511  O O    . LYS A 1 37 ? 8.431   1.352   3.936   1.00 2.56  ? 37 LYS A O    1 
ATOM 512  C CB   . LYS A 1 37 ? 9.509   3.034   0.957   1.00 2.56  ? 37 LYS A CB   1 
ATOM 513  C CG   . LYS A 1 37 ? 10.760  3.520   1.712   1.00 2.56  ? 37 LYS A CG   1 
ATOM 514  C CD   . LYS A 1 37 ? 10.352  4.224   3.010   1.00 2.56  ? 37 LYS A CD   1 
ATOM 515  C CE   . LYS A 1 37 ? 11.377  5.307   3.370   1.00 2.56  ? 37 LYS A CE   1 
ATOM 516  N NZ   . LYS A 1 37 ? 12.296  4.656   4.343   1.00 2.56  ? 37 LYS A NZ   1 
ATOM 517  H H    . LYS A 1 37 ? 7.871   1.717   -0.257  1.00 2.56  ? 37 LYS A H    1 
ATOM 518  H HA   . LYS A 1 37 ? 9.745   1.069   1.758   1.00 2.56  ? 37 LYS A HA   1 
ATOM 519  H HB2  . LYS A 1 37 ? 9.774   2.814   -0.067  1.00 2.56  ? 37 LYS A HB2  1 
ATOM 520  H HB3  . LYS A 1 37 ? 8.756   3.808   0.966   1.00 2.56  ? 37 LYS A HB3  1 
ATOM 521  H HG2  . LYS A 1 37 ? 11.386  2.672   1.947   1.00 2.56  ? 37 LYS A HG2  1 
ATOM 522  H HG3  . LYS A 1 37 ? 11.309  4.209   1.089   1.00 2.56  ? 37 LYS A HG3  1 
ATOM 523  H HD2  . LYS A 1 37 ? 9.389   4.679   2.876   1.00 2.56  ? 37 LYS A HD2  1 
ATOM 524  H HD3  . LYS A 1 37 ? 10.297  3.503   3.811   1.00 2.56  ? 37 LYS A HD3  1 
ATOM 525  H HE2  . LYS A 1 37 ? 11.919  5.626   2.488   1.00 2.56  ? 37 LYS A HE2  1 
ATOM 526  H HE3  . LYS A 1 37 ? 10.887  6.151   3.834   1.00 2.56  ? 37 LYS A HE3  1 
ATOM 527  H HZ1  . LYS A 1 37 ? 12.718  3.812   3.910   1.00 2.56  ? 37 LYS A HZ1  1 
ATOM 528  H HZ2  . LYS A 1 37 ? 13.050  5.321   4.606   1.00 2.56  ? 37 LYS A HZ2  1 
ATOM 529  H HZ3  . LYS A 1 37 ? 11.762  4.382   5.193   1.00 2.56  ? 37 LYS A HZ3  1 
ATOM 530  N N    . ASN A 1 38 ? 7.639   3.228   3.084   1.00 1.40  ? 38 ASN A N    1 
ATOM 531  C CA   . ASN A 1 38 ? 7.050   3.705   4.365   1.00 1.40  ? 38 ASN A CA   1 
ATOM 532  C C    . ASN A 1 38 ? 5.972   2.812   4.940   1.00 1.40  ? 38 ASN A C    1 
ATOM 533  O O    . ASN A 1 38 ? 5.653   2.887   6.114   1.00 1.40  ? 38 ASN A O    1 
ATOM 534  C CB   . ASN A 1 38 ? 6.455   5.034   3.968   1.00 1.40  ? 38 ASN A CB   1 
ATOM 535  C CG   . ASN A 1 38 ? 7.542   6.098   3.888   1.00 1.40  ? 38 ASN A CG   1 
ATOM 536  O OD1  . ASN A 1 38 ? 8.005   6.600   4.893   1.00 1.40  ? 38 ASN A OD1  1 
ATOM 537  N ND2  . ASN A 1 38 ? 7.994   6.439   2.717   1.00 1.40  ? 38 ASN A ND2  1 
ATOM 538  H H    . ASN A 1 38 ? 7.571   3.820   2.313   1.00 1.40  ? 38 ASN A H    1 
ATOM 539  H HA   . ASN A 1 38 ? 7.802   3.867   5.073   1.00 1.40  ? 38 ASN A HA   1 
ATOM 540  H HB2  . ASN A 1 38 ? 6.018   4.920   2.982   1.00 1.40  ? 38 ASN A HB2  1 
ATOM 541  H HB3  . ASN A 1 38 ? 5.711   5.316   4.680   1.00 1.40  ? 38 ASN A HB3  1 
ATOM 542  H HD21 . ASN A 1 38 ? 7.637   6.000   1.915   1.00 1.40  ? 38 ASN A HD21 1 
ATOM 543  H HD22 . ASN A 1 38 ? 8.684   7.131   2.637   1.00 1.40  ? 38 ASN A HD22 1 
ATOM 544  N N    . CYS A 1 39 ? 5.372   2.036   4.123   1.00 1.16  ? 39 CYS A N    1 
ATOM 545  C CA   . CYS A 1 39 ? 4.231   1.179   4.611   1.00 1.16  ? 39 CYS A CA   1 
ATOM 546  C C    . CYS A 1 39 ? 4.498   0.366   5.873   1.00 1.16  ? 39 CYS A C    1 
ATOM 547  O O    . CYS A 1 39 ? 3.672   0.322   6.769   1.00 1.16  ? 39 CYS A O    1 
ATOM 548  C CB   . CYS A 1 39 ? 3.963   0.206   3.513   1.00 1.16  ? 39 CYS A CB   1 
ATOM 549  S SG   . CYS A 1 39 ? 3.034   1.062   2.255   1.00 1.16  ? 39 CYS A SG   1 
ATOM 550  H H    . CYS A 1 39 ? 5.633   2.061   3.157   1.00 1.16  ? 39 CYS A H    1 
ATOM 551  H HA   . CYS A 1 39 ? 3.360   1.786   4.747   1.00 1.16  ? 39 CYS A HA   1 
ATOM 552  H HB2  . CYS A 1 39 ? 4.888   -0.173  3.110   1.00 1.16  ? 39 CYS A HB2  1 
ATOM 553  H HB3  . CYS A 1 39 ? 3.370   -0.615  3.895   1.00 1.16  ? 39 CYS A HB3  1 
ATOM 554  N N    . THR A 1 40 ? 5.591   -0.328  5.925   1.00 2.49  ? 40 THR A N    1 
ATOM 555  C CA   . THR A 1 40 ? 5.848   -1.210  7.115   1.00 2.49  ? 40 THR A CA   1 
ATOM 556  C C    . THR A 1 40 ? 6.207   -0.358  8.337   1.00 2.49  ? 40 THR A C    1 
ATOM 557  O O    . THR A 1 40 ? 6.789   0.697   8.149   1.00 2.49  ? 40 THR A O    1 
ATOM 558  C CB   . THR A 1 40 ? 7.030   -2.106  6.714   1.00 2.49  ? 40 THR A CB   1 
ATOM 559  O OG1  . THR A 1 40 ? 8.015   -1.315  6.065   1.00 2.49  ? 40 THR A OG1  1 
ATOM 560  C CG2  . THR A 1 40 ? 6.556   -3.223  5.763   1.00 2.49  ? 40 THR A CG2  1 
ATOM 561  O OXT  . THR A 1 40 ? 5.889   -0.777  9.438   1.00 2.49  ? 40 THR A OXT  1 
ATOM 562  H H    . THR A 1 40 ? 6.221   -0.295  5.170   1.00 2.49  ? 40 THR A H    1 
ATOM 563  H HA   . THR A 1 40 ? 4.962   -1.830  7.322   1.00 2.49  ? 40 THR A HA   1 
ATOM 564  H HB   . THR A 1 40 ? 7.460   -2.552  7.606   1.00 2.49  ? 40 THR A HB   1 
ATOM 565  H HG1  . THR A 1 40 ? 8.806   -1.849  5.964   1.00 2.49  ? 40 THR A HG1  1 
ATOM 566  H HG21 . THR A 1 40 ? 5.642   -2.923  5.266   1.00 2.49  ? 40 THR A HG21 1 
ATOM 567  H HG22 . THR A 1 40 ? 7.319   -3.414  5.020   1.00 2.49  ? 40 THR A HG22 1 
ATOM 568  H HG23 . THR A 1 40 ? 6.373   -4.130  6.325   1.00 2.49  ? 40 THR A HG23 1 
ATOM 569  N N    . ASP A 1 1  ? 9.803   -2.388  3.377   1.00 40.00 ? 1  ASP A N    2 
ATOM 570  C CA   . ASP A 1 1  ? 10.502  -3.522  2.703   1.00 40.00 ? 1  ASP A CA   2 
ATOM 571  C C    . ASP A 1 1  ? 9.904   -4.860  3.148   1.00 40.00 ? 1  ASP A C    2 
ATOM 572  O O    . ASP A 1 1  ? 9.925   -5.829  2.414   1.00 40.00 ? 1  ASP A O    2 
ATOM 573  C CB   . ASP A 1 1  ? 11.966  -3.410  3.140   1.00 40.00 ? 1  ASP A CB   2 
ATOM 574  C CG   . ASP A 1 1  ? 12.722  -2.521  2.152   1.00 40.00 ? 1  ASP A CG   2 
ATOM 575  O OD1  . ASP A 1 1  ? 12.883  -2.933  1.017   1.00 40.00 ? 1  ASP A OD1  2 
ATOM 576  O OD2  . ASP A 1 1  ? 13.126  -1.440  2.548   1.00 40.00 ? 1  ASP A OD2  2 
ATOM 577  H H1   . ASP A 1 1  ? 8.777   -2.544  3.342   1.00 40.00 ? 1  ASP A H1   2 
ATOM 578  H H2   . ASP A 1 1  ? 10.112  -2.326  4.370   1.00 40.00 ? 1  ASP A H2   2 
ATOM 579  H H3   . ASP A 1 1  ? 10.032  -1.500  2.887   1.00 40.00 ? 1  ASP A H3   2 
ATOM 580  H HA   . ASP A 1 1  ? 10.432  -3.421  1.632   1.00 40.00 ? 1  ASP A HA   2 
ATOM 581  H HB2  . ASP A 1 1  ? 12.015  -2.976  4.127   1.00 40.00 ? 1  ASP A HB2  2 
ATOM 582  H HB3  . ASP A 1 1  ? 12.416  -4.391  3.153   1.00 40.00 ? 1  ASP A HB3  2 
ATOM 583  N N    . ASP A 1 2  ? 9.365   -4.915  4.340   1.00 19.31 ? 2  ASP A N    2 
ATOM 584  C CA   . ASP A 1 2  ? 8.755   -6.192  4.831   1.00 19.31 ? 2  ASP A CA   2 
ATOM 585  C C    . ASP A 1 2  ? 7.290   -6.269  4.385   1.00 19.31 ? 2  ASP A C    2 
ATOM 586  O O    . ASP A 1 2  ? 6.382   -6.226  5.195   1.00 19.31 ? 2  ASP A O    2 
ATOM 587  C CB   . ASP A 1 2  ? 8.861   -6.147  6.376   1.00 19.31 ? 2  ASP A CB   2 
ATOM 588  C CG   . ASP A 1 2  ? 10.324  -6.333  6.787   1.00 19.31 ? 2  ASP A CG   2 
ATOM 589  O OD1  . ASP A 1 2  ? 11.108  -5.435  6.536   1.00 19.31 ? 2  ASP A OD1  2 
ATOM 590  O OD2  . ASP A 1 2  ? 10.635  -7.373  7.343   1.00 19.31 ? 2  ASP A OD2  2 
ATOM 591  H H    . ASP A 1 2  ? 9.356   -4.117  4.905   1.00 19.31 ? 2  ASP A H    2 
ATOM 592  H HA   . ASP A 1 2  ? 9.311   -7.044  4.432   1.00 19.31 ? 2  ASP A HA   2 
ATOM 593  H HB2  . ASP A 1 2  ? 8.497   -5.191  6.753   1.00 19.31 ? 2  ASP A HB2  2 
ATOM 594  H HB3  . ASP A 1 2  ? 8.265   -6.943  6.810   1.00 19.31 ? 2  ASP A HB3  2 
ATOM 595  N N    . GLY A 1 3  ? 7.058   -6.402  3.104   1.00 5.41  ? 3  GLY A N    2 
ATOM 596  C CA   . GLY A 1 3  ? 5.656   -6.502  2.593   1.00 5.41  ? 3  GLY A CA   2 
ATOM 597  C C    . GLY A 1 3  ? 5.625   -6.369  1.066   1.00 5.41  ? 3  GLY A C    2 
ATOM 598  O O    . GLY A 1 3  ? 6.636   -6.503  0.401   1.00 5.41  ? 3  GLY A O    2 
ATOM 599  H H    . GLY A 1 3  ? 7.810   -6.456  2.479   1.00 5.41  ? 3  GLY A H    2 
ATOM 600  H HA2  . GLY A 1 3  ? 5.252   -7.463  2.875   1.00 5.41  ? 3  GLY A HA2  2 
ATOM 601  H HA3  . GLY A 1 3  ? 5.054   -5.725  3.039   1.00 5.41  ? 3  GLY A HA3  2 
ATOM 602  N N    . LEU A 1 4  ? 4.464   -6.120  0.509   1.00 1.33  ? 4  LEU A N    2 
ATOM 603  C CA   . LEU A 1 4  ? 4.344   -5.991  -0.979  1.00 1.33  ? 4  LEU A CA   2 
ATOM 604  C C    . LEU A 1 4  ? 3.521   -4.737  -1.328  1.00 1.33  ? 4  LEU A C    2 
ATOM 605  O O    . LEU A 1 4  ? 3.052   -4.039  -0.448  1.00 1.33  ? 4  LEU A O    2 
ATOM 606  C CB   . LEU A 1 4  ? 3.600   -7.248  -1.465  1.00 1.33  ? 4  LEU A CB   2 
ATOM 607  C CG   . LEU A 1 4  ? 4.212   -8.533  -0.883  1.00 1.33  ? 4  LEU A CG   2 
ATOM 608  C CD1  . LEU A 1 4  ? 3.209   -9.679  -1.033  1.00 1.33  ? 4  LEU A CD1  2 
ATOM 609  C CD2  . LEU A 1 4  ? 5.494   -8.887  -1.643  1.00 1.33  ? 4  LEU A CD2  2 
ATOM 610  H H    . LEU A 1 4  ? 3.666   -6.029  1.070   1.00 1.33  ? 4  LEU A H    2 
ATOM 611  H HA   . LEU A 1 4  ? 5.324   -5.944  -1.427  1.00 1.33  ? 4  LEU A HA   2 
ATOM 612  H HB2  . LEU A 1 4  ? 2.564   -7.184  -1.171  1.00 1.33  ? 4  LEU A HB2  2 
ATOM 613  H HB3  . LEU A 1 4  ? 3.660   -7.287  -2.542  1.00 1.33  ? 4  LEU A HB3  2 
ATOM 614  H HG   . LEU A 1 4  ? 4.436   -8.393  0.163   1.00 1.33  ? 4  LEU A HG   2 
ATOM 615  H HD11 . LEU A 1 4  ? 2.712   -9.599  -1.989  1.00 1.33  ? 4  LEU A HD11 2 
ATOM 616  H HD12 . LEU A 1 4  ? 3.728   -10.624 -0.974  1.00 1.33  ? 4  LEU A HD12 2 
ATOM 617  H HD13 . LEU A 1 4  ? 2.476   -9.621  -0.240  1.00 1.33  ? 4  LEU A HD13 2 
ATOM 618  H HD21 . LEU A 1 4  ? 5.436   -8.501  -2.649  1.00 1.33  ? 4  LEU A HD21 2 
ATOM 619  H HD22 . LEU A 1 4  ? 6.345   -8.455  -1.136  1.00 1.33  ? 4  LEU A HD22 2 
ATOM 620  H HD23 . LEU A 1 4  ? 5.605   -9.962  -1.677  1.00 1.33  ? 4  LEU A HD23 2 
ATOM 621  N N    . CYS A 1 5  ? 3.326   -4.455  -2.599  1.00 1.07  ? 5  CYS A N    2 
ATOM 622  C CA   . CYS A 1 5  ? 2.508   -3.249  -2.986  1.00 1.07  ? 5  CYS A CA   2 
ATOM 623  C C    . CYS A 1 5  ? 1.833   -3.490  -4.331  1.00 1.07  ? 5  CYS A C    2 
ATOM 624  O O    . CYS A 1 5  ? 2.469   -3.870  -5.297  1.00 1.07  ? 5  CYS A O    2 
ATOM 625  C CB   . CYS A 1 5  ? 3.483   -2.076  -3.093  1.00 1.07  ? 5  CYS A CB   2 
ATOM 626  S SG   . CYS A 1 5  ? 2.532   -0.549  -3.271  1.00 1.07  ? 5  CYS A SG   2 
ATOM 627  H H    . CYS A 1 5  ? 3.698   -5.047  -3.303  1.00 1.07  ? 5  CYS A H    2 
ATOM 628  H HA   . CYS A 1 5  ? 1.758   -3.031  -2.228  1.00 1.07  ? 5  CYS A HA   2 
ATOM 629  H HB2  . CYS A 1 5  ? 4.089   -2.023  -2.202  1.00 1.07  ? 5  CYS A HB2  2 
ATOM 630  H HB3  . CYS A 1 5  ? 4.118   -2.204  -3.958  1.00 1.07  ? 5  CYS A HB3  2 
ATOM 631  N N    . TYR A 1 6  ? 0.550   -3.259  -4.400  1.00 1.03  ? 6  TYR A N    2 
ATOM 632  C CA   . TYR A 1 6  ? -0.179  -3.462  -5.686  1.00 1.03  ? 6  TYR A CA   2 
ATOM 633  C C    . TYR A 1 6  ? -1.214  -2.347  -5.857  1.00 1.03  ? 6  TYR A C    2 
ATOM 634  O O    . TYR A 1 6  ? -1.298  -1.452  -5.032  1.00 1.03  ? 6  TYR A O    2 
ATOM 635  C CB   . TYR A 1 6  ? -0.790  -4.876  -5.587  1.00 1.03  ? 6  TYR A CB   2 
ATOM 636  C CG   . TYR A 1 6  ? -1.768  -4.992  -4.451  1.00 1.03  ? 6  TYR A CG   2 
ATOM 637  C CD1  . TYR A 1 6  ? -3.128  -4.655  -4.645  1.00 1.03  ? 6  TYR A CD1  2 
ATOM 638  C CD2  . TYR A 1 6  ? -1.327  -5.476  -3.198  1.00 1.03  ? 6  TYR A CD2  2 
ATOM 639  C CE1  . TYR A 1 6  ? -4.055  -4.800  -3.580  1.00 1.03  ? 6  TYR A CE1  2 
ATOM 640  C CE2  . TYR A 1 6  ? -2.250  -5.619  -2.126  1.00 1.03  ? 6  TYR A CE2  2 
ATOM 641  C CZ   . TYR A 1 6  ? -3.617  -5.281  -2.319  1.00 1.03  ? 6  TYR A CZ   2 
ATOM 642  O OH   . TYR A 1 6  ? -4.518  -5.421  -1.285  1.00 1.03  ? 6  TYR A OH   2 
ATOM 643  H H    . TYR A 1 6  ? 0.066   -2.928  -3.602  1.00 1.03  ? 6  TYR A H    2 
ATOM 644  H HA   . TYR A 1 6  ? 0.513   -3.434  -6.510  1.00 1.03  ? 6  TYR A HA   2 
ATOM 645  H HB2  . TYR A 1 6  ? -1.296  -5.124  -6.500  1.00 1.03  ? 6  TYR A HB2  2 
ATOM 646  H HB3  . TYR A 1 6  ? 0.011   -5.585  -5.427  1.00 1.03  ? 6  TYR A HB3  2 
ATOM 647  H HD1  . TYR A 1 6  ? -3.460  -4.292  -5.603  1.00 1.03  ? 6  TYR A HD1  2 
ATOM 648  H HD2  . TYR A 1 6  ? -0.291  -5.735  -3.060  1.00 1.03  ? 6  TYR A HD2  2 
ATOM 649  H HE1  . TYR A 1 6  ? -5.092  -4.547  -3.727  1.00 1.03  ? 6  TYR A HE1  2 
ATOM 650  H HE2  . TYR A 1 6  ? -1.912  -5.988  -1.171  1.00 1.03  ? 6  TYR A HE2  2 
ATOM 651  H HH   . TYR A 1 6  ? -4.230  -4.860  -0.562  1.00 1.03  ? 6  TYR A HH   2 
ATOM 652  N N    . GLU A 1 7  ? -1.979  -2.364  -6.922  1.00 0.61  ? 7  GLU A N    2 
ATOM 653  C CA   . GLU A 1 7  ? -2.968  -1.269  -7.130  1.00 0.61  ? 7  GLU A CA   2 
ATOM 654  C C    . GLU A 1 7  ? -4.388  -1.841  -7.197  1.00 0.61  ? 7  GLU A C    2 
ATOM 655  O O    . GLU A 1 7  ? -4.603  -2.970  -7.598  1.00 0.61  ? 7  GLU A O    2 
ATOM 656  C CB   . GLU A 1 7  ? -2.550  -0.611  -8.460  1.00 0.61  ? 7  GLU A CB   2 
ATOM 657  C CG   . GLU A 1 7  ? -3.007  -1.415  -9.679  1.00 0.61  ? 7  GLU A CG   2 
ATOM 658  C CD   . GLU A 1 7  ? -2.245  -0.946  -10.920 1.00 0.61  ? 7  GLU A CD   2 
ATOM 659  O OE1  . GLU A 1 7  ? -1.077  -1.280  -11.035 1.00 0.61  ? 7  GLU A OE1  2 
ATOM 660  O OE2  . GLU A 1 7  ? -2.844  -0.263  -11.734 1.00 0.61  ? 7  GLU A OE2  2 
ATOM 661  H H    . GLU A 1 7  ? -1.871  -3.062  -7.599  1.00 0.61  ? 7  GLU A H    2 
ATOM 662  H HA   . GLU A 1 7  ? -2.905  -0.543  -6.335  1.00 0.61  ? 7  GLU A HA   2 
ATOM 663  H HB2  . GLU A 1 7  ? -2.995  0.360   -8.526  1.00 0.61  ? 7  GLU A HB2  2 
ATOM 664  H HB3  . GLU A 1 7  ? -1.475  -0.518  -8.481  1.00 0.61  ? 7  GLU A HB3  2 
ATOM 665  H HG2  . GLU A 1 7  ? -2.832  -2.482  -9.525  1.00 0.61  ? 7  GLU A HG2  2 
ATOM 666  H HG3  . GLU A 1 7  ? -4.065  -1.218  -9.816  1.00 0.61  ? 7  GLU A HG3  2 
ATOM 667  N N    . GLY A 1 8  ? -5.349  -1.051  -6.806  1.00 0.49  ? 8  GLY A N    2 
ATOM 668  C CA   . GLY A 1 8  ? -6.765  -1.512  -6.834  1.00 0.49  ? 8  GLY A CA   2 
ATOM 669  C C    . GLY A 1 8  ? -7.639  -0.741  -5.829  1.00 0.49  ? 8  GLY A C    2 
ATOM 670  O O    . GLY A 1 8  ? -7.914  0.429   -6.017  1.00 0.49  ? 8  GLY A O    2 
ATOM 671  H H    . GLY A 1 8  ? -5.133  -0.143  -6.506  1.00 0.49  ? 8  GLY A H    2 
ATOM 672  H HA2  . GLY A 1 8  ? -7.140  -1.337  -7.826  1.00 0.49  ? 8  GLY A HA2  2 
ATOM 673  H HA3  . GLY A 1 8  ? -6.805  -2.572  -6.616  1.00 0.49  ? 8  GLY A HA3  2 
ATOM 674  N N    . THR A 1 9  ? -8.111  -1.394  -4.778  1.00 0.74  ? 9  THR A N    2 
ATOM 675  C CA   . THR A 1 9  ? -8.997  -0.698  -3.802  1.00 0.74  ? 9  THR A CA   2 
ATOM 676  C C    . THR A 1 9  ? -9.005  -1.414  -2.421  1.00 0.74  ? 9  THR A C    2 
ATOM 677  O O    . THR A 1 9  ? -9.988  -1.357  -1.707  1.00 0.74  ? 9  THR A O    2 
ATOM 678  C CB   . THR A 1 9  ? -10.362 -0.866  -4.450  1.00 0.74  ? 9  THR A CB   2 
ATOM 679  O OG1  . THR A 1 9  ? -10.338 -0.311  -5.757  1.00 0.74  ? 9  THR A OG1  2 
ATOM 680  C CG2  . THR A 1 9  ? -11.464 -0.186  -3.624  1.00 0.74  ? 9  THR A CG2  2 
ATOM 681  H H    . THR A 1 9  ? -7.907  -2.338  -4.650  1.00 0.74  ? 9  THR A H    2 
ATOM 682  H HA   . THR A 1 9  ? -8.750  0.346   -3.737  1.00 0.74  ? 9  THR A HA   2 
ATOM 683  H HB   . THR A 1 9  ? -10.562 -1.920  -4.512  1.00 0.74  ? 9  THR A HB   2 
ATOM 684  H HG1  . THR A 1 9  ? -10.554 -1.009  -6.380  1.00 0.74  ? 9  THR A HG1  2 
ATOM 685  H HG21 . THR A 1 9  ? -11.036 0.595   -3.013  1.00 0.74  ? 9  THR A HG21 2 
ATOM 686  H HG22 . THR A 1 9  ? -12.201 0.240   -4.288  1.00 0.74  ? 9  THR A HG22 2 
ATOM 687  H HG23 . THR A 1 9  ? -11.937 -0.920  -2.987  1.00 0.74  ? 9  THR A HG23 2 
ATOM 688  N N    . ASN A 1 10 ? -7.967  -2.143  -2.061  1.00 0.97  ? 10 ASN A N    2 
ATOM 689  C CA   . ASN A 1 10 ? -8.010  -2.910  -0.759  1.00 0.97  ? 10 ASN A CA   2 
ATOM 690  C C    . ASN A 1 10 ? -7.887  -2.033  0.490   1.00 0.97  ? 10 ASN A C    2 
ATOM 691  O O    . ASN A 1 10 ? -8.240  -2.453  1.578   1.00 0.97  ? 10 ASN A O    2 
ATOM 692  C CB   . ASN A 1 10 ? -6.878  -3.933  -0.871  1.00 0.97  ? 10 ASN A CB   2 
ATOM 693  C CG   . ASN A 1 10 ? -6.812  -4.800  0.402   1.00 0.97  ? 10 ASN A CG   2 
ATOM 694  O OD1  . ASN A 1 10 ? -7.646  -5.660  0.595   1.00 0.97  ? 10 ASN A OD1  2 
ATOM 695  N ND2  . ASN A 1 10 ? -5.860  -4.613  1.290   1.00 0.97  ? 10 ASN A ND2  2 
ATOM 696  H H    . ASN A 1 10 ? -7.194  -2.238  -2.662  1.00 0.97  ? 10 ASN A H    2 
ATOM 697  H HA   . ASN A 1 10 ? -8.943  -3.423  -0.701  1.00 0.97  ? 10 ASN A HA   2 
ATOM 698  H HB2  . ASN A 1 10 ? -7.086  -4.562  -1.723  1.00 0.97  ? 10 ASN A HB2  2 
ATOM 699  H HB3  . ASN A 1 10 ? -5.936  -3.429  -1.027  1.00 0.97  ? 10 ASN A HB3  2 
ATOM 700  H HD21 . ASN A 1 10 ? -5.166  -3.898  1.144   1.00 0.97  ? 10 ASN A HD21 2 
ATOM 701  H HD22 . ASN A 1 10 ? -5.834  -5.196  2.112   1.00 0.97  ? 10 ASN A HD22 2 
ATOM 702  N N    . CYS A 1 11 ? -7.450  -0.833  0.346   1.00 1.21  ? 11 CYS A N    2 
ATOM 703  C CA   . CYS A 1 11 ? -7.366  0.089   1.531   1.00 1.21  ? 11 CYS A CA   2 
ATOM 704  C C    . CYS A 1 11 ? -7.940  1.439   1.182   1.00 1.21  ? 11 CYS A C    2 
ATOM 705  O O    . CYS A 1 11 ? -7.567  2.449   1.749   1.00 1.21  ? 11 CYS A O    2 
ATOM 706  C CB   . CYS A 1 11 ? -5.887  0.193   1.911   1.00 1.21  ? 11 CYS A CB   2 
ATOM 707  S SG   . CYS A 1 11 ? -5.375  -1.266  2.863   1.00 1.21  ? 11 CYS A SG   2 
ATOM 708  H H    . CYS A 1 11 ? -7.212  -0.517  -0.551  1.00 1.21  ? 11 CYS A H    2 
ATOM 709  H HA   . CYS A 1 11 ? -7.937  -0.313  2.350   1.00 1.21  ? 11 CYS A HA   2 
ATOM 710  H HB2  . CYS A 1 11 ? -5.308  0.258   0.999   1.00 1.21  ? 11 CYS A HB2  2 
ATOM 711  H HB3  . CYS A 1 11 ? -5.722  1.078   2.513   1.00 1.21  ? 11 CYS A HB3  2 
ATOM 712  N N    . GLY A 1 12 ? -8.857  1.458   0.263   1.00 2.22  ? 12 GLY A N    2 
ATOM 713  C CA   . GLY A 1 12 ? -9.472  2.748   -0.114  1.00 2.22  ? 12 GLY A CA   2 
ATOM 714  C C    . GLY A 1 12 ? -8.481  3.586   -0.929  1.00 2.22  ? 12 GLY A C    2 
ATOM 715  O O    . GLY A 1 12 ? -8.523  4.801   -0.912  1.00 2.22  ? 12 GLY A O    2 
ATOM 716  H H    . GLY A 1 12 ? -9.137  0.617   -0.177  1.00 2.22  ? 12 GLY A H    2 
ATOM 717  H HA2  . GLY A 1 12 ? -10.379 2.576   -0.677  1.00 2.22  ? 12 GLY A HA2  2 
ATOM 718  H HA3  . GLY A 1 12 ? -9.705  3.271   0.800   1.00 2.22  ? 12 GLY A HA3  2 
ATOM 719  N N    . LYS A 1 13 ? -7.569  2.945   -1.613  1.00 1.48  ? 13 LYS A N    2 
ATOM 720  C CA   . LYS A 1 13 ? -6.539  3.693   -2.402  1.00 1.48  ? 13 LYS A CA   2 
ATOM 721  C C    . LYS A 1 13 ? -6.997  4.016   -3.818  1.00 1.48  ? 13 LYS A C    2 
ATOM 722  O O    . LYS A 1 13 ? -6.263  3.864   -4.774  1.00 1.48  ? 13 LYS A O    2 
ATOM 723  C CB   . LYS A 1 13 ? -5.354  2.758   -2.403  1.00 1.48  ? 13 LYS A CB   2 
ATOM 724  C CG   . LYS A 1 13 ? -5.589  1.583   -3.361  1.00 1.48  ? 13 LYS A CG   2 
ATOM 725  C CD   . LYS A 1 13 ? -4.663  0.454   -2.983  1.00 1.48  ? 13 LYS A CD   2 
ATOM 726  C CE   . LYS A 1 13 ? -4.724  -0.650  -4.030  1.00 1.48  ? 13 LYS A CE   2 
ATOM 727  N NZ   . LYS A 1 13 ? -4.715  -1.944  -3.287  1.00 1.48  ? 13 LYS A NZ   2 
ATOM 728  H H    . LYS A 1 13 ? -7.531  1.970   -1.567  1.00 1.48  ? 13 LYS A H    2 
ATOM 729  H HA   . LYS A 1 13 ? -6.281  4.585   -1.894  1.00 1.48  ? 13 LYS A HA   2 
ATOM 730  H HB2  . LYS A 1 13 ? -4.467  3.298   -2.703  1.00 1.48  ? 13 LYS A HB2  2 
ATOM 731  H HB3  . LYS A 1 13 ? -5.236  2.396   -1.416  1.00 1.48  ? 13 LYS A HB3  2 
ATOM 732  H HG2  . LYS A 1 13 ? -6.607  1.253   -3.302  1.00 1.48  ? 13 LYS A HG2  2 
ATOM 733  H HG3  . LYS A 1 13 ? -5.371  1.896   -4.368  1.00 1.48  ? 13 LYS A HG3  2 
ATOM 734  H HD2  . LYS A 1 13 ? -3.668  0.830   -2.919  1.00 1.48  ? 13 LYS A HD2  2 
ATOM 735  H HD3  . LYS A 1 13 ? -4.965  0.061   -2.027  1.00 1.48  ? 13 LYS A HD3  2 
ATOM 736  H HE2  . LYS A 1 13 ? -5.626  -0.558  -4.595  1.00 1.48  ? 13 LYS A HE2  2 
ATOM 737  H HE3  . LYS A 1 13 ? -3.869  -0.596  -4.678  1.00 1.48  ? 13 LYS A HE3  2 
ATOM 738  H HZ1  . LYS A 1 13 ? -5.141  -1.828  -2.345  1.00 1.48  ? 13 LYS A HZ1  2 
ATOM 739  H HZ2  . LYS A 1 13 ? -5.264  -2.640  -3.824  1.00 1.48  ? 13 LYS A HZ2  2 
ATOM 740  H HZ3  . LYS A 1 13 ? -3.735  -2.278  -3.185  1.00 1.48  ? 13 LYS A HZ3  2 
ATOM 741  N N    . VAL A 1 14 ? -8.181  4.501   -3.937  1.00 1.14  ? 14 VAL A N    2 
ATOM 742  C CA   . VAL A 1 14 ? -8.693  4.900   -5.281  1.00 1.14  ? 14 VAL A CA   2 
ATOM 743  C C    . VAL A 1 14 ? -7.854  6.101   -5.752  1.00 1.14  ? 14 VAL A C    2 
ATOM 744  O O    . VAL A 1 14 ? -7.932  7.167   -5.167  1.00 1.14  ? 14 VAL A O    2 
ATOM 745  C CB   . VAL A 1 14 ? -10.167 5.291   -5.047  1.00 1.14  ? 14 VAL A CB   2 
ATOM 746  C CG1  . VAL A 1 14 ? -10.751 5.996   -6.282  1.00 1.14  ? 14 VAL A CG1  2 
ATOM 747  C CG2  . VAL A 1 14 ? -11.005 4.040   -4.750  1.00 1.14  ? 14 VAL A CG2  2 
ATOM 748  H H    . VAL A 1 14 ? -8.717  4.637   -3.132  1.00 1.14  ? 14 VAL A H    2 
ATOM 749  H HA   . VAL A 1 14 ? -8.615  4.083   -5.981  1.00 1.14  ? 14 VAL A HA   2 
ATOM 750  H HB   . VAL A 1 14 ? -10.217 5.957   -4.199  1.00 1.14  ? 14 VAL A HB   2 
ATOM 751  H HG11 . VAL A 1 14 ? -10.430 5.486   -7.179  1.00 1.14  ? 14 VAL A HG11 2 
ATOM 752  H HG12 . VAL A 1 14 ? -11.830 5.981   -6.229  1.00 1.14  ? 14 VAL A HG12 2 
ATOM 753  H HG13 . VAL A 1 14 ? -10.407 7.021   -6.309  1.00 1.14  ? 14 VAL A HG13 2 
ATOM 754  H HG21 . VAL A 1 14 ? -10.400 3.305   -4.241  1.00 1.14  ? 14 VAL A HG21 2 
ATOM 755  H HG22 . VAL A 1 14 ? -11.843 4.310   -4.121  1.00 1.14  ? 14 VAL A HG22 2 
ATOM 756  H HG23 . VAL A 1 14 ? -11.376 3.623   -5.676  1.00 1.14  ? 14 VAL A HG23 2 
ATOM 757  N N    . GLY A 1 15 ? -7.063  5.954   -6.798  1.00 1.34  ? 15 GLY A N    2 
ATOM 758  C CA   . GLY A 1 15 ? -6.252  7.126   -7.265  1.00 1.34  ? 15 GLY A CA   2 
ATOM 759  C C    . GLY A 1 15 ? -4.760  6.928   -6.918  1.00 1.34  ? 15 GLY A C    2 
ATOM 760  O O    . GLY A 1 15 ? -3.903  7.487   -7.576  1.00 1.34  ? 15 GLY A O    2 
ATOM 761  H H    . GLY A 1 15 ? -7.023  5.092   -7.280  1.00 1.34  ? 15 GLY A H    2 
ATOM 762  H HA2  . GLY A 1 15 ? -6.350  7.231   -8.341  1.00 1.34  ? 15 GLY A HA2  2 
ATOM 763  H HA3  . GLY A 1 15 ? -6.614  8.026   -6.791  1.00 1.34  ? 15 GLY A HA3  2 
ATOM 764  N N    . LYS A 1 16 ? -4.432  6.139   -5.909  1.00 0.46  ? 16 LYS A N    2 
ATOM 765  C CA   . LYS A 1 16 ? -2.982  5.921   -5.566  1.00 0.46  ? 16 LYS A CA   2 
ATOM 766  C C    . LYS A 1 16 ? -2.736  4.406   -5.378  1.00 0.46  ? 16 LYS A C    2 
ATOM 767  O O    . LYS A 1 16 ? -3.345  3.621   -6.083  1.00 0.46  ? 16 LYS A O    2 
ATOM 768  C CB   . LYS A 1 16 ? -2.733  6.718   -4.290  1.00 0.46  ? 16 LYS A CB   2 
ATOM 769  C CG   . LYS A 1 16 ? -3.173  8.179   -4.479  1.00 0.46  ? 16 LYS A CG   2 
ATOM 770  C CD   . LYS A 1 16 ? -2.614  9.049   -3.341  1.00 0.46  ? 16 LYS A CD   2 
ATOM 771  C CE   . LYS A 1 16 ? -3.759  9.548   -2.453  1.00 0.46  ? 16 LYS A CE   2 
ATOM 772  N NZ   . LYS A 1 16 ? -4.061  8.419   -1.529  1.00 0.46  ? 16 LYS A NZ   2 
ATOM 773  H H    . LYS A 1 16 ? -5.131  5.679   -5.382  1.00 0.46  ? 16 LYS A H    2 
ATOM 774  H HA   . LYS A 1 16 ? -2.358  6.305   -6.351  1.00 0.46  ? 16 LYS A HA   2 
ATOM 775  H HB2  . LYS A 1 16 ? -3.282  6.276   -3.480  1.00 0.46  ? 16 LYS A HB2  2 
ATOM 776  H HB3  . LYS A 1 16 ? -1.681  6.699   -4.080  1.00 0.46  ? 16 LYS A HB3  2 
ATOM 777  H HG2  . LYS A 1 16 ? -2.796  8.546   -5.424  1.00 0.46  ? 16 LYS A HG2  2 
ATOM 778  H HG3  . LYS A 1 16 ? -4.251  8.233   -4.478  1.00 0.46  ? 16 LYS A HG3  2 
ATOM 779  H HD2  . LYS A 1 16 ? -1.920  8.473   -2.744  1.00 0.46  ? 16 LYS A HD2  2 
ATOM 780  H HD3  . LYS A 1 16 ? -2.099  9.899   -3.764  1.00 0.46  ? 16 LYS A HD3  2 
ATOM 781  H HE2  . LYS A 1 16 ? -3.448  10.421  -1.896  1.00 0.46  ? 16 LYS A HE2  2 
ATOM 782  H HE3  . LYS A 1 16 ? -4.627  9.775   -3.054  1.00 0.46  ? 16 LYS A HE3  2 
ATOM 783  H HZ1  . LYS A 1 16 ? -3.211  8.183   -0.980  1.00 0.46  ? 16 LYS A HZ1  2 
ATOM 784  H HZ2  . LYS A 1 16 ? -4.825  8.697   -0.881  1.00 0.46  ? 16 LYS A HZ2  2 
ATOM 785  H HZ3  . LYS A 1 16 ? -4.360  7.590   -2.083  1.00 0.46  ? 16 LYS A HZ3  2 
ATOM 786  N N    . TYR A 1 17 ? -1.870  3.951   -4.467  1.00 0.33  ? 17 TYR A N    2 
ATOM 787  C CA   . TYR A 1 17 ? -1.683  2.459   -4.350  1.00 0.33  ? 17 TYR A CA   2 
ATOM 788  C C    . TYR A 1 17 ? -1.549  2.038   -2.868  1.00 0.33  ? 17 TYR A C    2 
ATOM 789  O O    . TYR A 1 17 ? -1.550  2.888   -1.987  1.00 0.33  ? 17 TYR A O    2 
ATOM 790  C CB   . TYR A 1 17 ? -0.430  2.106   -5.170  1.00 0.33  ? 17 TYR A CB   2 
ATOM 791  C CG   . TYR A 1 17 ? -0.402  2.874   -6.482  1.00 0.33  ? 17 TYR A CG   2 
ATOM 792  C CD1  . TYR A 1 17 ? -1.191  2.417   -7.563  1.00 0.33  ? 17 TYR A CD1  2 
ATOM 793  C CD2  . TYR A 1 17 ? 0.422   4.021   -6.641  1.00 0.33  ? 17 TYR A CD2  2 
ATOM 794  C CE1  . TYR A 1 17 ? -1.174  3.097   -8.799  1.00 0.33  ? 17 TYR A CE1  2 
ATOM 795  C CE2  . TYR A 1 17 ? 0.449   4.706   -7.887  1.00 0.33  ? 17 TYR A CE2  2 
ATOM 796  C CZ   . TYR A 1 17 ? -0.352  4.245   -8.969  1.00 0.33  ? 17 TYR A CZ   2 
ATOM 797  O OH   . TYR A 1 17 ? -0.326  4.909   -10.181 1.00 0.33  ? 17 TYR A OH   2 
ATOM 798  H H    . TYR A 1 17 ? -1.354  4.561   -3.885  1.00 0.33  ? 17 TYR A H    2 
ATOM 799  H HA   . TYR A 1 17 ? -2.546  1.968   -4.785  1.00 0.33  ? 17 TYR A HA   2 
ATOM 800  H HB2  . TYR A 1 17 ? 0.473   2.319   -4.599  1.00 0.33  ? 17 TYR A HB2  2 
ATOM 801  H HB3  . TYR A 1 17 ? -0.478  1.052   -5.404  1.00 0.33  ? 17 TYR A HB3  2 
ATOM 802  H HD1  . TYR A 1 17 ? -1.810  1.556   -7.439  1.00 0.33  ? 17 TYR A HD1  2 
ATOM 803  H HD2  . TYR A 1 17 ? 1.015   4.378   -5.818  1.00 0.33  ? 17 TYR A HD2  2 
ATOM 804  H HE1  . TYR A 1 17 ? -1.789  2.737   -9.610  1.00 0.33  ? 17 TYR A HE1  2 
ATOM 805  H HE2  . TYR A 1 17 ? 1.081   5.571   -8.012  1.00 0.33  ? 17 TYR A HE2  2 
ATOM 806  H HH   . TYR A 1 17 ? -0.712  5.778   -10.052 1.00 0.33  ? 17 TYR A HH   2 
ATOM 807  N N    . CYS A 1 18 ? -1.489  0.731   -2.563  1.00 0.61  ? 18 CYS A N    2 
ATOM 808  C CA   . CYS A 1 18 ? -1.438  0.322   -1.129  1.00 0.61  ? 18 CYS A CA   2 
ATOM 809  C C    . CYS A 1 18 ? -0.494  -0.831  -0.875  1.00 0.61  ? 18 CYS A C    2 
ATOM 810  O O    . CYS A 1 18 ? 0.015   -1.477  -1.776  1.00 0.61  ? 18 CYS A O    2 
ATOM 811  C CB   . CYS A 1 18 ? -2.850  -0.169  -0.789  1.00 0.61  ? 18 CYS A CB   2 
ATOM 812  S SG   . CYS A 1 18 ? -4.001  1.210   -0.822  1.00 0.61  ? 18 CYS A SG   2 
ATOM 813  H H    . CYS A 1 18 ? -1.520  0.035   -3.264  1.00 0.61  ? 18 CYS A H    2 
ATOM 814  H HA   . CYS A 1 18 ? -1.188  1.166   -0.500  1.00 0.61  ? 18 CYS A HA   2 
ATOM 815  H HB2  . CYS A 1 18 ? -3.163  -0.909  -1.516  1.00 0.61  ? 18 CYS A HB2  2 
ATOM 816  H HB3  . CYS A 1 18 ? -2.860  -0.612  0.197   1.00 0.61  ? 18 CYS A HB3  2 
ATOM 817  N N    . CYS A 1 19 ? -0.286  -1.092  0.380   0.50 1.16  ? 19 CYS A N    2 
ATOM 818  C CA   . CYS A 1 19 ? 0.587   -2.196  0.815   0.50 1.16  ? 19 CYS A CA   2 
ATOM 819  C C    . CYS A 1 19 ? -0.123  -2.956  1.933   0.50 1.16  ? 19 CYS A C    2 
ATOM 820  O O    . CYS A 1 19 ? -0.056  -2.581  3.107   0.50 1.16  ? 19 CYS A O    2 
ATOM 821  C CB   . CYS A 1 19 ? 1.844   -1.494  1.299   0.50 1.16  ? 19 CYS A CB   2 
ATOM 822  S SG   . CYS A 1 19 ? 1.346   -0.022  2.211   0.50 1.16  ? 19 CYS A SG   2 
ATOM 823  H H    . CYS A 1 19 ? -0.730  -0.542  1.066   0.50 1.16  ? 19 CYS A H    2 
ATOM 824  H HA   . CYS A 1 19 ? 0.816   -2.851  -0.011  0.50 1.16  ? 19 CYS A HA   2 
ATOM 825  H HB2  . CYS A 1 19 ? 2.412   -2.149  1.946   0.50 1.16  ? 19 CYS A HB2  2 
ATOM 826  H HB3  . CYS A 1 19 ? 2.447   -1.206  0.450   0.50 1.16  ? 19 CYS A HB3  2 
ATOM 827  N N    . SER A 1 20 ? -0.847  -3.992  1.534   0.50 10.78 ? 20 SER A N    2 
ATOM 828  C CA   . SER A 1 20 ? -1.626  -4.855  2.478   0.50 10.78 ? 20 SER A CA   2 
ATOM 829  C C    . SER A 1 20 ? -2.414  -5.904  1.677   0.50 10.78 ? 20 SER A C    2 
ATOM 830  O O    . SER A 1 20 ? -3.023  -5.561  0.684   0.50 10.78 ? 20 SER A O    2 
ATOM 831  C CB   . SER A 1 20 ? -2.603  -3.934  3.194   0.50 10.78 ? 20 SER A CB   2 
ATOM 832  O OG   . SER A 1 20 ? -3.595  -3.497  2.274   0.50 10.78 ? 20 SER A OG   2 
ATOM 833  H H    . SER A 1 20 ? -0.879  -4.202  0.575   0.50 10.78 ? 20 SER A H    2 
ATOM 834  H HA   . SER A 1 20 ? -0.967  -5.331  3.188   0.50 10.78 ? 20 SER A HA   2 
ATOM 835  H HB2  . SER A 1 20 ? -3.078  -4.461  4.005   0.50 10.78 ? 20 SER A HB2  2 
ATOM 836  H HB3  . SER A 1 20 ? -2.065  -3.090  3.581   0.50 10.78 ? 20 SER A HB3  2 
ATOM 837  H HG   . SER A 1 20 ? -4.326  -3.130  2.778   0.50 10.78 ? 20 SER A HG   2 
ATOM 838  N N    . PRO A 1 21 ? -2.429  -7.133  2.135   0.50 40.00 ? 21 PRO A N    2 
ATOM 839  C CA   . PRO A 1 21 ? -3.212  -8.177  1.431   0.50 40.00 ? 21 PRO A CA   2 
ATOM 840  C C    . PRO A 1 21 ? -4.690  -7.981  1.782   0.50 40.00 ? 21 PRO A C    2 
ATOM 841  O O    . PRO A 1 21 ? -5.564  -8.030  0.940   0.50 40.00 ? 21 PRO A O    2 
ATOM 842  C CB   . PRO A 1 21 ? -2.662  -9.485  1.991   0.50 40.00 ? 21 PRO A CB   2 
ATOM 843  C CG   . PRO A 1 21 ? -2.099  -9.132  3.337   0.50 40.00 ? 21 PRO A CG   2 
ATOM 844  C CD   . PRO A 1 21 ? -1.745  -7.663  3.320   0.50 40.00 ? 21 PRO A CD   2 
ATOM 845  H HA   . PRO A 1 21 ? -3.056  -8.121  0.367   0.50 40.00 ? 21 PRO A HA   2 
ATOM 846  H HB2  . PRO A 1 21 ? -3.456  -10.214 2.089   0.50 40.00 ? 21 PRO A HB2  2 
ATOM 847  H HB3  . PRO A 1 21 ? -1.878  -9.865  1.353   0.50 40.00 ? 21 PRO A HB3  2 
ATOM 848  H HG2  . PRO A 1 21 ? -2.835  -9.322  4.106   0.50 40.00 ? 21 PRO A HG2  2 
ATOM 849  H HG3  . PRO A 1 21 ? -1.209  -9.716  3.527   0.50 40.00 ? 21 PRO A HG3  2 
ATOM 850  H HD2  . PRO A 1 21 ? -2.113  -7.180  4.215   0.50 40.00 ? 21 PRO A HD2  2 
ATOM 851  H HD3  . PRO A 1 21 ? -0.681  -7.525  3.225   0.50 40.00 ? 21 PRO A HD3  2 
ATOM 852  N N    . ILE A 1 22 ? -4.945  -7.710  3.030   0.50 40.00 ? 22 ILE A N    2 
ATOM 853  C CA   . ILE A 1 22 ? -6.336  -7.441  3.508   0.50 40.00 ? 22 ILE A CA   2 
ATOM 854  C C    . ILE A 1 22 ? -6.271  -6.263  4.494   0.50 40.00 ? 22 ILE A C    2 
ATOM 855  O O    . ILE A 1 22 ? -7.034  -5.319  4.417   0.50 40.00 ? 22 ILE A O    2 
ATOM 856  C CB   . ILE A 1 22 ? -6.821  -8.751  4.160   0.50 40.00 ? 22 ILE A CB   2 
ATOM 857  C CG1  . ILE A 1 22 ? -8.280  -8.602  4.604   0.50 40.00 ? 22 ILE A CG1  2 
ATOM 858  C CG2  . ILE A 1 22 ? -5.958  -9.113  5.371   0.50 40.00 ? 22 ILE A CG2  2 
ATOM 859  C CD1  . ILE A 1 22 ? -8.870  -9.987  4.890   0.50 40.00 ? 22 ILE A CD1  2 
ATOM 860  H H    . ILE A 1 22 ? -4.201  -7.650  3.657   0.50 40.00 ? 22 ILE A H    2 
ATOM 861  H HA   . ILE A 1 22 ? -6.963  -7.184  2.675   0.50 40.00 ? 22 ILE A HA   2 
ATOM 862  H HB   . ILE A 1 22 ? -6.751  -9.547  3.434   0.50 40.00 ? 22 ILE A HB   2 
ATOM 863  H HG12 . ILE A 1 22 ? -8.325  -8.000  5.500   0.50 40.00 ? 22 ILE A HG12 2 
ATOM 864  H HG13 . ILE A 1 22 ? -8.850  -8.126  3.821   0.50 40.00 ? 22 ILE A HG13 2 
ATOM 865  H HG21 . ILE A 1 22 ? -4.922  -9.172  5.073   0.50 40.00 ? 22 ILE A HG21 2 
ATOM 866  H HG22 . ILE A 1 22 ? -6.073  -8.360  6.136   0.50 40.00 ? 22 ILE A HG22 2 
ATOM 867  H HG23 . ILE A 1 22 ? -6.271  -10.070 5.762   0.50 40.00 ? 22 ILE A HG23 2 
ATOM 868  H HD11 . ILE A 1 22 ? -8.461  -10.703 4.192   0.50 40.00 ? 22 ILE A HD11 2 
ATOM 869  H HD12 . ILE A 1 22 ? -8.623  -10.284 5.898   0.50 40.00 ? 22 ILE A HD12 2 
ATOM 870  H HD13 . ILE A 1 22 ? -9.944  -9.951  4.778   0.50 40.00 ? 22 ILE A HD13 2 
ATOM 871  N N    . GLY A 1 23 ? -5.307  -6.298  5.364   0.50 22.92 ? 23 GLY A N    2 
ATOM 872  C CA   . GLY A 1 23 ? -5.062  -5.196  6.328   0.50 22.92 ? 23 GLY A CA   2 
ATOM 873  C C    . GLY A 1 23 ? -4.003  -5.490  7.391   0.50 22.92 ? 23 GLY A C    2 
ATOM 874  O O    . GLY A 1 23 ? -4.049  -4.901  8.457   0.50 22.92 ? 23 GLY A O    2 
ATOM 875  H H    . GLY A 1 23 ? -4.695  -7.049  5.354   0.50 22.92 ? 23 GLY A H    2 
ATOM 876  H HA2  . GLY A 1 23 ? -4.765  -4.372  5.721   0.50 22.92 ? 23 GLY A HA2  2 
ATOM 877  H HA3  . GLY A 1 23 ? -5.997  -4.933  6.802   0.50 22.92 ? 23 GLY A HA3  2 
ATOM 878  N N    . LYS A 1 24 ? -3.020  -6.331  7.130   0.50 40.00 ? 24 LYS A N    2 
ATOM 879  C CA   . LYS A 1 24 ? -1.963  -6.545  8.179   0.50 40.00 ? 24 LYS A CA   2 
ATOM 880  C C    . LYS A 1 24 ? -1.317  -5.178  8.502   0.50 40.00 ? 24 LYS A C    2 
ATOM 881  O O    . LYS A 1 24 ? -0.800  -4.951  9.579   0.50 40.00 ? 24 LYS A O    2 
ATOM 882  C CB   . LYS A 1 24 ? -0.956  -7.547  7.596   0.50 40.00 ? 24 LYS A CB   2 
ATOM 883  C CG   . LYS A 1 24 ? -0.228  -6.963  6.382   0.50 40.00 ? 24 LYS A CG   2 
ATOM 884  C CD   . LYS A 1 24 ? 0.575   -8.077  5.696   0.50 40.00 ? 24 LYS A CD   2 
ATOM 885  C CE   . LYS A 1 24 ? 1.893   -7.522  5.147   0.50 40.00 ? 24 LYS A CE   2 
ATOM 886  N NZ   . LYS A 1 24 ? 1.569   -7.023  3.781   0.50 40.00 ? 24 LYS A NZ   2 
ATOM 887  H H    . LYS A 1 24 ? -2.957  -6.773  6.259   0.50 40.00 ? 24 LYS A H    2 
ATOM 888  H HA   . LYS A 1 24 ? -2.412  -6.956  9.069   0.50 40.00 ? 24 LYS A HA   2 
ATOM 889  H HB2  . LYS A 1 24 ? -0.231  -7.798  8.356   0.50 40.00 ? 24 LYS A HB2  2 
ATOM 890  H HB3  . LYS A 1 24 ? -1.480  -8.443  7.300   0.50 40.00 ? 24 LYS A HB3  2 
ATOM 891  H HG2  . LYS A 1 24 ? -0.949  -6.553  5.690   0.50 40.00 ? 24 LYS A HG2  2 
ATOM 892  H HG3  . LYS A 1 24 ? 0.444   -6.185  6.706   0.50 40.00 ? 24 LYS A HG3  2 
ATOM 893  H HD2  . LYS A 1 24 ? 0.790   -8.857  6.413   0.50 40.00 ? 24 LYS A HD2  2 
ATOM 894  H HD3  . LYS A 1 24 ? -0.003  -8.490  4.884   0.50 40.00 ? 24 LYS A HD3  2 
ATOM 895  H HE2  . LYS A 1 24 ? 2.248   -6.716  5.770   0.50 40.00 ? 24 LYS A HE2  2 
ATOM 896  H HE3  . LYS A 1 24 ? 2.634   -8.304  5.087   0.50 40.00 ? 24 LYS A HE3  2 
ATOM 897  H HZ1  . LYS A 1 24 ? 0.799   -6.326  3.840   0.50 40.00 ? 24 LYS A HZ1  2 
ATOM 898  H HZ2  . LYS A 1 24 ? 2.411   -6.578  3.365   0.50 40.00 ? 24 LYS A HZ2  2 
ATOM 899  H HZ3  . LYS A 1 24 ? 1.272   -7.820  3.183   0.50 40.00 ? 24 LYS A HZ3  2 
ATOM 900  N N    . TYR A 1 25 ? -1.412  -4.258  7.569   0.50 6.36  ? 25 TYR A N    2 
ATOM 901  C CA   . TYR A 1 25 ? -0.894  -2.877  7.769   0.50 6.36  ? 25 TYR A CA   2 
ATOM 902  C C    . TYR A 1 25 ? -1.808  -1.891  7.016   0.50 6.36  ? 25 TYR A C    2 
ATOM 903  O O    . TYR A 1 25 ? -2.126  -0.825  7.509   0.50 6.36  ? 25 TYR A O    2 
ATOM 904  C CB   . TYR A 1 25 ? 0.527   -2.877  7.200   0.50 6.36  ? 25 TYR A CB   2 
ATOM 905  C CG   . TYR A 1 25 ? 1.453   -3.538  8.193   0.50 6.36  ? 25 TYR A CG   2 
ATOM 906  C CD1  . TYR A 1 25 ? 1.593   -3.001  9.502   0.50 6.36  ? 25 TYR A CD1  2 
ATOM 907  C CD2  . TYR A 1 25 ? 2.174   -4.701  7.822   0.50 6.36  ? 25 TYR A CD2  2 
ATOM 908  C CE1  . TYR A 1 25 ? 2.456   -3.629  10.438  0.50 6.36  ? 25 TYR A CE1  2 
ATOM 909  C CE2  . TYR A 1 25 ? 3.036   -5.333  8.760   0.50 6.36  ? 25 TYR A CE2  2 
ATOM 910  C CZ   . TYR A 1 25 ? 3.177   -4.797  10.069  0.50 6.36  ? 25 TYR A CZ   2 
ATOM 911  O OH   . TYR A 1 25 ? 4.011   -5.410  10.980  0.50 6.36  ? 25 TYR A OH   2 
ATOM 912  H H    . TYR A 1 25 ? -1.863  -4.472  6.735   0.50 6.36  ? 25 TYR A H    2 
ATOM 913  H HA   . TYR A 1 25 ? -0.874  -2.638  8.819   0.50 6.36  ? 25 TYR A HA   2 
ATOM 914  H HB2  . TYR A 1 25 ? 0.543   -3.427  6.270   0.50 6.36  ? 25 TYR A HB2  2 
ATOM 915  H HB3  . TYR A 1 25 ? 0.848   -1.863  7.028   0.50 6.36  ? 25 TYR A HB3  2 
ATOM 916  H HD1  . TYR A 1 25 ? 1.049   -2.112  9.784   0.50 6.36  ? 25 TYR A HD1  2 
ATOM 917  H HD2  . TYR A 1 25 ? 2.070   -5.101  6.830   0.50 6.36  ? 25 TYR A HD2  2 
ATOM 918  H HE1  . TYR A 1 25 ? 2.563   -3.220  11.432  0.50 6.36  ? 25 TYR A HE1  2 
ATOM 919  H HE2  . TYR A 1 25 ? 3.584   -6.220  8.477   0.50 6.36  ? 25 TYR A HE2  2 
ATOM 920  H HH   . TYR A 1 25 ? 4.911   -5.144  10.784  0.50 6.36  ? 25 TYR A HH   2 
ATOM 921  N N    . CYS A 1 26 ? -2.256  -2.256  5.831   0.50 1.55  ? 26 CYS A N    2 
ATOM 922  C CA   . CYS A 1 26 ? -3.178  -1.366  5.037   0.50 1.55  ? 26 CYS A CA   2 
ATOM 923  C C    . CYS A 1 26 ? -2.637  0.057   4.950   0.50 1.55  ? 26 CYS A C    2 
ATOM 924  O O    . CYS A 1 26 ? -3.272  0.990   5.414   0.50 1.55  ? 26 CYS A O    2 
ATOM 925  C CB   . CYS A 1 26 ? -4.507  -1.398  5.802   0.50 1.55  ? 26 CYS A CB   2 
ATOM 926  S SG   . CYS A 1 26 ? -5.841  -0.741  4.764   0.50 1.55  ? 26 CYS A SG   2 
ATOM 927  H H    . CYS A 1 26 ? -1.998  -3.125  5.468   0.50 1.55  ? 26 CYS A H    2 
ATOM 928  H HA   . CYS A 1 26 ? -3.332  -1.755  4.047   0.50 1.55  ? 26 CYS A HA   2 
ATOM 929  H HB2  . CYS A 1 26 ? -4.739  -2.413  6.070   0.50 1.55  ? 26 CYS A HB2  2 
ATOM 930  H HB3  . CYS A 1 26 ? -4.421  -0.799  6.698   0.50 1.55  ? 26 CYS A HB3  2 
ATOM 931  N N    . VAL A 1 27 ? -1.469  0.249   4.366   1.00 0.62  ? 27 VAL A N    2 
ATOM 932  C CA   . VAL A 1 27 ? -0.937  1.640   4.287   1.00 0.62  ? 27 VAL A CA   2 
ATOM 933  C C    . VAL A 1 27 ? -0.823  2.080   2.830   1.00 0.62  ? 27 VAL A C    2 
ATOM 934  O O    . VAL A 1 27 ? -0.129  1.473   2.044   1.00 0.62  ? 27 VAL A O    2 
ATOM 935  C CB   . VAL A 1 27 ? 0.435   1.600   4.967   1.00 0.62  ? 27 VAL A CB   2 
ATOM 936  C CG1  . VAL A 1 27 ? 0.840   3.025   5.321   1.00 0.62  ? 27 VAL A CG1  2 
ATOM 937  C CG2  . VAL A 1 27 ? 0.374   0.774   6.262   1.00 0.62  ? 27 VAL A CG2  2 
ATOM 938  H H    . VAL A 1 27 ? -0.941  -0.516  3.999   1.00 0.62  ? 27 VAL A H    2 
ATOM 939  H HA   . VAL A 1 27 ? -1.583  2.314   4.826   1.00 0.62  ? 27 VAL A HA   2 
ATOM 940  H HB   . VAL A 1 27 ? 1.158   1.166   4.291   1.00 0.62  ? 27 VAL A HB   2 
ATOM 941  H HG11 . VAL A 1 27 ? 0.432   3.704   4.588   1.00 0.62  ? 27 VAL A HG11 2 
ATOM 942  H HG12 . VAL A 1 27 ? 0.450   3.276   6.297   1.00 0.62  ? 27 VAL A HG12 2 
ATOM 943  H HG13 . VAL A 1 27 ? 1.914   3.101   5.329   1.00 0.62  ? 27 VAL A HG13 2 
ATOM 944  H HG21 . VAL A 1 27 ? -0.491  1.069   6.837   1.00 0.62  ? 27 VAL A HG21 2 
ATOM 945  H HG22 . VAL A 1 27 ? 0.297   -0.274  6.014   1.00 0.62  ? 27 VAL A HG22 2 
ATOM 946  H HG23 . VAL A 1 27 ? 1.268   0.942   6.844   1.00 0.62  ? 27 VAL A HG23 2 
ATOM 947  N N    . CYS A 1 28 ? -1.525  3.123   2.461   1.00 0.34  ? 28 CYS A N    2 
ATOM 948  C CA   . CYS A 1 28 ? -1.477  3.586   1.043   1.00 0.34  ? 28 CYS A CA   2 
ATOM 949  C C    . CYS A 1 28 ? -0.894  4.985   0.929   1.00 0.34  ? 28 CYS A C    2 
ATOM 950  O O    . CYS A 1 28 ? -0.947  5.775   1.853   1.00 0.34  ? 28 CYS A O    2 
ATOM 951  C CB   . CYS A 1 28 ? -2.931  3.617   0.588   1.00 0.34  ? 28 CYS A CB   2 
ATOM 952  S SG   . CYS A 1 28 ? -3.739  2.056   0.983   1.00 0.34  ? 28 CYS A SG   2 
ATOM 953  H H    . CYS A 1 28 ? -2.097  3.587   3.110   1.00 0.34  ? 28 CYS A H    2 
ATOM 954  H HA   . CYS A 1 28 ? -0.907  2.895   0.441   1.00 0.34  ? 28 CYS A HA   2 
ATOM 955  H HB2  . CYS A 1 28 ? -3.443  4.412   1.099   1.00 0.34  ? 28 CYS A HB2  2 
ATOM 956  H HB3  . CYS A 1 28 ? -2.970  3.787   -0.481  1.00 0.34  ? 28 CYS A HB3  2 
ATOM 957  N N    . TYR A 1 29 ? -0.347  5.289   -0.216  1.00 0.43  ? 29 TYR A N    2 
ATOM 958  C CA   . TYR A 1 29 ? 0.238   6.629   -0.437  1.00 0.43  ? 29 TYR A CA   2 
ATOM 959  C C    . TYR A 1 29 ? 0.185   6.972   -1.913  1.00 0.43  ? 29 TYR A C    2 
ATOM 960  O O    . TYR A 1 29 ? -0.137  6.135   -2.729  1.00 0.43  ? 29 TYR A O    2 
ATOM 961  C CB   . TYR A 1 29 ? 1.685   6.515   -0.076  1.00 0.43  ? 29 TYR A CB   2 
ATOM 962  C CG   . TYR A 1 29 ? 1.884   6.167   1.349   1.00 0.43  ? 29 TYR A CG   2 
ATOM 963  C CD1  . TYR A 1 29 ? 1.921   4.814   1.724   1.00 0.43  ? 29 TYR A CD1  2 
ATOM 964  C CD2  . TYR A 1 29 ? 2.137   7.188   2.292   1.00 0.43  ? 29 TYR A CD2  2 
ATOM 965  C CE1  . TYR A 1 29 ? 2.210   4.464   3.058   1.00 0.43  ? 29 TYR A CE1  2 
ATOM 966  C CE2  . TYR A 1 29 ? 2.413   6.853   3.637   1.00 0.43  ? 29 TYR A CE2  2 
ATOM 967  C CZ   . TYR A 1 29 ? 2.454   5.486   4.027   1.00 0.43  ? 29 TYR A CZ   2 
ATOM 968  O OH   . TYR A 1 29 ? 2.741   5.153   5.335   1.00 0.43  ? 29 TYR A OH   2 
ATOM 969  H H    . TYR A 1 29 ? -0.330  4.628   -0.943  1.00 0.43  ? 29 TYR A H    2 
ATOM 970  H HA   . TYR A 1 29 ? -0.242  7.365   0.171   1.00 0.43  ? 29 TYR A HA   2 
ATOM 971  H HB2  . TYR A 1 29 ? 2.138   5.751   -0.679  1.00 0.43  ? 29 TYR A HB2  2 
ATOM 972  H HB3  . TYR A 1 29 ? 2.154   7.454   -0.271  1.00 0.43  ? 29 TYR A HB3  2 
ATOM 973  H HD1  . TYR A 1 29 ? 1.704   4.046   0.987   1.00 0.43  ? 29 TYR A HD1  2 
ATOM 974  H HD2  . TYR A 1 29 ? 2.108   8.222   1.983   1.00 0.43  ? 29 TYR A HD2  2 
ATOM 975  H HE1  . TYR A 1 29 ? 2.247   3.431   3.333   1.00 0.43  ? 29 TYR A HE1  2 
ATOM 976  H HE2  . TYR A 1 29 ? 2.602   7.633   4.354   1.00 0.43  ? 29 TYR A HE2  2 
ATOM 977  H HH   . TYR A 1 29 ? 1.978   5.377   5.873   1.00 0.43  ? 29 TYR A HH   2 
ATOM 978  N N    . ASP A 1 30 ? 0.548   8.177   -2.266  1.00 0.82  ? 30 ASP A N    2 
ATOM 979  C CA   . ASP A 1 30 ? 0.556   8.554   -3.701  1.00 0.82  ? 30 ASP A CA   2 
ATOM 980  C C    . ASP A 1 30 ? 1.817   8.025   -4.396  1.00 0.82  ? 30 ASP A C    2 
ATOM 981  O O    . ASP A 1 30 ? 1.765   7.591   -5.532  1.00 0.82  ? 30 ASP A O    2 
ATOM 982  C CB   . ASP A 1 30 ? 0.483   10.080  -3.712  1.00 0.82  ? 30 ASP A CB   2 
ATOM 983  C CG   . ASP A 1 30 ? 1.800   10.696  -3.220  1.00 0.82  ? 30 ASP A CG   2 
ATOM 984  O OD1  . ASP A 1 30 ? 1.980   10.777  -2.016  1.00 0.82  ? 30 ASP A OD1  2 
ATOM 985  O OD2  . ASP A 1 30 ? 2.601   11.077  -4.057  1.00 0.82  ? 30 ASP A OD2  2 
ATOM 986  H H    . ASP A 1 30 ? 0.840   8.827   -1.589  1.00 0.82  ? 30 ASP A H    2 
ATOM 987  H HA   . ASP A 1 30 ? -0.308  8.156   -4.183  1.00 0.82  ? 30 ASP A HA   2 
ATOM 988  H HB2  . ASP A 1 30 ? 0.278   10.407  -4.717  1.00 0.82  ? 30 ASP A HB2  2 
ATOM 989  H HB3  . ASP A 1 30 ? -0.318  10.395  -3.060  1.00 0.82  ? 30 ASP A HB3  2 
ATOM 990  N N    . SER A 1 31 ? 2.937   8.031   -3.716  1.00 1.01  ? 31 SER A N    2 
ATOM 991  C CA   . SER A 1 31 ? 4.188   7.498   -4.337  1.00 1.01  ? 31 SER A CA   2 
ATOM 992  C C    . SER A 1 31 ? 4.162   5.976   -4.226  1.00 1.01  ? 31 SER A C    2 
ATOM 993  O O    . SER A 1 31 ? 4.349   5.460   -3.145  1.00 1.01  ? 31 SER A O    2 
ATOM 994  C CB   . SER A 1 31 ? 5.337   8.089   -3.529  1.00 1.01  ? 31 SER A CB   2 
ATOM 995  O OG   . SER A 1 31 ? 5.052   9.450   -3.225  1.00 1.01  ? 31 SER A OG   2 
ATOM 996  H H    . SER A 1 31 ? 2.945   8.347   -2.778  1.00 1.01  ? 31 SER A H    2 
ATOM 997  H HA   . SER A 1 31 ? 4.283   7.805   -5.355  1.00 1.01  ? 31 SER A HA   2 
ATOM 998  H HB2  . SER A 1 31 ? 5.457   7.534   -2.629  1.00 1.01  ? 31 SER A HB2  2 
ATOM 999  H HB3  . SER A 1 31 ? 6.254   8.034   -4.115  1.00 1.01  ? 31 SER A HB3  2 
ATOM 1000 H HG   . SER A 1 31 ? 4.527   9.471   -2.423  1.00 1.01  ? 31 SER A HG   2 
ATOM 1001 N N    . LYS A 1 32 ? 3.927   5.233   -5.307  1.00 1.00  ? 32 LYS A N    2 
ATOM 1002 C CA   . LYS A 1 32 ? 3.909   3.722   -5.193  1.00 1.00  ? 32 LYS A CA   2 
ATOM 1003 C C    . LYS A 1 32 ? 5.172   3.287   -4.406  1.00 1.00  ? 32 LYS A C    2 
ATOM 1004 O O    . LYS A 1 32 ? 5.171   2.328   -3.666  1.00 1.00  ? 32 LYS A O    2 
ATOM 1005 C CB   . LYS A 1 32 ? 3.880   3.190   -6.661  1.00 1.00  ? 32 LYS A CB   2 
ATOM 1006 C CG   . LYS A 1 32 ? 5.264   3.262   -7.336  1.00 1.00  ? 32 LYS A CG   2 
ATOM 1007 C CD   . LYS A 1 32 ? 5.239   2.432   -8.635  1.00 1.00  ? 32 LYS A CD   2 
ATOM 1008 C CE   . LYS A 1 32 ? 4.678   3.297   -9.780  1.00 1.00  ? 32 LYS A CE   2 
ATOM 1009 N NZ   . LYS A 1 32 ? 4.621   2.383   -10.954 1.00 1.00  ? 32 LYS A NZ   2 
ATOM 1010 H H    . LYS A 1 32 ? 3.767   5.661   -6.176  1.00 1.00  ? 32 LYS A H    2 
ATOM 1011 H HA   . LYS A 1 32 ? 3.005   3.396   -4.654  1.00 1.00  ? 32 LYS A HA   2 
ATOM 1012 H HB2  . LYS A 1 32 ? 3.537   2.158   -6.673  1.00 1.00  ? 32 LYS A HB2  2 
ATOM 1013 H HB3  . LYS A 1 32 ? 3.186   3.796   -7.234  1.00 1.00  ? 32 LYS A HB3  2 
ATOM 1014 H HG2  . LYS A 1 32 ? 5.495   4.288   -7.576  1.00 1.00  ? 32 LYS A HG2  2 
ATOM 1015 H HG3  . LYS A 1 32 ? 6.014   2.869   -6.665  1.00 1.00  ? 32 LYS A HG3  2 
ATOM 1016 H HD2  . LYS A 1 32 ? 6.247   2.106   -8.885  1.00 1.00  ? 32 LYS A HD2  2 
ATOM 1017 H HD3  . LYS A 1 32 ? 4.608   1.560   -8.501  1.00 1.00  ? 32 LYS A HD3  2 
ATOM 1018 H HE2  . LYS A 1 32 ? 3.686   3.658   -9.533  1.00 1.00  ? 32 LYS A HE2  2 
ATOM 1019 H HE3  . LYS A 1 32 ? 5.337   4.130   -9.992  1.00 1.00  ? 32 LYS A HE3  2 
ATOM 1020 H HZ1  . LYS A 1 32 ? 5.525   1.878   -11.046 1.00 1.00  ? 32 LYS A HZ1  2 
ATOM 1021 H HZ2  . LYS A 1 32 ? 3.855   1.694   -10.818 1.00 1.00  ? 32 LYS A HZ2  2 
ATOM 1022 H HZ3  . LYS A 1 32 ? 4.443   2.937   -11.816 1.00 1.00  ? 32 LYS A HZ3  2 
ATOM 1023 N N    . ALA A 1 33 ? 6.233   4.053   -4.534  1.00 1.88  ? 33 ALA A N    2 
ATOM 1024 C CA   . ALA A 1 33 ? 7.466   3.786   -3.765  1.00 1.88  ? 33 ALA A CA   2 
ATOM 1025 C C    . ALA A 1 33 ? 7.190   3.931   -2.265  1.00 1.88  ? 33 ALA A C    2 
ATOM 1026 O O    . ALA A 1 33 ? 7.590   3.094   -1.498  1.00 1.88  ? 33 ALA A O    2 
ATOM 1027 C CB   . ALA A 1 33 ? 8.466   4.854   -4.212  1.00 1.88  ? 33 ALA A CB   2 
ATOM 1028 H H    . ALA A 1 33 ? 6.200   4.838   -5.103  1.00 1.88  ? 33 ALA A H    2 
ATOM 1029 H HA   . ALA A 1 33 ? 7.836   2.794   -3.987  1.00 1.88  ? 33 ALA A HA   2 
ATOM 1030 H HB1  . ALA A 1 33 ? 8.545   4.853   -5.290  1.00 1.88  ? 33 ALA A HB1  2 
ATOM 1031 H HB2  . ALA A 1 33 ? 8.118   5.824   -3.879  1.00 1.88  ? 33 ALA A HB2  2 
ATOM 1032 H HB3  . ALA A 1 33 ? 9.435   4.653   -3.778  1.00 1.88  ? 33 ALA A HB3  2 
ATOM 1033 N N    . ILE A 1 34 ? 6.515   4.993   -1.827  1.00 1.01  ? 34 ILE A N    2 
ATOM 1034 C CA   . ILE A 1 34 ? 6.244   5.146   -0.374  1.00 1.01  ? 34 ILE A CA   2 
ATOM 1035 C C    . ILE A 1 34 ? 5.434   3.960   0.123   1.00 1.01  ? 34 ILE A C    2 
ATOM 1036 O O    . ILE A 1 34 ? 5.539   3.543   1.257   1.00 1.01  ? 34 ILE A O    2 
ATOM 1037 C CB   . ILE A 1 34 ? 5.499   6.460   -0.265  1.00 1.01  ? 34 ILE A CB   2 
ATOM 1038 C CG1  . ILE A 1 34 ? 6.509   7.596   -0.422  1.00 1.01  ? 34 ILE A CG1  2 
ATOM 1039 C CG2  . ILE A 1 34 ? 4.830   6.592   1.114   1.00 1.01  ? 34 ILE A CG2  2 
ATOM 1040 C CD1  . ILE A 1 34 ? 5.795   8.924   -0.206  1.00 1.01  ? 34 ILE A CD1  2 
ATOM 1041 H H    . ILE A 1 34 ? 6.169   5.679   -2.445  1.00 1.01  ? 34 ILE A H    2 
ATOM 1042 H HA   . ILE A 1 34 ? 7.155   5.210   0.152   1.00 1.01  ? 34 ILE A HA   2 
ATOM 1043 H HB   . ILE A 1 34 ? 4.767   6.513   -1.069  1.00 1.01  ? 34 ILE A HB   2 
ATOM 1044 H HG12 . ILE A 1 34 ? 7.294   7.482   0.314   1.00 1.01  ? 34 ILE A HG12 2 
ATOM 1045 H HG13 . ILE A 1 34 ? 6.939   7.570   -1.410  1.00 1.01  ? 34 ILE A HG13 2 
ATOM 1046 H HG21 . ILE A 1 34 ? 4.247   5.715   1.327   1.00 1.01  ? 34 ILE A HG21 2 
ATOM 1047 H HG22 . ILE A 1 34 ? 5.592   6.707   1.870   1.00 1.01  ? 34 ILE A HG22 2 
ATOM 1048 H HG23 . ILE A 1 34 ? 4.198   7.462   1.109   1.00 1.01  ? 34 ILE A HG23 2 
ATOM 1049 H HD11 . ILE A 1 34 ? 4.777   8.836   -0.558  1.00 1.01  ? 34 ILE A HD11 2 
ATOM 1050 H HD12 . ILE A 1 34 ? 5.788   9.146   0.851   1.00 1.01  ? 34 ILE A HD12 2 
ATOM 1051 H HD13 . ILE A 1 34 ? 6.304   9.702   -0.743  1.00 1.01  ? 34 ILE A HD13 2 
ATOM 1052 N N    . CYS A 1 35 ? 4.634   3.419   -0.735  1.00 0.83  ? 35 CYS A N    2 
ATOM 1053 C CA   . CYS A 1 35 ? 3.810   2.234   -0.341  1.00 0.83  ? 35 CYS A CA   2 
ATOM 1054 C C    . CYS A 1 35 ? 4.770   1.102   0.015   1.00 0.83  ? 35 CYS A C    2 
ATOM 1055 O O    . CYS A 1 35 ? 4.812   0.678   1.131   1.00 0.83  ? 35 CYS A O    2 
ATOM 1056 C CB   . CYS A 1 35 ? 2.925   1.878   -1.541  1.00 0.83  ? 35 CYS A CB   2 
ATOM 1057 S SG   . CYS A 1 35 ? 2.366   0.166   -1.390  1.00 0.83  ? 35 CYS A SG   2 
ATOM 1058 H H    . CYS A 1 35 ? 4.592   3.797   -1.633  1.00 0.83  ? 35 CYS A H    2 
ATOM 1059 H HA   . CYS A 1 35 ? 3.195   2.480   0.517   1.00 0.83  ? 35 CYS A HA   2 
ATOM 1060 H HB2  . CYS A 1 35 ? 2.061   2.535   -1.560  1.00 0.83  ? 35 CYS A HB2  2 
ATOM 1061 H HB3  . CYS A 1 35 ? 3.483   1.984   -2.457  1.00 0.83  ? 35 CYS A HB3  2 
ATOM 1062 N N    . ASN A 1 36 ? 5.584   0.645   -0.898  1.00 2.51  ? 36 ASN A N    2 
ATOM 1063 C CA   . ASN A 1 36 ? 6.573   -0.430  -0.524  1.00 2.51  ? 36 ASN A CA   2 
ATOM 1064 C C    . ASN A 1 36 ? 7.449   0.036   0.673   1.00 2.51  ? 36 ASN A C    2 
ATOM 1065 O O    . ASN A 1 36 ? 7.627   -0.670  1.645   1.00 2.51  ? 36 ASN A O    2 
ATOM 1066 C CB   . ASN A 1 36 ? 7.442   -0.636  -1.784  1.00 2.51  ? 36 ASN A CB   2 
ATOM 1067 C CG   . ASN A 1 36 ? 8.514   -1.689  -1.507  1.00 2.51  ? 36 ASN A CG   2 
ATOM 1068 O OD1  . ASN A 1 36 ? 9.604   -1.369  -1.078  1.00 2.51  ? 36 ASN A OD1  2 
ATOM 1069 N ND2  . ASN A 1 36 ? 8.247   -2.941  -1.739  1.00 2.51  ? 36 ASN A ND2  2 
ATOM 1070 H H    . ASN A 1 36 ? 5.574   1.026   -1.815  1.00 2.51  ? 36 ASN A H    2 
ATOM 1071 H HA   . ASN A 1 36 ? 6.063   -1.350  -0.265  1.00 2.51  ? 36 ASN A HA   2 
ATOM 1072 H HB2  . ASN A 1 36 ? 6.822   -0.974  -2.604  1.00 2.51  ? 36 ASN A HB2  2 
ATOM 1073 H HB3  . ASN A 1 36 ? 7.922   0.301   -2.057  1.00 2.51  ? 36 ASN A HB3  2 
ATOM 1074 H HD21 . ASN A 1 36 ? 7.367   -3.196  -2.087  1.00 2.51  ? 36 ASN A HD21 2 
ATOM 1075 H HD22 . ASN A 1 36 ? 8.924   -3.629  -1.565  1.00 2.51  ? 36 ASN A HD22 2 
ATOM 1076 N N    . LYS A 1 37 ? 8.023   1.200   0.557   1.00 2.56  ? 37 LYS A N    2 
ATOM 1077 C CA   . LYS A 1 37 ? 8.939   1.762   1.608   1.00 2.56  ? 37 LYS A CA   2 
ATOM 1078 C C    . LYS A 1 37 ? 8.285   2.085   2.979   1.00 2.56  ? 37 LYS A C    2 
ATOM 1079 O O    . LYS A 1 37 ? 8.431   1.352   3.936   1.00 2.56  ? 37 LYS A O    2 
ATOM 1080 C CB   . LYS A 1 37 ? 9.509   3.034   0.957   1.00 2.56  ? 37 LYS A CB   2 
ATOM 1081 C CG   . LYS A 1 37 ? 10.760  3.520   1.712   1.00 2.56  ? 37 LYS A CG   2 
ATOM 1082 C CD   . LYS A 1 37 ? 10.352  4.224   3.010   1.00 2.56  ? 37 LYS A CD   2 
ATOM 1083 C CE   . LYS A 1 37 ? 11.377  5.307   3.370   1.00 2.56  ? 37 LYS A CE   2 
ATOM 1084 N NZ   . LYS A 1 37 ? 12.296  4.656   4.343   1.00 2.56  ? 37 LYS A NZ   2 
ATOM 1085 H H    . LYS A 1 37 ? 7.871   1.717   -0.257  1.00 2.56  ? 37 LYS A H    2 
ATOM 1086 H HA   . LYS A 1 37 ? 9.745   1.069   1.758   1.00 2.56  ? 37 LYS A HA   2 
ATOM 1087 H HB2  . LYS A 1 37 ? 9.774   2.814   -0.067  1.00 2.56  ? 37 LYS A HB2  2 
ATOM 1088 H HB3  . LYS A 1 37 ? 8.756   3.808   0.966   1.00 2.56  ? 37 LYS A HB3  2 
ATOM 1089 H HG2  . LYS A 1 37 ? 11.386  2.672   1.947   1.00 2.56  ? 37 LYS A HG2  2 
ATOM 1090 H HG3  . LYS A 1 37 ? 11.309  4.209   1.089   1.00 2.56  ? 37 LYS A HG3  2 
ATOM 1091 H HD2  . LYS A 1 37 ? 9.389   4.679   2.876   1.00 2.56  ? 37 LYS A HD2  2 
ATOM 1092 H HD3  . LYS A 1 37 ? 10.297  3.503   3.811   1.00 2.56  ? 37 LYS A HD3  2 
ATOM 1093 H HE2  . LYS A 1 37 ? 11.919  5.626   2.488   1.00 2.56  ? 37 LYS A HE2  2 
ATOM 1094 H HE3  . LYS A 1 37 ? 10.887  6.151   3.834   1.00 2.56  ? 37 LYS A HE3  2 
ATOM 1095 H HZ1  . LYS A 1 37 ? 12.718  3.812   3.910   1.00 2.56  ? 37 LYS A HZ1  2 
ATOM 1096 H HZ2  . LYS A 1 37 ? 13.050  5.321   4.606   1.00 2.56  ? 37 LYS A HZ2  2 
ATOM 1097 H HZ3  . LYS A 1 37 ? 11.762  4.382   5.193   1.00 2.56  ? 37 LYS A HZ3  2 
ATOM 1098 N N    . ASN A 1 38 ? 7.639   3.228   3.084   1.00 1.40  ? 38 ASN A N    2 
ATOM 1099 C CA   . ASN A 1 38 ? 7.050   3.705   4.365   1.00 1.40  ? 38 ASN A CA   2 
ATOM 1100 C C    . ASN A 1 38 ? 5.972   2.812   4.940   1.00 1.40  ? 38 ASN A C    2 
ATOM 1101 O O    . ASN A 1 38 ? 5.653   2.887   6.114   1.00 1.40  ? 38 ASN A O    2 
ATOM 1102 C CB   . ASN A 1 38 ? 6.455   5.034   3.968   1.00 1.40  ? 38 ASN A CB   2 
ATOM 1103 C CG   . ASN A 1 38 ? 7.542   6.098   3.888   1.00 1.40  ? 38 ASN A CG   2 
ATOM 1104 O OD1  . ASN A 1 38 ? 8.005   6.600   4.893   1.00 1.40  ? 38 ASN A OD1  2 
ATOM 1105 N ND2  . ASN A 1 38 ? 7.994   6.439   2.717   1.00 1.40  ? 38 ASN A ND2  2 
ATOM 1106 H H    . ASN A 1 38 ? 7.571   3.820   2.313   1.00 1.40  ? 38 ASN A H    2 
ATOM 1107 H HA   . ASN A 1 38 ? 7.802   3.867   5.073   1.00 1.40  ? 38 ASN A HA   2 
ATOM 1108 H HB2  . ASN A 1 38 ? 6.018   4.920   2.982   1.00 1.40  ? 38 ASN A HB2  2 
ATOM 1109 H HB3  . ASN A 1 38 ? 5.711   5.316   4.680   1.00 1.40  ? 38 ASN A HB3  2 
ATOM 1110 H HD21 . ASN A 1 38 ? 7.637   6.000   1.915   1.00 1.40  ? 38 ASN A HD21 2 
ATOM 1111 H HD22 . ASN A 1 38 ? 8.684   7.131   2.637   1.00 1.40  ? 38 ASN A HD22 2 
ATOM 1112 N N    . CYS A 1 39 ? 5.372   2.036   4.123   1.00 1.16  ? 39 CYS A N    2 
ATOM 1113 C CA   . CYS A 1 39 ? 4.231   1.179   4.611   1.00 1.16  ? 39 CYS A CA   2 
ATOM 1114 C C    . CYS A 1 39 ? 4.498   0.366   5.873   1.00 1.16  ? 39 CYS A C    2 
ATOM 1115 O O    . CYS A 1 39 ? 3.672   0.322   6.769   1.00 1.16  ? 39 CYS A O    2 
ATOM 1116 C CB   . CYS A 1 39 ? 3.963   0.206   3.513   1.00 1.16  ? 39 CYS A CB   2 
ATOM 1117 S SG   . CYS A 1 39 ? 3.034   1.062   2.255   1.00 1.16  ? 39 CYS A SG   2 
ATOM 1118 H H    . CYS A 1 39 ? 5.633   2.061   3.157   1.00 1.16  ? 39 CYS A H    2 
ATOM 1119 H HA   . CYS A 1 39 ? 3.360   1.786   4.747   1.00 1.16  ? 39 CYS A HA   2 
ATOM 1120 H HB2  . CYS A 1 39 ? 4.888   -0.173  3.110   1.00 1.16  ? 39 CYS A HB2  2 
ATOM 1121 H HB3  . CYS A 1 39 ? 3.370   -0.615  3.895   1.00 1.16  ? 39 CYS A HB3  2 
ATOM 1122 N N    . THR A 1 40 ? 5.591   -0.328  5.925   1.00 2.49  ? 40 THR A N    2 
ATOM 1123 C CA   . THR A 1 40 ? 5.848   -1.210  7.115   1.00 2.49  ? 40 THR A CA   2 
ATOM 1124 C C    . THR A 1 40 ? 6.207   -0.358  8.337   1.00 2.49  ? 40 THR A C    2 
ATOM 1125 O O    . THR A 1 40 ? 6.789   0.697   8.149   1.00 2.49  ? 40 THR A O    2 
ATOM 1126 C CB   . THR A 1 40 ? 7.030   -2.106  6.714   1.00 2.49  ? 40 THR A CB   2 
ATOM 1127 O OG1  . THR A 1 40 ? 8.015   -1.315  6.065   1.00 2.49  ? 40 THR A OG1  2 
ATOM 1128 C CG2  . THR A 1 40 ? 6.556   -3.223  5.763   1.00 2.49  ? 40 THR A CG2  2 
ATOM 1129 O OXT  . THR A 1 40 ? 5.889   -0.777  9.438   1.00 2.49  ? 40 THR A OXT  2 
ATOM 1130 H H    . THR A 1 40 ? 6.221   -0.295  5.170   1.00 2.49  ? 40 THR A H    2 
ATOM 1131 H HA   . THR A 1 40 ? 4.962   -1.830  7.322   1.00 2.49  ? 40 THR A HA   2 
ATOM 1132 H HB   . THR A 1 40 ? 7.460   -2.552  7.606   1.00 2.49  ? 40 THR A HB   2 
ATOM 1133 H HG1  . THR A 1 40 ? 8.806   -1.849  5.964   1.00 2.49  ? 40 THR A HG1  2 
ATOM 1134 H HG21 . THR A 1 40 ? 5.642   -2.923  5.266   1.00 2.49  ? 40 THR A HG21 2 
ATOM 1135 H HG22 . THR A 1 40 ? 7.319   -3.414  5.020   1.00 2.49  ? 40 THR A HG22 2 
ATOM 1136 H HG23 . THR A 1 40 ? 6.373   -4.130  6.325   1.00 2.49  ? 40 THR A HG23 2 
# 
